data_9EIS
#
_entry.id   9EIS
#
_cell.length_a   104.159
_cell.length_b   117.400
_cell.length_c   140.740
_cell.angle_alpha   90.00
_cell.angle_beta   90.00
_cell.angle_gamma   90.00
#
_symmetry.space_group_name_H-M   'P 21 21 21'
#
loop_
_entity.id
_entity.type
_entity.pdbx_description
1 polymer '2-oxoglutarate-dependent ethylene/succinate-forming enzyme'
2 non-polymer '2-OXOGLUTARIC ACID'
3 non-polymer 'MANGANESE (II) ION'
4 non-polymer 'CHLORIDE ION'
5 non-polymer 1,2-ETHANEDIOL
6 water water
#
_entity_poly.entity_id   1
_entity_poly.type   'polypeptide(L)'
_entity_poly.pdbx_seq_one_letter_code
;MFSHRSVSIALRPPGLCHITFRQAYPILLTRQQTKSLTTTTAPSNLGSTMPPNYVARVGQLKTFTLPETATGSPSDVELG
KAMINAWREDGILQVSMSPRQQALFENASAASKRFFAMPPNQKAACVDTQSYAGYIASGEEITDGIADYSEIFTVTKDLP
LDEPRVEAKWPCHGPCPWPDVDMRTPIQQYMDSLGKSGETLLQMIEYGLSLHPDTLTSLTKDGWHHLRILRFPQNNKTNG
RGKKGRGIGSHTDYGLLVIAAQDEVGGLFIRPPADDEKLENWKNSAAGFREDDERWVYVPPVPGVFTVFPGDIMQFMTNS
YLPSTPHKVGLNTRERFAFAYFHEPSFQAVVSPVAKLYDGQPPVEKIHYGTHFTNMFMRNYPDRITTERIIKEDRLQLLD
RPELRTQ
;
_entity_poly.pdbx_strand_id   A,B,C,D
#
# COMPACT_ATOMS: atom_id res chain seq x y z
N LEU A 46 -4.59 -19.73 -27.64
CA LEU A 46 -3.97 -18.75 -26.73
C LEU A 46 -3.45 -17.58 -27.56
N GLY A 47 -2.22 -17.69 -28.04
CA GLY A 47 -1.64 -16.65 -28.91
C GLY A 47 -0.22 -16.34 -28.51
N SER A 48 0.05 -16.17 -27.22
CA SER A 48 1.39 -15.77 -26.74
C SER A 48 1.89 -14.57 -27.54
N THR A 49 1.11 -13.49 -27.54
CA THR A 49 1.56 -12.23 -28.18
C THR A 49 2.31 -11.49 -27.08
N MET A 50 2.49 -12.14 -25.94
CA MET A 50 3.19 -11.53 -24.80
C MET A 50 4.63 -11.26 -25.18
N PRO A 51 5.14 -10.03 -24.99
CA PRO A 51 6.53 -9.71 -25.24
C PRO A 51 7.47 -10.75 -24.61
N PRO A 52 8.64 -10.99 -25.21
CA PRO A 52 9.58 -11.98 -24.70
C PRO A 52 10.18 -11.68 -23.33
N ASN A 53 10.56 -12.72 -22.58
CA ASN A 53 11.27 -12.52 -21.31
C ASN A 53 10.43 -11.68 -20.35
N TYR A 54 9.23 -12.17 -20.07
CA TYR A 54 8.28 -11.44 -19.24
C TYR A 54 7.32 -12.43 -18.59
N VAL A 55 7.34 -12.50 -17.27
CA VAL A 55 6.51 -13.42 -16.50
C VAL A 55 5.25 -12.67 -16.07
N ALA A 56 4.09 -13.17 -16.49
CA ALA A 56 2.83 -12.54 -16.16
C ALA A 56 1.69 -13.51 -16.46
N ARG A 57 0.54 -13.24 -15.86
CA ARG A 57 -0.67 -14.02 -16.10
C ARG A 57 -1.46 -13.40 -17.25
N VAL A 58 -1.84 -14.21 -18.23
CA VAL A 58 -2.66 -13.70 -19.37
C VAL A 58 -4.02 -13.29 -18.82
N GLY A 59 -4.45 -12.06 -19.13
CA GLY A 59 -5.69 -11.56 -18.54
C GLY A 59 -6.93 -11.78 -19.37
N GLN A 60 -8.00 -12.21 -18.71
CA GLN A 60 -9.31 -12.39 -19.36
C GLN A 60 -10.15 -11.17 -18.97
N LEU A 61 -10.34 -10.24 -19.91
CA LEU A 61 -11.01 -8.96 -19.58
C LEU A 61 -12.48 -8.97 -19.98
N LYS A 62 -13.26 -8.08 -19.37
CA LYS A 62 -14.70 -7.98 -19.68
C LYS A 62 -14.93 -6.83 -20.65
N THR A 63 -15.50 -7.13 -21.82
CA THR A 63 -15.85 -6.09 -22.82
C THR A 63 -17.24 -5.60 -22.51
N PHE A 64 -17.50 -4.32 -22.71
CA PHE A 64 -18.83 -3.73 -22.45
C PHE A 64 -19.18 -2.90 -23.67
N THR A 65 -20.47 -2.67 -23.88
CA THR A 65 -20.93 -1.83 -25.01
C THR A 65 -21.54 -0.57 -24.42
N LEU A 66 -20.96 0.59 -24.70
CA LEU A 66 -21.44 1.84 -24.07
C LEU A 66 -22.59 2.42 -24.85
N PRO A 67 -23.59 3.03 -24.19
CA PRO A 67 -24.64 3.71 -24.92
C PRO A 67 -24.02 4.96 -25.57
N GLU A 68 -24.71 5.47 -26.59
CA GLU A 68 -24.30 6.74 -27.21
C GLU A 68 -24.84 7.85 -26.33
N THR A 69 -26.04 7.62 -25.81
CA THR A 69 -26.68 8.63 -24.94
C THR A 69 -27.01 7.99 -23.58
N ALA A 70 -26.23 8.29 -22.55
CA ALA A 70 -26.52 7.81 -21.18
C ALA A 70 -27.57 8.70 -20.55
N THR A 71 -28.65 8.12 -20.01
CA THR A 71 -29.79 8.93 -19.51
C THR A 71 -30.05 8.70 -18.03
N GLY A 72 -29.51 7.63 -17.46
CA GLY A 72 -29.83 7.27 -16.09
C GLY A 72 -30.86 6.17 -15.97
N SER A 73 -31.17 5.48 -17.09
CA SER A 73 -32.13 4.40 -17.09
C SER A 73 -31.64 3.26 -16.19
N PRO A 74 -32.56 2.38 -15.77
CA PRO A 74 -32.12 1.22 -14.99
C PRO A 74 -31.04 0.40 -15.67
N SER A 75 -31.01 0.40 -17.01
CA SER A 75 -29.96 -0.31 -17.74
C SER A 75 -28.61 0.37 -17.59
N ASP A 76 -28.60 1.71 -17.60
CA ASP A 76 -27.34 2.44 -17.46
C ASP A 76 -26.79 2.27 -16.05
N VAL A 77 -27.67 2.26 -15.05
CA VAL A 77 -27.24 2.07 -13.66
C VAL A 77 -26.65 0.67 -13.48
N GLU A 78 -27.28 -0.34 -14.09
CA GLU A 78 -26.75 -1.69 -14.00
C GLU A 78 -25.41 -1.81 -14.71
N LEU A 79 -25.32 -1.26 -15.92
CA LEU A 79 -24.06 -1.29 -16.66
C LEU A 79 -22.96 -0.60 -15.87
N GLY A 80 -23.25 0.55 -15.27
CA GLY A 80 -22.24 1.25 -14.50
C GLY A 80 -21.75 0.44 -13.32
N LYS A 81 -22.68 -0.17 -12.57
CA LYS A 81 -22.29 -0.96 -11.41
C LYS A 81 -21.48 -2.20 -11.83
N ALA A 82 -21.77 -2.76 -13.01
CA ALA A 82 -20.99 -3.91 -13.47
C ALA A 82 -19.59 -3.47 -13.89
N MET A 83 -19.48 -2.28 -14.48
CA MET A 83 -18.18 -1.74 -14.85
C MET A 83 -17.38 -1.36 -13.62
N ILE A 84 -18.05 -0.87 -12.57
CA ILE A 84 -17.36 -0.57 -11.33
C ILE A 84 -16.80 -1.85 -10.73
N ASN A 85 -17.53 -2.96 -10.88
CA ASN A 85 -17.06 -4.25 -10.39
C ASN A 85 -15.86 -4.76 -11.18
N ALA A 86 -15.81 -4.45 -12.48
CA ALA A 86 -14.67 -4.89 -13.28
C ALA A 86 -13.40 -4.14 -12.91
N TRP A 87 -13.52 -2.84 -12.60
CA TRP A 87 -12.33 -2.09 -12.22
C TRP A 87 -11.85 -2.47 -10.82
N ARG A 88 -12.75 -2.96 -9.98
CA ARG A 88 -12.38 -3.36 -8.63
C ARG A 88 -11.87 -4.78 -8.55
N GLU A 89 -12.19 -5.63 -9.54
CA GLU A 89 -11.65 -6.99 -9.59
C GLU A 89 -10.44 -7.10 -10.49
N ASP A 90 -10.46 -6.46 -11.67
CA ASP A 90 -9.38 -6.57 -12.63
C ASP A 90 -8.53 -5.31 -12.77
N GLY A 91 -9.09 -4.13 -12.46
CA GLY A 91 -8.36 -2.89 -12.63
C GLY A 91 -8.41 -2.33 -14.03
N ILE A 92 -8.92 -3.10 -14.99
CA ILE A 92 -9.03 -2.67 -16.38
C ILE A 92 -10.24 -3.37 -16.98
N LEU A 93 -10.82 -2.76 -18.01
CA LEU A 93 -11.92 -3.36 -18.74
C LEU A 93 -11.85 -2.89 -20.19
N GLN A 94 -12.50 -3.64 -21.06
CA GLN A 94 -12.55 -3.31 -22.48
C GLN A 94 -13.93 -2.80 -22.87
N VAL A 95 -13.95 -1.93 -23.87
CA VAL A 95 -15.19 -1.38 -24.41
C VAL A 95 -15.20 -1.61 -25.91
N SER A 96 -16.33 -2.08 -26.43
CA SER A 96 -16.47 -2.34 -27.85
C SER A 96 -16.53 -1.04 -28.65
N MET A 97 -15.92 -1.05 -29.83
CA MET A 97 -15.95 0.10 -30.73
C MET A 97 -17.10 -0.07 -31.72
N SER A 98 -17.88 0.98 -31.91
CA SER A 98 -18.86 0.99 -32.99
C SER A 98 -18.14 1.10 -34.33
N PRO A 99 -18.81 0.72 -35.43
CA PRO A 99 -18.16 0.85 -36.75
C PRO A 99 -17.67 2.26 -37.06
N ARG A 100 -18.38 3.29 -36.64
CA ARG A 100 -17.86 4.65 -36.80
C ARG A 100 -16.60 4.85 -35.95
N GLN A 101 -16.66 4.45 -34.67
CA GLN A 101 -15.49 4.56 -33.80
C GLN A 101 -14.32 3.72 -34.33
N GLN A 102 -14.62 2.55 -34.90
CA GLN A 102 -13.58 1.69 -35.44
C GLN A 102 -12.93 2.28 -36.69
N ALA A 103 -13.64 3.16 -37.40
CA ALA A 103 -13.10 3.75 -38.61
C ALA A 103 -12.26 4.98 -38.30
N LEU A 104 -12.68 5.77 -37.30
CA LEU A 104 -11.85 6.88 -36.84
C LEU A 104 -10.55 6.36 -36.26
N PHE A 105 -10.59 5.21 -35.58
CA PHE A 105 -9.38 4.63 -35.02
C PHE A 105 -8.44 4.15 -36.13
N GLU A 106 -9.00 3.60 -37.20
CA GLU A 106 -8.16 3.13 -38.28
C GLU A 106 -7.56 4.31 -39.04
N ASN A 107 -8.32 5.40 -39.19
CA ASN A 107 -7.78 6.61 -39.77
C ASN A 107 -6.67 7.19 -38.90
N ALA A 108 -6.86 7.17 -37.59
CA ALA A 108 -5.85 7.72 -36.69
C ALA A 108 -4.61 6.83 -36.62
N SER A 109 -4.80 5.52 -36.70
CA SER A 109 -3.66 4.61 -36.64
C SER A 109 -2.77 4.73 -37.89
N ALA A 110 -3.37 5.07 -39.04
CA ALA A 110 -2.60 5.30 -40.24
C ALA A 110 -1.80 6.61 -40.14
N ALA A 111 -2.44 7.66 -39.63
CA ALA A 111 -1.75 8.94 -39.48
C ALA A 111 -0.53 8.85 -38.57
N SER A 112 -0.60 8.00 -37.53
CA SER A 112 0.52 7.86 -36.61
C SER A 112 1.72 7.22 -37.29
N LYS A 113 1.48 6.13 -38.03
CA LYS A 113 2.57 5.48 -38.75
C LYS A 113 3.20 6.43 -39.75
N ARG A 114 2.39 7.36 -40.28
CA ARG A 114 2.90 8.33 -41.28
C ARG A 114 3.81 9.36 -40.59
N PHE A 115 3.44 9.82 -39.39
CA PHE A 115 4.29 10.78 -38.68
C PHE A 115 5.62 10.15 -38.32
N PHE A 116 5.59 8.97 -37.69
CA PHE A 116 6.82 8.31 -37.30
C PHE A 116 7.63 7.87 -38.51
N ALA A 117 7.02 7.85 -39.69
CA ALA A 117 7.71 7.56 -40.95
C ALA A 117 8.42 8.78 -41.52
N MET A 118 8.22 9.97 -40.92
CA MET A 118 8.89 11.20 -41.30
C MET A 118 10.36 11.19 -40.89
N PRO A 119 11.19 12.05 -41.49
CA PRO A 119 12.62 12.05 -41.16
C PRO A 119 12.86 12.43 -39.71
N PRO A 120 13.94 11.93 -39.11
CA PRO A 120 14.25 12.25 -37.70
C PRO A 120 14.29 13.75 -37.37
N ASN A 121 14.43 14.65 -38.36
CA ASN A 121 14.41 16.08 -38.07
C ASN A 121 13.12 16.80 -38.49
N GLN A 122 12.33 16.18 -39.35
CA GLN A 122 11.01 16.77 -39.66
C GLN A 122 10.17 16.54 -38.40
N LYS A 123 10.47 15.47 -37.66
CA LYS A 123 9.76 15.17 -36.42
C LYS A 123 10.22 16.06 -35.28
N ALA A 124 11.54 16.22 -35.12
CA ALA A 124 12.08 17.01 -34.02
C ALA A 124 11.64 18.47 -34.08
N ALA A 125 11.27 18.96 -35.26
CA ALA A 125 10.82 20.34 -35.42
C ALA A 125 9.38 20.56 -34.98
N CYS A 126 8.73 19.54 -34.42
CA CYS A 126 7.34 19.65 -33.97
C CYS A 126 7.32 19.92 -32.48
N VAL A 127 7.66 21.16 -32.13
CA VAL A 127 7.71 21.64 -30.76
C VAL A 127 7.16 23.05 -30.72
N ASP A 128 6.45 23.37 -29.65
CA ASP A 128 5.92 24.70 -29.43
C ASP A 128 6.54 25.31 -28.18
N THR A 129 6.63 26.64 -28.15
CA THR A 129 7.21 27.33 -27.02
C THR A 129 6.22 27.55 -25.89
N GLN A 130 4.93 27.37 -26.16
CA GLN A 130 3.88 27.62 -25.17
C GLN A 130 3.08 26.38 -24.80
N SER A 131 3.10 25.34 -25.63
N SER A 131 3.08 25.34 -25.64
CA SER A 131 2.34 24.12 -25.41
CA SER A 131 2.35 24.13 -25.37
C SER A 131 3.30 22.94 -25.29
C SER A 131 3.31 22.94 -25.28
N TYR A 132 2.96 21.98 -24.44
CA TYR A 132 3.74 20.76 -24.32
C TYR A 132 3.43 19.76 -25.43
N ALA A 133 2.51 20.13 -26.31
CA ALA A 133 2.14 19.28 -27.45
C ALA A 133 3.34 19.13 -28.38
N GLY A 134 3.50 17.93 -28.97
CA GLY A 134 4.58 17.75 -29.93
C GLY A 134 5.35 16.47 -29.76
N TYR A 135 6.54 16.40 -30.37
CA TYR A 135 7.29 15.12 -30.41
C TYR A 135 8.31 14.96 -29.31
N ILE A 136 8.41 13.75 -28.76
CA ILE A 136 9.42 13.43 -27.74
C ILE A 136 10.08 12.15 -28.24
N ALA A 137 11.40 12.04 -28.15
CA ALA A 137 12.06 10.79 -28.54
C ALA A 137 12.98 10.39 -27.40
N SER A 138 12.85 9.15 -26.96
CA SER A 138 13.64 8.72 -25.79
C SER A 138 14.69 7.69 -26.22
N TYR A 149 12.04 2.50 -24.89
CA TYR A 149 12.69 3.44 -25.81
C TYR A 149 11.69 3.96 -26.82
N SER A 150 10.53 4.38 -26.35
CA SER A 150 9.43 4.74 -27.24
C SER A 150 9.70 6.09 -27.90
N GLU A 151 8.72 6.52 -28.70
CA GLU A 151 8.63 7.86 -29.23
C GLU A 151 7.18 8.28 -29.08
N ILE A 152 6.96 9.53 -28.65
CA ILE A 152 5.60 9.99 -28.44
C ILE A 152 5.37 11.32 -29.16
N PHE A 153 4.12 11.51 -29.57
CA PHE A 153 3.62 12.79 -30.06
C PHE A 153 2.38 13.09 -29.24
N THR A 154 2.49 14.07 -28.34
CA THR A 154 1.39 14.42 -27.46
C THR A 154 0.56 15.53 -28.08
N VAL A 155 -0.76 15.39 -27.98
CA VAL A 155 -1.69 16.39 -28.47
C VAL A 155 -2.43 16.95 -27.26
N THR A 156 -2.08 18.17 -26.86
CA THR A 156 -2.80 18.87 -25.82
C THR A 156 -3.87 19.72 -26.49
N LYS A 157 -4.52 20.60 -25.73
CA LYS A 157 -5.57 21.42 -26.31
C LYS A 157 -4.93 22.38 -27.31
N ASP A 158 -5.33 22.25 -28.58
CA ASP A 158 -4.76 23.03 -29.68
C ASP A 158 -5.42 24.40 -29.68
N LEU A 159 -4.74 25.40 -29.13
CA LEU A 159 -5.28 26.75 -28.99
C LEU A 159 -4.47 27.75 -29.80
N PRO A 160 -5.10 28.54 -30.65
CA PRO A 160 -4.35 29.48 -31.51
C PRO A 160 -3.59 30.53 -30.72
N LEU A 161 -2.60 31.13 -31.39
CA LEU A 161 -1.79 32.18 -30.77
C LEU A 161 -2.64 33.34 -30.28
N ASP A 162 -3.73 33.62 -30.98
CA ASP A 162 -4.61 34.73 -30.67
C ASP A 162 -5.76 34.35 -29.75
N GLU A 163 -5.75 33.12 -29.18
CA GLU A 163 -6.78 32.70 -28.26
C GLU A 163 -6.58 33.41 -26.92
N PRO A 164 -7.65 33.89 -26.29
CA PRO A 164 -7.50 34.71 -25.07
C PRO A 164 -6.57 34.11 -24.02
N ARG A 165 -6.56 32.80 -23.85
CA ARG A 165 -5.73 32.18 -22.78
C ARG A 165 -4.30 32.05 -23.29
N VAL A 166 -4.09 32.02 -24.62
CA VAL A 166 -2.72 31.99 -25.13
C VAL A 166 -2.11 33.39 -25.12
N GLU A 167 -2.95 34.39 -25.36
CA GLU A 167 -2.48 35.80 -25.30
C GLU A 167 -2.10 36.14 -23.87
N ALA A 168 -2.76 35.53 -22.89
CA ALA A 168 -2.50 35.86 -21.46
C ALA A 168 -1.32 35.07 -20.91
N LYS A 169 -0.63 34.31 -21.75
CA LYS A 169 0.56 33.53 -21.37
C LYS A 169 0.23 32.51 -20.28
N TRP A 170 -0.96 31.91 -20.35
CA TRP A 170 -1.25 30.86 -19.38
C TRP A 170 -0.30 29.69 -19.60
N PRO A 171 0.25 29.11 -18.55
CA PRO A 171 1.17 27.97 -18.72
C PRO A 171 0.49 26.80 -19.43
N CYS A 172 1.24 26.17 -20.34
CA CYS A 172 0.89 24.98 -21.11
C CYS A 172 -0.06 25.29 -22.27
N HIS A 173 -0.66 26.49 -22.33
CA HIS A 173 -1.63 26.80 -23.35
C HIS A 173 -0.96 27.27 -24.63
N GLY A 174 -1.33 26.69 -25.77
CA GLY A 174 -0.78 27.08 -27.03
C GLY A 174 -1.15 26.18 -28.20
N PRO A 175 -0.70 26.54 -29.40
CA PRO A 175 -1.05 25.77 -30.58
C PRO A 175 -0.21 24.50 -30.71
N CYS A 176 -0.86 23.46 -31.21
CA CYS A 176 -0.19 22.18 -31.43
C CYS A 176 0.67 22.24 -32.69
N PRO A 177 1.90 21.71 -32.64
CA PRO A 177 2.80 21.77 -33.81
C PRO A 177 2.61 20.57 -34.76
N TRP A 178 1.51 20.59 -35.51
CA TRP A 178 1.26 19.55 -36.50
C TRP A 178 2.21 19.67 -37.69
N PRO A 179 2.64 18.54 -38.33
CA PRO A 179 3.42 18.62 -39.55
C PRO A 179 2.50 19.18 -40.64
N ASP A 180 1.29 18.64 -40.73
CA ASP A 180 0.31 19.20 -41.70
C ASP A 180 -1.13 18.91 -41.29
N VAL A 181 -2.10 19.44 -42.05
CA VAL A 181 -3.54 19.28 -41.72
C VAL A 181 -3.94 17.83 -41.95
N ASP A 182 -3.02 17.00 -42.44
CA ASP A 182 -3.40 15.60 -42.75
C ASP A 182 -3.22 14.76 -41.49
N MET A 183 -2.43 15.22 -40.54
CA MET A 183 -2.34 14.51 -39.23
C MET A 183 -3.39 15.11 -38.32
N ARG A 184 -3.73 16.37 -38.56
CA ARG A 184 -4.70 17.07 -37.70
C ARG A 184 -6.07 16.44 -37.89
N THR A 185 -6.63 16.49 -39.09
CA THR A 185 -7.99 15.97 -39.33
C THR A 185 -8.13 14.56 -38.75
N PRO A 186 -7.28 13.57 -39.09
CA PRO A 186 -7.33 12.27 -38.44
C PRO A 186 -7.34 12.21 -36.92
N ILE A 187 -6.24 12.59 -36.28
CA ILE A 187 -6.11 12.44 -34.79
C ILE A 187 -7.12 13.31 -34.05
N GLN A 188 -7.41 14.51 -34.54
CA GLN A 188 -8.44 15.36 -33.89
C GLN A 188 -9.81 14.68 -33.94
N GLN A 189 -10.14 14.01 -35.03
CA GLN A 189 -11.50 13.42 -35.14
C GLN A 189 -11.57 12.19 -34.25
N TYR A 190 -10.44 11.56 -33.99
CA TYR A 190 -10.38 10.40 -33.07
C TYR A 190 -10.55 10.93 -31.64
N MET A 191 -10.01 12.11 -31.35
CA MET A 191 -10.06 12.68 -30.00
C MET A 191 -11.45 13.21 -29.71
N ASP A 192 -12.19 13.64 -30.73
CA ASP A 192 -13.57 14.05 -30.52
C ASP A 192 -14.46 12.85 -30.25
N SER A 193 -14.15 11.70 -30.85
CA SER A 193 -14.89 10.47 -30.57
C SER A 193 -14.50 9.90 -29.21
N LEU A 194 -13.20 9.91 -28.89
CA LEU A 194 -12.78 9.45 -27.58
C LEU A 194 -13.31 10.33 -26.46
N GLY A 195 -13.50 11.62 -26.75
CA GLY A 195 -14.09 12.51 -25.76
C GLY A 195 -15.54 12.18 -25.46
N LYS A 196 -16.27 11.75 -26.49
CA LYS A 196 -17.68 11.37 -26.33
C LYS A 196 -17.76 10.10 -25.47
N SER A 197 -16.79 9.21 -25.62
CA SER A 197 -16.76 7.99 -24.79
C SER A 197 -16.33 8.31 -23.37
N GLY A 198 -15.42 9.28 -23.22
CA GLY A 198 -15.01 9.67 -21.88
C GLY A 198 -16.14 10.23 -21.04
N GLU A 199 -16.99 11.07 -21.65
CA GLU A 199 -18.11 11.65 -20.91
C GLU A 199 -19.12 10.57 -20.52
N THR A 200 -19.36 9.59 -21.40
CA THR A 200 -20.26 8.48 -21.07
C THR A 200 -19.68 7.60 -19.98
N LEU A 201 -18.39 7.26 -20.09
CA LEU A 201 -17.76 6.45 -19.04
C LEU A 201 -17.86 7.12 -17.68
N LEU A 202 -17.74 8.45 -17.64
CA LEU A 202 -17.88 9.17 -16.38
C LEU A 202 -19.32 9.13 -15.88
N GLN A 203 -20.31 9.31 -16.75
CA GLN A 203 -21.73 9.25 -16.35
C GLN A 203 -22.05 7.88 -15.76
N MET A 204 -21.47 6.83 -16.31
CA MET A 204 -21.70 5.44 -15.82
C MET A 204 -21.07 5.25 -14.44
N ILE A 205 -19.86 5.80 -14.23
CA ILE A 205 -19.23 5.74 -12.89
C ILE A 205 -20.12 6.48 -11.90
N GLU A 206 -20.71 7.60 -12.30
CA GLU A 206 -21.64 8.36 -11.43
C GLU A 206 -22.88 7.52 -11.08
N TYR A 207 -23.43 6.78 -12.04
CA TYR A 207 -24.65 6.00 -11.78
C TYR A 207 -24.33 4.76 -10.96
N GLY A 208 -23.13 4.22 -11.08
CA GLY A 208 -22.77 2.98 -10.40
C GLY A 208 -22.21 3.22 -9.03
N LEU A 209 -21.74 4.43 -8.77
CA LEU A 209 -21.23 4.81 -7.43
C LEU A 209 -22.33 5.67 -6.83
N SER A 210 -23.48 5.73 -7.50
CA SER A 210 -24.66 6.50 -7.05
C SER A 210 -24.31 7.92 -6.67
N LEU A 211 -23.39 8.55 -7.40
CA LEU A 211 -22.92 9.91 -7.05
C LEU A 211 -23.96 10.95 -7.43
N HIS A 212 -23.81 12.15 -6.90
CA HIS A 212 -24.76 13.24 -7.20
C HIS A 212 -24.70 13.53 -8.71
N PRO A 213 -25.82 13.63 -9.48
CA PRO A 213 -25.67 13.82 -10.92
C PRO A 213 -24.73 14.97 -11.27
N ASP A 214 -23.88 14.73 -12.28
CA ASP A 214 -22.88 15.66 -12.80
C ASP A 214 -21.70 15.85 -11.86
N THR A 215 -21.50 14.94 -10.90
CA THR A 215 -20.37 15.06 -9.99
C THR A 215 -19.04 15.02 -10.74
N LEU A 216 -18.96 14.21 -11.80
CA LEU A 216 -17.75 14.08 -12.59
C LEU A 216 -17.79 14.88 -13.88
N THR A 217 -18.94 14.95 -14.56
CA THR A 217 -19.00 15.68 -15.82
C THR A 217 -18.92 17.19 -15.64
N SER A 218 -19.16 17.70 -14.43
CA SER A 218 -19.04 19.14 -14.21
C SER A 218 -17.59 19.61 -14.24
N LEU A 219 -16.64 18.74 -13.90
CA LEU A 219 -15.24 19.12 -13.95
C LEU A 219 -14.63 18.99 -15.34
N THR A 220 -15.19 18.15 -16.22
CA THR A 220 -14.60 17.90 -17.52
C THR A 220 -15.16 18.77 -18.63
N LYS A 221 -15.97 19.76 -18.27
CA LYS A 221 -16.45 20.75 -19.25
C LYS A 221 -15.24 21.62 -19.60
N ASP A 222 -14.79 21.61 -20.86
CA ASP A 222 -13.52 22.27 -21.30
C ASP A 222 -12.37 21.49 -20.70
N GLY A 223 -12.44 20.17 -20.82
CA GLY A 223 -11.42 19.33 -20.20
C GLY A 223 -10.12 19.36 -20.91
N TRP A 224 -9.04 19.29 -20.15
CA TRP A 224 -7.69 19.34 -20.71
C TRP A 224 -7.38 17.93 -21.22
N HIS A 225 -8.29 17.37 -21.99
CA HIS A 225 -8.04 16.05 -22.56
C HIS A 225 -6.82 16.10 -23.46
N HIS A 226 -5.96 15.08 -23.35
CA HIS A 226 -4.80 15.01 -24.21
C HIS A 226 -4.54 13.56 -24.61
N LEU A 227 -3.93 13.40 -25.78
CA LEU A 227 -3.63 12.11 -26.38
C LEU A 227 -2.14 11.95 -26.50
N ARG A 228 -1.65 10.74 -26.19
N ARG A 228 -1.63 10.76 -26.16
CA ARG A 228 -0.20 10.40 -26.33
CA ARG A 228 -0.24 10.42 -26.37
C ARG A 228 -0.07 9.35 -27.43
C ARG A 228 -0.18 9.36 -27.47
N ILE A 229 0.35 9.75 -28.62
CA ILE A 229 0.48 8.85 -29.78
C ILE A 229 1.81 8.14 -29.66
N LEU A 230 1.76 6.84 -29.39
CA LEU A 230 2.94 6.08 -28.99
C LEU A 230 3.39 5.13 -30.09
N ARG A 231 4.71 5.03 -30.25
CA ARG A 231 5.35 4.00 -31.04
C ARG A 231 6.48 3.42 -30.22
N PHE A 232 6.49 2.11 -30.07
CA PHE A 232 7.55 1.42 -29.34
C PHE A 232 8.39 0.59 -30.31
N PRO A 233 9.70 0.55 -30.10
CA PRO A 233 10.59 -0.17 -31.02
C PRO A 233 10.57 -1.67 -30.77
N GLN A 234 11.39 -2.38 -31.55
CA GLN A 234 11.59 -3.80 -31.35
C GLN A 234 12.66 -3.98 -30.26
N ASN A 235 12.78 -5.22 -29.78
CA ASN A 235 13.69 -5.52 -28.65
C ASN A 235 15.16 -5.63 -29.09
N ASN A 236 15.45 -5.97 -30.34
CA ASN A 236 16.87 -5.98 -30.78
C ASN A 236 17.23 -4.59 -31.31
N LYS A 243 17.62 2.07 -19.76
CA LYS A 243 16.66 1.01 -20.06
C LYS A 243 17.37 -0.22 -20.62
N LYS A 244 17.58 -0.19 -21.93
CA LYS A 244 18.20 -1.27 -22.70
C LYS A 244 17.35 -2.53 -22.70
N GLY A 245 16.16 -2.48 -22.11
CA GLY A 245 15.29 -3.64 -22.07
C GLY A 245 13.86 -3.33 -21.72
N ARG A 246 13.50 -2.04 -21.59
CA ARG A 246 12.15 -1.65 -21.23
C ARG A 246 11.61 -0.60 -22.19
N GLY A 247 10.29 -0.55 -22.30
CA GLY A 247 9.64 0.52 -22.99
C GLY A 247 9.28 1.62 -22.01
N ILE A 248 8.40 1.29 -21.07
CA ILE A 248 8.09 2.16 -19.94
C ILE A 248 7.99 1.30 -18.70
N GLY A 249 8.57 1.79 -17.60
CA GLY A 249 8.52 1.08 -16.33
C GLY A 249 7.16 1.18 -15.64
N SER A 250 7.09 0.52 -14.48
CA SER A 250 5.87 0.53 -13.68
C SER A 250 5.50 1.94 -13.27
N HIS A 251 4.27 2.32 -13.53
CA HIS A 251 3.81 3.69 -13.25
C HIS A 251 2.30 3.76 -13.15
N THR A 252 1.79 4.80 -12.52
CA THR A 252 0.33 5.02 -12.46
C THR A 252 0.08 6.34 -13.20
N ASP A 253 -1.19 6.55 -13.79
CA ASP A 253 -1.50 7.77 -14.57
C ASP A 253 -1.92 8.89 -13.64
N TYR A 254 -1.51 10.06 -13.97
CA TYR A 254 -1.78 11.22 -13.10
C TYR A 254 -3.19 11.77 -13.31
N GLY A 255 -3.97 11.19 -14.21
CA GLY A 255 -5.26 11.80 -14.54
C GLY A 255 -6.51 11.09 -14.10
N LEU A 256 -7.65 11.42 -14.73
CA LEU A 256 -8.93 10.86 -14.33
C LEU A 256 -9.16 9.48 -14.95
N LEU A 257 -9.27 9.44 -16.27
CA LEU A 257 -9.55 8.22 -17.02
C LEU A 257 -8.56 8.08 -18.17
N VAL A 258 -8.20 6.84 -18.47
CA VAL A 258 -7.31 6.53 -19.58
C VAL A 258 -8.03 5.55 -20.50
N ILE A 259 -8.32 6.01 -21.71
CA ILE A 259 -8.83 5.15 -22.78
C ILE A 259 -7.67 4.80 -23.70
N ALA A 260 -7.38 3.51 -23.83
CA ALA A 260 -6.18 3.08 -24.53
C ALA A 260 -6.54 2.22 -25.73
N ALA A 261 -5.61 2.15 -26.68
CA ALA A 261 -5.80 1.43 -27.93
C ALA A 261 -4.43 0.99 -28.42
N GLN A 262 -4.39 -0.19 -29.04
CA GLN A 262 -3.12 -0.76 -29.47
C GLN A 262 -3.32 -1.55 -30.75
N ASP A 263 -2.20 -1.86 -31.41
CA ASP A 263 -2.25 -2.70 -32.60
C ASP A 263 -2.12 -4.17 -32.18
N GLU A 264 -1.86 -5.05 -33.13
CA GLU A 264 -1.78 -6.47 -32.88
C GLU A 264 -0.48 -7.01 -32.28
N VAL A 265 0.59 -6.20 -32.25
CA VAL A 265 1.85 -6.64 -31.65
C VAL A 265 1.67 -6.94 -30.16
N GLY A 266 1.29 -5.94 -29.39
CA GLY A 266 1.01 -6.13 -27.97
C GLY A 266 2.22 -5.92 -27.08
N GLY A 267 1.94 -5.51 -25.85
CA GLY A 267 3.02 -5.30 -24.89
C GLY A 267 2.63 -4.57 -23.62
N LEU A 268 1.34 -4.51 -23.30
CA LEU A 268 0.88 -3.82 -22.10
C LEU A 268 0.66 -4.81 -20.96
N PHE A 269 1.15 -4.46 -19.77
CA PHE A 269 0.93 -5.22 -18.56
C PHE A 269 0.28 -4.32 -17.51
N ILE A 270 -0.62 -4.90 -16.71
CA ILE A 270 -1.28 -4.15 -15.64
C ILE A 270 -1.23 -4.97 -14.36
N ARG A 271 -1.44 -4.28 -13.24
CA ARG A 271 -1.50 -4.90 -11.92
C ARG A 271 -2.91 -4.74 -11.35
N PRO A 272 -3.69 -5.80 -11.22
CA PRO A 272 -5.05 -5.68 -10.71
C PRO A 272 -5.07 -5.24 -9.26
N PRO A 273 -6.21 -4.78 -8.75
CA PRO A 273 -6.28 -4.39 -7.33
C PRO A 273 -6.13 -5.61 -6.43
N ALA A 274 -5.44 -5.41 -5.32
CA ALA A 274 -5.19 -6.50 -4.37
C ALA A 274 -6.50 -7.11 -3.87
N ASP A 275 -6.49 -8.43 -3.72
CA ASP A 275 -7.63 -9.14 -3.15
C ASP A 275 -7.74 -8.81 -1.67
N ASP A 276 -8.88 -8.25 -1.27
CA ASP A 276 -9.12 -7.77 0.10
C ASP A 276 -8.08 -6.72 0.47
N ARG A 295 0.70 -10.17 -8.57
CA ARG A 295 1.61 -10.32 -9.73
C ARG A 295 1.06 -9.53 -10.92
N TRP A 296 1.83 -9.49 -12.01
CA TRP A 296 1.42 -8.68 -13.19
C TRP A 296 0.47 -9.46 -14.10
N VAL A 297 -0.35 -8.75 -14.87
CA VAL A 297 -1.37 -9.35 -15.78
C VAL A 297 -1.18 -8.75 -17.18
N TYR A 298 -0.92 -9.59 -18.17
CA TYR A 298 -0.72 -9.13 -19.54
C TYR A 298 -2.06 -8.86 -20.21
N VAL A 299 -2.16 -7.71 -20.88
CA VAL A 299 -3.37 -7.29 -21.56
C VAL A 299 -3.24 -7.68 -23.03
N PRO A 300 -3.94 -8.71 -23.50
CA PRO A 300 -3.77 -9.16 -24.89
C PRO A 300 -4.48 -8.23 -25.86
N PRO A 301 -3.97 -8.13 -27.09
CA PRO A 301 -4.62 -7.27 -28.09
C PRO A 301 -5.87 -7.90 -28.70
N VAL A 302 -7.04 -7.50 -28.20
CA VAL A 302 -8.32 -7.95 -28.77
C VAL A 302 -8.72 -6.93 -29.84
N PRO A 303 -9.08 -7.36 -31.04
CA PRO A 303 -9.49 -6.41 -32.06
C PRO A 303 -10.88 -5.88 -31.79
N GLY A 304 -11.11 -4.64 -32.23
CA GLY A 304 -12.42 -4.04 -32.13
C GLY A 304 -12.78 -3.44 -30.78
N VAL A 305 -11.87 -3.48 -29.81
CA VAL A 305 -12.14 -2.95 -28.48
C VAL A 305 -11.03 -1.99 -28.07
N PHE A 306 -11.36 -1.09 -27.14
CA PHE A 306 -10.37 -0.30 -26.42
C PHE A 306 -10.51 -0.52 -24.92
N THR A 307 -9.41 -0.33 -24.19
CA THR A 307 -9.36 -0.56 -22.75
C THR A 307 -9.48 0.74 -21.97
N VAL A 308 -10.04 0.65 -20.77
CA VAL A 308 -10.22 1.78 -19.87
C VAL A 308 -9.71 1.38 -18.49
N PHE A 309 -8.84 2.21 -17.90
CA PHE A 309 -8.40 2.07 -16.53
C PHE A 309 -8.26 3.46 -15.91
N PRO A 310 -8.47 3.58 -14.60
CA PRO A 310 -8.49 4.90 -13.97
C PRO A 310 -7.11 5.35 -13.52
N GLY A 311 -7.01 6.64 -13.22
CA GLY A 311 -5.75 7.22 -12.83
C GLY A 311 -5.75 7.75 -11.41
N ASP A 312 -4.75 8.55 -11.08
CA ASP A 312 -4.59 9.01 -9.70
C ASP A 312 -5.71 9.94 -9.27
N ILE A 313 -6.25 10.75 -10.18
CA ILE A 313 -7.33 11.67 -9.80
C ILE A 313 -8.59 10.90 -9.43
N MET A 314 -8.89 9.83 -10.17
CA MET A 314 -10.07 9.03 -9.84
C MET A 314 -9.92 8.36 -8.48
N GLN A 315 -8.72 7.86 -8.17
CA GLN A 315 -8.44 7.23 -6.86
C GLN A 315 -8.54 8.26 -5.74
N PHE A 316 -8.12 9.49 -6.01
CA PHE A 316 -8.21 10.53 -5.00
C PHE A 316 -9.66 10.90 -4.71
N MET A 317 -10.50 10.95 -5.75
CA MET A 317 -11.89 11.36 -5.58
C MET A 317 -12.74 10.26 -4.94
N THR A 318 -12.30 9.01 -5.00
CA THR A 318 -13.14 7.88 -4.62
C THR A 318 -12.58 7.13 -3.43
N ASN A 319 -11.56 7.68 -2.75
CA ASN A 319 -10.88 7.00 -1.66
C ASN A 319 -10.50 5.58 -2.07
N SER A 320 -9.91 5.47 -3.26
CA SER A 320 -9.45 4.19 -3.79
C SER A 320 -10.58 3.15 -3.92
N TYR A 321 -11.85 3.59 -3.97
CA TYR A 321 -12.92 2.64 -4.30
C TYR A 321 -12.78 2.20 -5.76
N LEU A 322 -12.51 3.16 -6.66
CA LEU A 322 -11.98 2.88 -8.00
C LEU A 322 -10.46 3.02 -7.96
N PRO A 323 -9.72 2.06 -8.47
CA PRO A 323 -8.27 2.06 -8.27
C PRO A 323 -7.57 3.00 -9.25
N SER A 324 -6.26 3.15 -9.05
CA SER A 324 -5.36 3.79 -9.99
C SER A 324 -4.44 2.68 -10.48
N THR A 325 -4.77 2.12 -11.63
CA THR A 325 -4.14 0.89 -12.09
C THR A 325 -2.67 1.11 -12.45
N PRO A 326 -1.75 0.40 -11.81
CA PRO A 326 -0.34 0.45 -12.25
C PRO A 326 -0.16 -0.34 -13.54
N HIS A 327 0.69 0.18 -14.42
CA HIS A 327 0.88 -0.48 -15.71
C HIS A 327 2.28 -0.21 -16.24
N LYS A 328 2.81 -1.19 -16.96
CA LYS A 328 4.12 -1.09 -17.60
C LYS A 328 3.99 -1.61 -19.03
N VAL A 329 4.85 -1.11 -19.92
CA VAL A 329 4.87 -1.56 -21.35
C VAL A 329 6.22 -2.21 -21.66
N GLY A 330 6.20 -3.44 -22.19
CA GLY A 330 7.43 -4.13 -22.59
C GLY A 330 7.56 -4.17 -24.09
N LEU A 331 8.78 -4.24 -24.61
CA LEU A 331 9.02 -4.31 -26.09
C LEU A 331 8.89 -5.74 -26.59
N ASN A 332 8.10 -5.94 -27.65
CA ASN A 332 7.88 -7.28 -28.24
C ASN A 332 8.82 -7.45 -29.41
N THR A 333 8.69 -8.55 -30.15
CA THR A 333 9.63 -8.78 -31.24
C THR A 333 9.40 -7.84 -32.43
N ARG A 334 8.30 -7.10 -32.44
CA ARG A 334 8.00 -6.13 -33.48
C ARG A 334 7.87 -4.74 -32.87
N GLU A 335 7.64 -3.78 -33.75
CA GLU A 335 7.41 -2.39 -33.30
C GLU A 335 5.95 -2.26 -32.93
N ARG A 336 5.67 -1.59 -31.82
CA ARG A 336 4.28 -1.45 -31.38
C ARG A 336 3.76 -0.03 -31.60
N PHE A 337 2.52 0.09 -32.01
CA PHE A 337 1.89 1.42 -32.18
C PHE A 337 0.69 1.45 -31.23
N ALA A 338 0.66 2.44 -30.33
CA ALA A 338 -0.43 2.50 -29.34
C ALA A 338 -0.93 3.92 -29.16
N PHE A 339 -2.06 4.06 -28.49
CA PHE A 339 -2.64 5.40 -28.22
C PHE A 339 -3.00 5.46 -26.74
N ALA A 340 -2.69 6.57 -26.09
CA ALA A 340 -3.03 6.77 -24.66
C ALA A 340 -3.85 8.05 -24.53
N TYR A 341 -5.15 7.93 -24.33
CA TYR A 341 -6.04 9.08 -24.25
C TYR A 341 -6.36 9.38 -22.79
N PHE A 342 -6.25 10.66 -22.43
CA PHE A 342 -6.51 11.13 -21.06
C PHE A 342 -7.75 12.00 -21.08
N HIS A 343 -8.85 11.50 -20.53
CA HIS A 343 -10.06 12.29 -20.34
C HIS A 343 -9.92 13.00 -18.99
N GLU A 344 -9.79 14.31 -19.02
CA GLU A 344 -9.30 15.08 -17.89
C GLU A 344 -10.26 16.18 -17.46
N PRO A 345 -10.12 16.68 -16.24
CA PRO A 345 -10.87 17.86 -15.82
C PRO A 345 -10.41 19.09 -16.60
N SER A 346 -11.13 20.18 -16.42
CA SER A 346 -10.70 21.44 -17.02
C SER A 346 -9.37 21.87 -16.39
N PHE A 347 -8.58 22.61 -17.17
CA PHE A 347 -7.36 23.19 -16.63
C PHE A 347 -7.65 24.09 -15.44
N GLN A 348 -8.86 24.62 -15.37
CA GLN A 348 -9.28 25.57 -14.34
C GLN A 348 -10.13 24.89 -13.27
N ALA A 349 -10.12 23.57 -13.21
CA ALA A 349 -10.97 22.82 -12.31
C ALA A 349 -10.27 22.57 -10.98
N VAL A 350 -11.03 22.68 -9.90
CA VAL A 350 -10.57 22.35 -8.56
C VAL A 350 -11.30 21.08 -8.13
N VAL A 351 -10.61 19.95 -8.23
CA VAL A 351 -11.21 18.66 -7.93
C VAL A 351 -11.22 18.43 -6.42
N SER A 352 -12.40 18.13 -5.88
CA SER A 352 -12.60 17.81 -4.47
C SER A 352 -12.96 16.35 -4.30
N PRO A 353 -12.71 15.76 -3.14
CA PRO A 353 -13.05 14.35 -2.93
C PRO A 353 -14.55 14.18 -2.72
N VAL A 354 -15.03 12.98 -3.03
CA VAL A 354 -16.43 12.65 -2.84
C VAL A 354 -16.63 12.25 -1.37
N ALA A 355 -17.38 13.07 -0.64
CA ALA A 355 -17.54 12.85 0.80
C ALA A 355 -18.25 11.53 1.10
N LYS A 356 -19.22 11.17 0.47
CA LYS A 356 -19.99 9.92 0.55
C LYS A 356 -19.06 8.71 0.59
N LEU A 357 -17.97 8.73 -0.18
CA LEU A 357 -17.04 7.62 -0.28
C LEU A 357 -15.86 7.70 0.68
N TYR A 358 -15.81 8.70 1.56
CA TYR A 358 -14.76 8.81 2.56
C TYR A 358 -15.28 8.51 3.97
N ASP A 359 -16.26 7.75 4.11
CA ASP A 359 -16.92 7.23 5.31
C ASP A 359 -17.46 8.35 6.21
N GLY A 360 -17.25 9.61 5.82
CA GLY A 360 -17.77 10.72 6.59
C GLY A 360 -16.83 11.90 6.68
N GLN A 361 -15.53 11.63 6.65
CA GLN A 361 -14.52 12.68 6.79
C GLN A 361 -13.73 12.83 5.50
N PRO A 362 -14.08 13.78 4.62
CA PRO A 362 -13.28 13.98 3.42
C PRO A 362 -12.06 14.82 3.73
N PRO A 363 -10.92 14.55 3.08
CA PRO A 363 -9.73 15.35 3.33
C PRO A 363 -9.93 16.81 2.94
N VAL A 364 -9.16 17.69 3.58
CA VAL A 364 -9.18 19.09 3.20
C VAL A 364 -8.48 19.30 1.86
N GLU A 365 -7.69 18.32 1.42
CA GLU A 365 -6.92 18.50 0.19
C GLU A 365 -7.85 18.60 -1.02
N LYS A 366 -7.53 19.53 -1.90
CA LYS A 366 -8.15 19.66 -3.21
C LYS A 366 -7.04 19.80 -4.22
N ILE A 367 -7.31 19.40 -5.45
CA ILE A 367 -6.30 19.42 -6.51
C ILE A 367 -6.75 20.36 -7.60
N HIS A 368 -6.00 21.45 -7.78
CA HIS A 368 -6.14 22.30 -8.95
C HIS A 368 -5.48 21.60 -10.13
N TYR A 369 -6.27 21.18 -11.11
CA TYR A 369 -5.73 20.33 -12.17
C TYR A 369 -4.66 21.06 -12.98
N GLY A 370 -4.85 22.36 -13.21
CA GLY A 370 -3.87 23.11 -13.96
C GLY A 370 -2.49 23.06 -13.34
N THR A 371 -2.42 23.29 -12.02
CA THR A 371 -1.15 23.17 -11.32
C THR A 371 -0.65 21.72 -11.33
N HIS A 372 -1.54 20.76 -11.10
CA HIS A 372 -1.19 19.35 -11.20
C HIS A 372 -0.54 19.01 -12.53
N PHE A 373 -1.16 19.46 -13.62
CA PHE A 373 -0.66 19.15 -14.95
C PHE A 373 0.67 19.83 -15.21
N THR A 374 0.75 21.13 -14.92
CA THR A 374 1.98 21.90 -15.18
C THR A 374 3.16 21.36 -14.37
N ASN A 375 2.92 21.00 -13.11
CA ASN A 375 4.01 20.50 -12.26
C ASN A 375 4.62 19.21 -12.81
N MET A 376 3.78 18.32 -13.35
CA MET A 376 4.30 17.03 -13.82
C MET A 376 5.01 17.17 -15.15
N PHE A 377 4.49 18.00 -16.04
CA PHE A 377 5.06 18.13 -17.39
C PHE A 377 6.33 18.99 -17.39
N MET A 378 6.38 19.94 -16.40
CA MET A 378 7.60 20.77 -16.15
C MET A 378 8.35 19.95 -15.12
N ARG A 379 8.73 18.70 -15.52
CA ARG A 379 9.24 17.82 -14.47
C ARG A 379 9.58 16.51 -15.14
N ASN A 380 8.65 16.02 -15.95
CA ASN A 380 8.92 14.79 -16.71
C ASN A 380 9.57 15.23 -18.02
N TYR A 381 9.34 16.47 -18.43
CA TYR A 381 10.02 17.03 -19.61
C TYR A 381 10.74 18.29 -19.14
N PRO A 382 11.84 18.17 -18.36
CA PRO A 382 12.47 19.32 -17.74
C PRO A 382 13.38 20.17 -18.63
N ASP A 383 13.92 19.57 -19.68
CA ASP A 383 14.86 20.28 -20.59
C ASP A 383 14.11 20.62 -21.87
N ARG A 384 12.78 20.57 -21.85
CA ARG A 384 12.02 20.99 -23.04
C ARG A 384 11.96 22.52 -23.01
N ILE A 385 11.92 23.15 -24.17
CA ILE A 385 11.88 24.63 -24.26
C ILE A 385 10.52 25.12 -23.75
N THR A 386 9.53 24.24 -23.66
CA THR A 386 8.23 24.67 -23.08
C THR A 386 8.45 24.94 -21.59
N THR A 387 9.32 24.13 -20.96
CA THR A 387 9.56 24.28 -19.54
C THR A 387 10.47 25.48 -19.25
N GLU A 388 11.43 25.71 -20.12
CA GLU A 388 12.35 26.85 -19.95
C GLU A 388 11.54 28.15 -20.07
N ARG A 389 10.55 28.20 -20.95
CA ARG A 389 9.83 29.49 -21.17
C ARG A 389 8.90 29.78 -19.99
N ILE A 390 8.53 28.75 -19.25
CA ILE A 390 7.57 28.95 -18.11
C ILE A 390 8.36 29.61 -16.99
N ILE A 391 9.61 29.19 -16.82
CA ILE A 391 10.46 29.71 -15.71
C ILE A 391 10.95 31.11 -16.07
N LYS A 392 11.04 31.42 -17.36
CA LYS A 392 11.63 32.70 -17.81
C LYS A 392 10.58 33.79 -17.95
N GLU A 393 9.31 33.40 -18.07
CA GLU A 393 8.19 34.37 -18.15
C GLU A 393 7.40 34.28 -16.85
N ASP A 394 7.86 33.45 -15.90
CA ASP A 394 7.19 33.29 -14.58
C ASP A 394 5.69 33.01 -14.80
N ARG A 395 5.36 32.04 -15.65
CA ARG A 395 3.93 31.71 -15.91
C ARG A 395 3.38 30.93 -14.72
N LEU A 396 4.26 30.45 -13.85
CA LEU A 396 3.83 29.65 -12.67
C LEU A 396 3.13 30.57 -11.67
N GLN A 397 3.02 31.84 -12.01
CA GLN A 397 2.40 32.84 -11.10
C GLN A 397 0.94 33.01 -11.48
N LEU A 398 0.63 32.87 -12.77
CA LEU A 398 -0.78 32.97 -13.23
C LEU A 398 -1.60 31.84 -12.60
N LEU A 399 -0.94 30.79 -12.13
CA LEU A 399 -1.62 29.67 -11.43
C LEU A 399 -2.11 30.10 -10.04
N ASP A 400 -1.49 31.09 -9.39
CA ASP A 400 -2.00 31.62 -8.13
C ASP A 400 -3.15 32.59 -8.34
N ARG A 401 -3.48 32.91 -9.58
CA ARG A 401 -4.58 33.82 -9.83
C ARG A 401 -5.90 33.05 -9.87
N PRO A 402 -7.00 33.65 -9.41
CA PRO A 402 -8.26 32.89 -9.33
C PRO A 402 -8.93 32.65 -10.68
N GLU A 403 -8.56 33.37 -11.73
CA GLU A 403 -9.20 33.14 -13.03
C GLU A 403 -8.75 31.82 -13.63
N LEU A 404 -7.54 31.36 -13.31
CA LEU A 404 -7.06 30.06 -13.75
C LEU A 404 -7.52 28.94 -12.84
N ARG A 405 -8.41 29.24 -11.90
CA ARG A 405 -8.88 28.29 -10.91
C ARG A 405 -10.40 28.22 -10.92
N THR A 406 -11.04 29.00 -11.79
CA THR A 406 -12.49 29.04 -11.93
C THR A 406 -12.84 28.58 -13.34
N GLN A 407 -13.70 27.56 -13.43
CA GLN A 407 -14.12 27.03 -14.72
C GLN A 407 -15.50 27.57 -15.09
N SER B 48 15.57 -53.22 -29.91
CA SER B 48 14.50 -52.19 -29.96
C SER B 48 14.15 -51.77 -28.54
N THR B 49 13.50 -52.63 -27.76
CA THR B 49 13.14 -52.35 -26.34
C THR B 49 12.31 -51.08 -26.18
N MET B 50 11.91 -50.45 -27.28
CA MET B 50 11.20 -49.16 -27.19
C MET B 50 9.74 -49.43 -26.90
N PRO B 51 9.13 -48.74 -25.91
CA PRO B 51 7.72 -48.89 -25.65
C PRO B 51 6.90 -48.78 -26.95
N PRO B 52 5.83 -49.56 -27.10
CA PRO B 52 5.02 -49.53 -28.30
C PRO B 52 4.16 -48.28 -28.41
N ASN B 53 3.65 -47.96 -29.60
CA ASN B 53 2.73 -46.82 -29.77
C ASN B 53 3.39 -45.51 -29.38
N TYR B 54 4.72 -45.43 -29.54
CA TYR B 54 5.50 -44.25 -29.23
C TYR B 54 6.46 -43.98 -30.38
N VAL B 55 6.29 -42.86 -31.05
CA VAL B 55 7.10 -42.51 -32.21
C VAL B 55 8.24 -41.61 -31.74
N ALA B 56 9.48 -42.08 -31.93
CA ALA B 56 10.66 -41.33 -31.50
C ALA B 56 11.90 -41.93 -32.14
N ARG B 57 12.97 -41.15 -32.13
CA ARG B 57 14.28 -41.53 -32.65
C ARG B 57 15.11 -42.18 -31.55
N VAL B 58 15.77 -43.28 -31.88
CA VAL B 58 16.62 -43.97 -30.92
C VAL B 58 17.81 -43.08 -30.59
N GLY B 59 17.93 -42.72 -29.32
CA GLY B 59 18.98 -41.80 -28.93
C GLY B 59 20.35 -42.45 -28.88
N GLN B 60 21.36 -41.65 -29.22
CA GLN B 60 22.76 -42.03 -29.13
C GLN B 60 23.44 -41.04 -28.20
N LEU B 61 24.08 -41.55 -27.16
CA LEU B 61 24.52 -40.72 -26.05
C LEU B 61 26.00 -40.91 -25.81
N LYS B 62 26.62 -39.86 -25.27
CA LYS B 62 28.05 -39.83 -24.99
C LYS B 62 28.24 -40.20 -23.52
N THR B 63 28.87 -41.35 -23.29
CA THR B 63 29.17 -41.82 -21.94
C THR B 63 30.48 -41.21 -21.45
N PHE B 64 30.47 -40.74 -20.20
CA PHE B 64 31.62 -40.09 -19.61
C PHE B 64 32.01 -40.83 -18.33
N THR B 65 33.26 -40.64 -17.91
CA THR B 65 33.77 -41.21 -16.66
C THR B 65 34.16 -40.09 -15.71
N LEU B 66 33.49 -40.02 -14.57
CA LEU B 66 33.85 -38.92 -13.70
C LEU B 66 35.02 -39.31 -12.80
N PRO B 67 35.93 -38.37 -12.53
CA PRO B 67 36.99 -38.65 -11.56
C PRO B 67 36.42 -38.76 -10.15
N GLU B 68 37.20 -39.38 -9.27
CA GLU B 68 36.78 -39.50 -7.89
C GLU B 68 37.14 -38.27 -7.09
N THR B 69 38.03 -37.44 -7.62
CA THR B 69 38.41 -36.16 -7.01
C THR B 69 38.58 -35.14 -8.13
N ALA B 70 37.82 -34.06 -8.07
CA ALA B 70 37.93 -32.97 -9.05
C ALA B 70 38.75 -31.83 -8.43
N THR B 71 39.79 -31.40 -9.15
CA THR B 71 40.69 -30.38 -8.65
C THR B 71 40.74 -29.12 -9.50
N GLY B 72 40.18 -29.16 -10.72
CA GLY B 72 40.38 -28.09 -11.67
C GLY B 72 41.56 -28.30 -12.60
N SER B 73 42.08 -29.52 -12.68
CA SER B 73 43.22 -29.83 -13.52
C SER B 73 42.86 -29.65 -15.00
N PRO B 74 43.86 -29.53 -15.87
CA PRO B 74 43.57 -29.42 -17.31
C PRO B 74 42.69 -30.53 -17.84
N SER B 75 42.77 -31.73 -17.24
CA SER B 75 41.89 -32.82 -17.64
C SER B 75 40.47 -32.58 -17.14
N ASP B 76 40.33 -31.99 -15.95
CA ASP B 76 38.99 -31.72 -15.42
C ASP B 76 38.29 -30.62 -16.21
N VAL B 77 39.04 -29.60 -16.61
CA VAL B 77 38.45 -28.52 -17.42
C VAL B 77 38.05 -29.06 -18.78
N GLU B 78 38.87 -29.94 -19.36
CA GLU B 78 38.54 -30.54 -20.65
C GLU B 78 37.31 -31.44 -20.54
N LEU B 79 37.28 -32.29 -19.51
CA LEU B 79 36.13 -33.17 -19.30
C LEU B 79 34.85 -32.37 -19.13
N GLY B 80 34.90 -31.27 -18.37
CA GLY B 80 33.72 -30.45 -18.19
C GLY B 80 33.23 -29.84 -19.50
N LYS B 81 34.17 -29.33 -20.30
CA LYS B 81 33.78 -28.70 -21.55
C LYS B 81 33.14 -29.70 -22.50
N ALA B 82 33.57 -30.95 -22.48
CA ALA B 82 32.96 -31.96 -23.34
C ALA B 82 31.58 -32.36 -22.84
N MET B 83 31.36 -32.36 -21.52
CA MET B 83 30.04 -32.71 -21.01
C MET B 83 29.02 -31.61 -21.30
N ILE B 84 29.44 -30.34 -21.20
CA ILE B 84 28.52 -29.25 -21.53
C ILE B 84 28.17 -29.27 -23.01
N ASN B 85 29.10 -29.66 -23.87
CA ASN B 85 28.77 -29.80 -25.28
C ASN B 85 27.80 -30.96 -25.50
N ALA B 86 27.88 -31.99 -24.66
CA ALA B 86 26.95 -33.11 -24.76
C ALA B 86 25.55 -32.69 -24.33
N TRP B 87 25.44 -31.87 -23.28
CA TRP B 87 24.12 -31.42 -22.85
C TRP B 87 23.53 -30.38 -23.79
N ARG B 88 24.35 -29.73 -24.63
CA ARG B 88 23.84 -28.71 -25.54
C ARG B 88 23.36 -29.28 -26.86
N GLU B 89 23.81 -30.48 -27.22
CA GLU B 89 23.37 -31.15 -28.44
C GLU B 89 22.25 -32.14 -28.19
N ASP B 90 22.32 -32.91 -27.11
CA ASP B 90 21.35 -33.95 -26.81
C ASP B 90 20.44 -33.63 -25.62
N GLY B 91 20.88 -32.80 -24.68
CA GLY B 91 20.10 -32.56 -23.49
C GLY B 91 20.29 -33.59 -22.40
N ILE B 92 20.99 -34.69 -22.68
CA ILE B 92 21.20 -35.77 -21.74
C ILE B 92 22.54 -36.41 -22.06
N LEU B 93 23.15 -37.05 -21.06
CA LEU B 93 24.39 -37.78 -21.24
C LEU B 93 24.42 -38.95 -20.27
N GLN B 94 25.31 -39.90 -20.55
CA GLN B 94 25.48 -41.07 -19.70
C GLN B 94 26.81 -40.96 -18.95
N VAL B 95 26.83 -41.53 -17.74
CA VAL B 95 28.02 -41.53 -16.89
C VAL B 95 28.32 -42.96 -16.49
N SER B 96 29.60 -43.32 -16.53
CA SER B 96 30.02 -44.68 -16.21
C SER B 96 29.90 -44.96 -14.71
N MET B 97 29.43 -46.16 -14.37
CA MET B 97 29.37 -46.62 -12.99
C MET B 97 30.58 -47.51 -12.71
N SER B 98 31.26 -47.23 -11.60
CA SER B 98 32.28 -48.13 -11.11
C SER B 98 31.65 -49.40 -10.58
N PRO B 99 32.42 -50.49 -10.47
CA PRO B 99 31.87 -51.71 -9.85
C PRO B 99 31.33 -51.44 -8.46
N ARG B 100 31.93 -50.52 -7.72
CA ARG B 100 31.38 -50.15 -6.39
C ARG B 100 30.06 -49.40 -6.60
N GLN B 101 30.05 -48.46 -7.54
CA GLN B 101 28.78 -47.80 -7.85
C GLN B 101 27.77 -48.78 -8.43
N GLN B 102 28.23 -49.72 -9.27
CA GLN B 102 27.34 -50.70 -9.85
C GLN B 102 26.82 -51.69 -8.82
N ALA B 103 27.52 -51.87 -7.70
CA ALA B 103 27.05 -52.81 -6.70
C ALA B 103 26.03 -52.18 -5.77
N LEU B 104 26.23 -50.91 -5.40
CA LEU B 104 25.22 -50.21 -4.62
C LEU B 104 23.92 -50.04 -5.40
N PHE B 105 24.02 -49.87 -6.73
CA PHE B 105 22.80 -49.74 -7.52
C PHE B 105 21.99 -51.03 -7.54
N GLU B 106 22.67 -52.18 -7.59
CA GLU B 106 21.96 -53.44 -7.61
C GLU B 106 21.36 -53.77 -6.25
N ASN B 107 22.07 -53.43 -5.16
CA ASN B 107 21.47 -53.58 -3.84
C ASN B 107 20.22 -52.73 -3.68
N ALA B 108 20.26 -51.51 -4.24
CA ALA B 108 19.10 -50.63 -4.16
C ALA B 108 17.95 -51.11 -5.04
N SER B 109 18.27 -51.73 -6.18
CA SER B 109 17.23 -52.25 -7.04
C SER B 109 16.52 -53.46 -6.41
N ALA B 110 17.26 -54.25 -5.62
CA ALA B 110 16.62 -55.36 -4.91
C ALA B 110 15.73 -54.84 -3.80
N ALA B 111 16.19 -53.83 -3.05
CA ALA B 111 15.37 -53.24 -2.02
C ALA B 111 14.10 -52.61 -2.61
N SER B 112 14.21 -52.02 -3.80
CA SER B 112 13.04 -51.36 -4.43
C SER B 112 12.00 -52.43 -4.76
N LYS B 113 12.47 -53.60 -5.10
CA LYS B 113 11.55 -54.67 -5.53
C LYS B 113 10.94 -55.32 -4.29
N ARG B 114 11.70 -55.47 -3.22
CA ARG B 114 11.13 -55.99 -1.96
C ARG B 114 10.00 -55.08 -1.49
N PHE B 115 10.13 -53.77 -1.70
CA PHE B 115 9.12 -52.80 -1.23
C PHE B 115 7.87 -52.87 -2.10
N PHE B 116 8.04 -52.85 -3.40
CA PHE B 116 6.87 -52.78 -4.31
C PHE B 116 6.16 -54.13 -4.31
N ALA B 117 6.79 -55.17 -3.79
CA ALA B 117 6.18 -56.50 -3.70
C ALA B 117 5.53 -56.67 -2.34
N MET B 118 5.55 -55.60 -1.55
CA MET B 118 4.95 -55.66 -0.21
C MET B 118 3.43 -55.52 -0.35
N PRO B 119 2.55 -55.91 0.62
CA PRO B 119 1.12 -55.81 0.39
C PRO B 119 0.68 -54.38 0.18
N PRO B 120 -0.37 -54.16 -0.59
CA PRO B 120 -0.82 -52.78 -0.89
C PRO B 120 -1.12 -51.92 0.32
N ASN B 121 -1.46 -52.50 1.48
CA ASN B 121 -1.74 -51.71 2.66
C ASN B 121 -0.49 -51.49 3.51
N GLN B 122 0.49 -52.38 3.41
CA GLN B 122 1.78 -52.14 4.04
C GLN B 122 2.52 -51.00 3.34
N LYS B 123 2.30 -50.84 2.04
CA LYS B 123 2.93 -49.74 1.32
C LYS B 123 2.19 -48.43 1.57
N ALA B 124 0.86 -48.46 1.52
CA ALA B 124 0.06 -47.26 1.77
C ALA B 124 0.26 -46.71 3.17
N ALA B 125 0.71 -47.54 4.11
CA ALA B 125 0.94 -47.09 5.48
C ALA B 125 2.25 -46.32 5.65
N CYS B 126 2.98 -46.06 4.57
CA CYS B 126 4.27 -45.37 4.63
C CYS B 126 4.05 -43.90 4.29
N VAL B 127 3.43 -43.17 5.23
CA VAL B 127 3.16 -41.71 5.06
C VAL B 127 3.57 -41.00 6.35
N ASP B 128 4.13 -39.79 6.26
CA ASP B 128 4.46 -38.97 7.46
C ASP B 128 3.81 -37.60 7.41
N THR B 129 3.28 -37.11 8.53
CA THR B 129 2.60 -35.80 8.61
C THR B 129 3.56 -34.63 8.42
N GLN B 130 4.86 -34.84 8.59
CA GLN B 130 5.78 -33.71 8.52
C GLN B 130 6.75 -33.79 7.35
N SER B 131 7.00 -34.97 6.80
CA SER B 131 7.84 -35.14 5.62
C SER B 131 6.99 -35.64 4.45
N TYR B 132 7.30 -35.15 3.25
CA TYR B 132 6.61 -35.62 2.05
C TYR B 132 7.13 -36.96 1.56
N ALA B 133 8.09 -37.55 2.25
CA ALA B 133 8.64 -38.83 1.84
C ALA B 133 7.62 -39.95 2.01
N GLY B 134 7.71 -40.96 1.14
CA GLY B 134 6.87 -42.13 1.28
C GLY B 134 6.21 -42.52 -0.02
N TYR B 135 5.14 -43.31 0.11
CA TYR B 135 4.47 -43.94 -1.06
C TYR B 135 3.29 -43.18 -1.65
N ILE B 136 3.23 -43.11 -2.98
CA ILE B 136 2.08 -42.53 -3.71
C ILE B 136 1.78 -43.51 -4.85
N ALA B 137 0.59 -44.07 -4.88
CA ALA B 137 0.24 -45.08 -5.90
C ALA B 137 -0.39 -44.43 -7.11
N SER B 138 -1.01 -43.26 -6.99
CA SER B 138 -1.54 -42.53 -8.17
C SER B 138 -2.03 -41.13 -7.74
N GLY B 145 -1.09 -34.62 -15.14
CA GLY B 145 -0.01 -33.90 -15.85
C GLY B 145 1.31 -34.63 -15.74
N ILE B 146 1.70 -35.03 -14.53
CA ILE B 146 3.02 -35.71 -14.34
C ILE B 146 2.80 -36.99 -13.53
N ALA B 147 1.65 -37.67 -13.73
CA ALA B 147 1.38 -38.95 -13.04
C ALA B 147 0.11 -39.58 -13.59
N ASP B 148 0.22 -40.57 -14.49
CA ASP B 148 -1.02 -41.27 -14.93
C ASP B 148 -1.01 -42.69 -14.35
N SER B 150 1.60 -45.25 -12.13
CA SER B 150 2.94 -45.45 -11.53
C SER B 150 2.85 -45.79 -10.05
N GLU B 151 4.00 -45.83 -9.39
CA GLU B 151 4.09 -46.13 -7.94
C GLU B 151 5.42 -45.53 -7.50
N ILE B 152 5.43 -44.59 -6.56
CA ILE B 152 6.68 -43.89 -6.20
C ILE B 152 6.94 -43.95 -4.69
N PHE B 153 8.19 -44.13 -4.28
CA PHE B 153 8.58 -43.99 -2.85
C PHE B 153 9.60 -42.87 -2.84
N THR B 154 9.18 -41.67 -2.48
CA THR B 154 10.06 -40.51 -2.39
C THR B 154 10.85 -40.56 -1.09
N VAL B 155 12.15 -40.28 -1.18
CA VAL B 155 13.03 -40.22 -0.04
C VAL B 155 13.60 -38.80 0.02
N THR B 156 13.09 -37.99 0.95
CA THR B 156 13.64 -36.67 1.20
C THR B 156 14.64 -36.77 2.35
N LYS B 157 15.08 -35.62 2.88
CA LYS B 157 16.08 -35.62 3.94
C LYS B 157 15.48 -36.26 5.19
N ASP B 158 16.10 -37.35 5.64
CA ASP B 158 15.61 -38.16 6.76
C ASP B 158 16.03 -37.53 8.08
N LEU B 159 15.12 -36.77 8.69
CA LEU B 159 15.41 -36.06 9.93
C LEU B 159 14.51 -36.55 11.06
N PRO B 160 15.08 -36.98 12.18
CA PRO B 160 14.27 -37.50 13.29
C PRO B 160 13.39 -36.43 13.95
N LEU B 161 12.44 -36.90 14.75
CA LEU B 161 11.48 -36.02 15.40
C LEU B 161 12.11 -34.93 16.25
N ASP B 162 13.24 -35.21 16.90
CA ASP B 162 13.88 -34.23 17.77
C ASP B 162 14.95 -33.42 17.06
N GLU B 163 15.04 -33.49 15.73
CA GLU B 163 16.02 -32.69 15.01
C GLU B 163 15.59 -31.23 15.02
N PRO B 164 16.51 -30.29 15.26
CA PRO B 164 16.12 -28.88 15.46
C PRO B 164 15.17 -28.32 14.41
N ARG B 165 15.34 -28.68 13.14
CA ARG B 165 14.44 -28.16 12.10
C ARG B 165 13.07 -28.83 12.17
N VAL B 166 13.00 -30.06 12.66
CA VAL B 166 11.71 -30.73 12.82
C VAL B 166 11.00 -30.24 14.07
N GLU B 167 11.75 -29.99 15.15
CA GLU B 167 11.14 -29.43 16.36
C GLU B 167 10.58 -28.04 16.08
N ALA B 168 11.25 -27.26 15.21
CA ALA B 168 10.79 -25.94 14.83
C ALA B 168 9.65 -25.96 13.83
N LYS B 169 9.19 -27.15 13.42
CA LYS B 169 8.03 -27.30 12.55
C LYS B 169 8.28 -26.67 11.18
N TRP B 170 9.51 -26.79 10.68
CA TRP B 170 9.80 -26.35 9.33
C TRP B 170 8.98 -27.16 8.33
N PRO B 171 8.36 -26.54 7.34
CA PRO B 171 7.60 -27.30 6.35
C PRO B 171 8.50 -28.29 5.63
N CYS B 172 7.97 -29.49 5.38
CA CYS B 172 8.58 -30.59 4.64
C CYS B 172 9.61 -31.34 5.47
N HIS B 173 10.04 -30.83 6.63
CA HIS B 173 11.07 -31.48 7.43
C HIS B 173 10.44 -32.49 8.37
N GLY B 174 10.94 -33.71 8.36
CA GLY B 174 10.43 -34.76 9.19
C GLY B 174 11.04 -36.12 8.86
N PRO B 175 10.64 -37.15 9.59
CA PRO B 175 11.25 -38.47 9.40
C PRO B 175 10.68 -39.21 8.20
N CYS B 176 11.56 -39.98 7.56
CA CYS B 176 11.18 -40.79 6.41
C CYS B 176 10.47 -42.05 6.89
N PRO B 177 9.36 -42.42 6.27
CA PRO B 177 8.61 -43.61 6.74
C PRO B 177 9.07 -44.91 6.08
N TRP B 178 10.23 -45.40 6.49
CA TRP B 178 10.70 -46.68 5.97
C TRP B 178 9.83 -47.81 6.52
N PRO B 179 9.58 -48.85 5.71
CA PRO B 179 8.89 -50.03 6.24
C PRO B 179 9.77 -50.85 7.17
N ASP B 180 11.10 -50.76 7.05
CA ASP B 180 12.04 -51.44 7.92
C ASP B 180 13.45 -50.98 7.55
N VAL B 181 14.42 -51.36 8.39
CA VAL B 181 15.81 -51.06 8.12
C VAL B 181 16.38 -51.87 6.97
N ASP B 182 15.65 -52.90 6.50
CA ASP B 182 16.11 -53.70 5.38
C ASP B 182 15.99 -52.95 4.06
N MET B 183 15.28 -51.81 4.06
CA MET B 183 15.20 -50.92 2.91
C MET B 183 15.96 -49.62 3.11
N ARG B 184 16.01 -49.12 4.34
CA ARG B 184 16.72 -47.87 4.62
C ARG B 184 18.20 -47.98 4.26
N THR B 185 18.88 -49.02 4.77
CA THR B 185 20.33 -49.12 4.57
C THR B 185 20.72 -49.16 3.10
N PRO B 186 20.17 -50.04 2.25
CA PRO B 186 20.56 -49.99 0.82
C PRO B 186 20.20 -48.68 0.14
N ILE B 187 19.01 -48.12 0.43
CA ILE B 187 18.59 -46.91 -0.27
C ILE B 187 19.44 -45.71 0.12
N GLN B 188 19.85 -45.62 1.38
CA GLN B 188 20.69 -44.48 1.84
C GLN B 188 22.11 -44.55 1.27
N GLN B 189 22.69 -45.74 1.18
CA GLN B 189 24.07 -45.92 0.67
C GLN B 189 24.11 -45.56 -0.81
N TYR B 190 23.04 -45.81 -1.52
CA TYR B 190 22.93 -45.44 -2.93
C TYR B 190 22.77 -43.93 -3.04
N MET B 191 22.02 -43.30 -2.13
CA MET B 191 21.95 -41.85 -2.23
C MET B 191 23.24 -41.17 -1.80
N ASP B 192 23.99 -41.78 -0.87
CA ASP B 192 25.26 -41.19 -0.47
C ASP B 192 26.27 -41.31 -1.60
N SER B 193 26.17 -42.36 -2.42
CA SER B 193 27.03 -42.48 -3.58
C SER B 193 26.60 -41.52 -4.69
N LEU B 194 25.28 -41.41 -4.91
CA LEU B 194 24.78 -40.46 -5.91
C LEU B 194 25.11 -39.03 -5.53
N GLY B 195 25.21 -38.74 -4.23
CA GLY B 195 25.59 -37.40 -3.82
C GLY B 195 27.01 -37.04 -4.19
N LYS B 196 27.93 -38.00 -4.07
CA LYS B 196 29.31 -37.76 -4.50
C LYS B 196 29.38 -37.46 -6.00
N SER B 197 28.57 -38.15 -6.80
CA SER B 197 28.56 -37.89 -8.24
C SER B 197 27.92 -36.55 -8.55
N GLY B 198 26.86 -36.20 -7.81
CA GLY B 198 26.24 -34.90 -8.02
C GLY B 198 27.19 -33.75 -7.77
N GLU B 199 27.99 -33.86 -6.70
CA GLU B 199 28.95 -32.81 -6.38
C GLU B 199 30.05 -32.74 -7.45
N THR B 200 30.49 -33.89 -7.97
CA THR B 200 31.47 -33.89 -9.05
C THR B 200 30.89 -33.29 -10.34
N LEU B 201 29.66 -33.70 -10.69
CA LEU B 201 29.02 -33.15 -11.89
C LEU B 201 28.89 -31.63 -11.80
N LEU B 202 28.59 -31.10 -10.61
CA LEU B 202 28.50 -29.65 -10.45
C LEU B 202 29.87 -29.01 -10.62
N GLN B 203 30.91 -29.68 -10.12
CA GLN B 203 32.27 -29.18 -10.29
C GLN B 203 32.66 -29.17 -11.76
N MET B 204 32.20 -30.17 -12.52
CA MET B 204 32.46 -30.19 -13.96
C MET B 204 31.78 -29.01 -14.65
N ILE B 205 30.52 -28.75 -14.30
CA ILE B 205 29.80 -27.61 -14.88
C ILE B 205 30.45 -26.29 -14.48
N GLU B 206 30.97 -26.20 -13.26
CA GLU B 206 31.68 -24.99 -12.87
C GLU B 206 32.92 -24.78 -13.72
N TYR B 207 33.69 -25.84 -13.97
CA TYR B 207 34.90 -25.71 -14.79
C TYR B 207 34.54 -25.43 -16.25
N GLY B 208 33.47 -26.05 -16.75
CA GLY B 208 33.16 -25.94 -18.17
C GLY B 208 32.55 -24.62 -18.57
N LEU B 209 31.98 -23.87 -17.63
CA LEU B 209 31.47 -22.53 -17.90
C LEU B 209 32.39 -21.45 -17.33
N SER B 210 33.54 -21.84 -16.78
CA SER B 210 34.49 -20.90 -16.17
C SER B 210 33.81 -20.01 -15.14
N LEU B 211 32.88 -20.59 -14.39
CA LEU B 211 32.21 -19.85 -13.34
C LEU B 211 33.15 -19.60 -12.17
N HIS B 212 32.80 -18.60 -11.37
CA HIS B 212 33.54 -18.32 -10.16
C HIS B 212 33.52 -19.59 -9.29
N PRO B 213 34.67 -19.99 -8.73
CA PRO B 213 34.73 -21.22 -7.94
C PRO B 213 33.62 -21.32 -6.90
N ASP B 214 33.05 -22.53 -6.81
CA ASP B 214 32.01 -22.89 -5.84
C ASP B 214 30.68 -22.21 -6.11
N THR B 215 30.47 -21.71 -7.34
CA THR B 215 29.21 -21.06 -7.67
C THR B 215 28.03 -22.02 -7.46
N LEU B 216 28.23 -23.30 -7.76
CA LEU B 216 27.17 -24.28 -7.61
C LEU B 216 27.30 -25.09 -6.31
N THR B 217 28.51 -25.46 -5.92
CA THR B 217 28.69 -26.29 -4.74
C THR B 217 28.41 -25.53 -3.44
N SER B 218 28.43 -24.20 -3.47
CA SER B 218 28.05 -23.45 -2.26
C SER B 218 26.56 -23.54 -2.00
N LEU B 219 25.74 -23.77 -3.03
CA LEU B 219 24.31 -23.91 -2.85
C LEU B 219 23.89 -25.29 -2.39
N THR B 220 24.71 -26.32 -2.68
CA THR B 220 24.36 -27.70 -2.37
C THR B 220 24.98 -28.21 -1.09
N LYS B 221 25.67 -27.36 -0.33
CA LYS B 221 26.13 -27.76 0.99
C LYS B 221 24.92 -28.04 1.86
N ASP B 222 24.76 -29.31 2.26
CA ASP B 222 23.53 -29.80 2.92
C ASP B 222 22.33 -29.64 2.00
N GLY B 223 22.52 -29.99 0.73
CA GLY B 223 21.47 -29.86 -0.26
C GLY B 223 20.26 -30.73 0.04
N TRP B 224 19.11 -30.31 -0.48
CA TRP B 224 17.85 -31.00 -0.26
C TRP B 224 17.68 -32.14 -1.25
N HIS B 225 18.69 -33.00 -1.36
CA HIS B 225 18.65 -34.08 -2.34
C HIS B 225 17.55 -35.07 -1.98
N HIS B 226 16.84 -35.54 -3.01
CA HIS B 226 15.81 -36.54 -2.78
C HIS B 226 15.81 -37.55 -3.91
N LEU B 227 15.36 -38.77 -3.58
CA LEU B 227 15.34 -39.90 -4.49
C LEU B 227 13.88 -40.32 -4.68
N ARG B 228 13.47 -40.41 -5.94
CA ARG B 228 12.18 -40.97 -6.29
C ARG B 228 12.45 -42.34 -6.90
N ILE B 229 12.09 -43.38 -6.15
CA ILE B 229 12.19 -44.79 -6.65
C ILE B 229 10.87 -45.06 -7.36
N LEU B 230 10.93 -45.41 -8.64
CA LEU B 230 9.66 -45.51 -9.39
C LEU B 230 9.42 -46.81 -10.16
N ARG B 231 8.33 -47.51 -9.86
CA ARG B 231 7.84 -48.61 -10.67
C ARG B 231 6.91 -48.05 -11.74
N PHE B 232 6.84 -48.70 -12.88
CA PHE B 232 5.74 -48.58 -13.83
C PHE B 232 5.19 -49.95 -14.21
N PRO B 233 3.88 -50.07 -14.37
CA PRO B 233 3.28 -51.35 -14.77
C PRO B 233 3.45 -51.54 -16.27
N GLN B 234 2.92 -52.65 -16.78
CA GLN B 234 2.94 -52.90 -18.21
C GLN B 234 1.72 -52.25 -18.87
N ASN B 235 1.81 -52.10 -20.20
CA ASN B 235 0.75 -51.46 -20.97
C ASN B 235 -0.47 -52.37 -21.11
N ASN B 236 -0.40 -53.56 -20.55
CA ASN B 236 -1.43 -54.60 -20.61
C ASN B 236 -2.29 -54.64 -19.36
N LYS B 237 -1.68 -54.44 -18.18
CA LYS B 237 -2.38 -54.49 -16.91
C LYS B 237 -2.14 -53.20 -16.14
N THR B 238 -2.67 -53.13 -14.92
CA THR B 238 -2.69 -51.90 -14.14
C THR B 238 -1.95 -51.93 -12.82
N ASN B 239 -1.68 -53.10 -12.25
CA ASN B 239 -0.99 -53.19 -10.97
C ASN B 239 -0.18 -54.48 -10.88
N GLY B 240 -0.87 -55.59 -10.62
CA GLY B 240 -0.19 -56.89 -10.52
C GLY B 240 -0.41 -57.71 -11.77
N ARG B 246 0.86 -45.57 -20.79
CA ARG B 246 0.89 -44.09 -20.77
C ARG B 246 1.35 -43.61 -19.40
N GLY B 247 2.67 -43.44 -19.23
CA GLY B 247 3.23 -42.95 -17.96
C GLY B 247 2.98 -41.48 -17.72
N ILE B 248 4.01 -40.65 -17.81
CA ILE B 248 3.83 -39.21 -17.49
C ILE B 248 4.04 -38.43 -18.79
N GLY B 249 3.65 -37.16 -18.82
CA GLY B 249 3.73 -36.40 -20.07
C GLY B 249 4.93 -35.50 -20.16
N SER B 250 4.98 -34.66 -21.18
CA SER B 250 6.14 -33.77 -21.39
C SER B 250 6.11 -32.96 -20.11
N HIS B 251 7.13 -33.15 -19.27
CA HIS B 251 7.34 -32.28 -18.10
C HIS B 251 8.82 -31.97 -17.98
N THR B 252 9.14 -30.85 -17.35
CA THR B 252 10.55 -30.53 -17.06
C THR B 252 10.70 -30.73 -15.56
N ASP B 253 11.85 -31.26 -15.11
CA ASP B 253 12.14 -31.44 -13.67
C ASP B 253 12.46 -30.07 -13.06
N TYR B 254 12.10 -29.81 -11.80
CA TYR B 254 12.17 -28.49 -11.17
C TYR B 254 13.52 -28.17 -10.54
N GLY B 255 14.50 -29.07 -10.57
CA GLY B 255 15.68 -28.96 -9.73
C GLY B 255 16.93 -28.58 -10.49
N LEU B 256 18.08 -28.83 -9.83
CA LEU B 256 19.39 -28.50 -10.39
C LEU B 256 19.86 -29.59 -11.34
N LEU B 257 20.09 -30.79 -10.80
CA LEU B 257 20.58 -31.93 -11.57
C LEU B 257 19.71 -33.14 -11.29
N VAL B 258 19.48 -33.94 -12.33
CA VAL B 258 18.70 -35.15 -12.22
C VAL B 258 19.57 -36.31 -12.69
N ILE B 259 19.89 -37.21 -11.77
CA ILE B 259 20.57 -38.47 -12.09
C ILE B 259 19.54 -39.57 -12.16
N ALA B 260 19.44 -40.23 -13.30
CA ALA B 260 18.41 -41.23 -13.51
C ALA B 260 19.08 -42.57 -13.78
N ALA B 261 18.34 -43.63 -13.50
CA ALA B 261 18.85 -44.99 -13.61
C ALA B 261 17.65 -45.87 -13.88
N GLN B 262 17.84 -46.90 -14.70
CA GLN B 262 16.72 -47.74 -15.11
C GLN B 262 17.19 -49.17 -15.28
N ASP B 263 16.22 -50.06 -15.36
CA ASP B 263 16.48 -51.47 -15.62
C ASP B 263 16.45 -51.66 -17.13
N GLU B 264 16.45 -52.95 -17.54
CA GLU B 264 16.47 -53.34 -18.97
C GLU B 264 15.18 -53.08 -19.75
N VAL B 265 14.02 -53.11 -19.11
CA VAL B 265 12.76 -52.72 -19.78
C VAL B 265 12.92 -51.24 -20.12
N GLY B 266 12.36 -50.76 -21.23
CA GLY B 266 12.63 -49.35 -21.54
C GLY B 266 11.43 -48.46 -21.34
N GLY B 267 11.61 -47.14 -21.45
CA GLY B 267 10.46 -46.23 -21.38
C GLY B 267 10.76 -44.75 -21.31
N LEU B 268 12.02 -44.32 -21.27
CA LEU B 268 12.25 -42.90 -21.05
C LEU B 268 12.56 -42.20 -22.37
N PHE B 269 11.82 -41.14 -22.66
CA PHE B 269 12.03 -40.32 -23.84
C PHE B 269 12.43 -38.91 -23.42
N ILE B 270 13.29 -38.29 -24.22
CA ILE B 270 13.71 -36.91 -24.00
C ILE B 270 13.58 -36.14 -25.30
N ARG B 271 13.43 -34.82 -25.12
CA ARG B 271 13.37 -33.91 -26.26
C ARG B 271 14.65 -33.06 -26.22
N PRO B 272 15.56 -33.05 -27.23
CA PRO B 272 16.81 -32.29 -27.17
C PRO B 272 16.55 -30.81 -27.33
N PRO B 273 17.51 -29.96 -26.96
CA PRO B 273 17.31 -28.51 -27.11
C PRO B 273 17.25 -28.10 -28.58
N ALA B 274 16.32 -27.19 -28.87
CA ALA B 274 16.14 -26.69 -30.23
C ALA B 274 16.90 -25.38 -30.43
N GLU B 294 11.83 -30.98 -32.79
CA GLU B 294 12.32 -32.16 -32.02
C GLU B 294 11.12 -33.08 -31.74
N ARG B 295 11.21 -34.34 -32.16
CA ARG B 295 10.02 -35.22 -32.01
C ARG B 295 10.33 -36.36 -31.06
N TRP B 296 11.03 -36.07 -29.96
CA TRP B 296 11.28 -37.09 -28.91
C TRP B 296 12.38 -38.06 -29.30
N VAL B 297 13.27 -38.32 -28.36
CA VAL B 297 14.43 -39.21 -28.63
C VAL B 297 14.43 -40.29 -27.56
N TYR B 298 14.16 -41.53 -27.95
CA TYR B 298 14.14 -42.65 -27.00
C TYR B 298 15.51 -42.84 -26.37
N VAL B 299 15.52 -43.04 -25.07
CA VAL B 299 16.75 -43.32 -24.34
C VAL B 299 16.79 -44.82 -24.05
N PRO B 300 17.62 -45.59 -24.74
CA PRO B 300 17.64 -47.03 -24.52
C PRO B 300 18.38 -47.38 -23.25
N PRO B 301 18.02 -48.48 -22.60
CA PRO B 301 18.71 -48.88 -21.37
C PRO B 301 20.08 -49.49 -21.63
N VAL B 302 21.12 -48.67 -21.45
CA VAL B 302 22.50 -49.11 -21.61
C VAL B 302 22.98 -49.65 -20.26
N PRO B 303 23.60 -50.83 -20.21
CA PRO B 303 24.04 -51.37 -18.93
C PRO B 303 25.27 -50.64 -18.41
N GLY B 304 25.37 -50.58 -17.08
CA GLY B 304 26.55 -50.04 -16.43
C GLY B 304 26.62 -48.53 -16.34
N VAL B 305 25.62 -47.81 -16.85
CA VAL B 305 25.65 -46.35 -16.83
C VAL B 305 24.35 -45.82 -16.23
N PHE B 306 24.43 -44.59 -15.74
CA PHE B 306 23.25 -43.79 -15.41
C PHE B 306 23.30 -42.50 -16.22
N THR B 307 22.13 -41.93 -16.48
CA THR B 307 22.01 -40.73 -17.28
C THR B 307 21.81 -39.50 -16.40
N VAL B 308 22.28 -38.36 -16.90
CA VAL B 308 22.20 -37.08 -16.19
C VAL B 308 21.62 -36.03 -17.13
N PHE B 309 20.61 -35.30 -16.66
CA PHE B 309 20.09 -34.14 -17.35
C PHE B 309 19.65 -33.10 -16.33
N PRO B 310 19.75 -31.82 -16.65
CA PRO B 310 19.44 -30.76 -15.68
C PRO B 310 17.96 -30.34 -15.72
N GLY B 311 17.58 -29.58 -14.70
CA GLY B 311 16.20 -29.17 -14.52
C GLY B 311 15.97 -27.68 -14.62
N ASP B 312 14.83 -27.19 -14.19
CA ASP B 312 14.47 -25.76 -14.39
C ASP B 312 15.34 -24.78 -13.59
N ILE B 313 15.92 -25.22 -12.47
CA ILE B 313 16.80 -24.30 -11.73
C ILE B 313 18.11 -24.07 -12.47
N MET B 314 18.66 -25.13 -13.06
CA MET B 314 19.90 -24.96 -13.82
C MET B 314 19.67 -24.05 -15.03
N GLN B 315 18.51 -24.19 -15.68
CA GLN B 315 18.20 -23.33 -16.80
C GLN B 315 18.08 -21.87 -16.37
N PHE B 316 17.56 -21.62 -15.17
CA PHE B 316 17.46 -20.25 -14.68
C PHE B 316 18.84 -19.66 -14.39
N MET B 317 19.75 -20.47 -13.87
CA MET B 317 21.08 -19.99 -13.51
C MET B 317 21.97 -19.73 -14.71
N THR B 318 21.66 -20.32 -15.87
CA THR B 318 22.56 -20.32 -17.00
C THR B 318 22.00 -19.57 -18.20
N ASN B 319 20.90 -18.83 -18.02
CA ASN B 319 20.19 -18.19 -19.13
C ASN B 319 19.94 -19.20 -20.24
N SER B 320 19.47 -20.38 -19.83
CA SER B 320 19.14 -21.48 -20.72
C SER B 320 20.33 -21.90 -21.59
N TYR B 321 21.55 -21.58 -21.16
CA TYR B 321 22.73 -22.10 -21.85
C TYR B 321 22.84 -23.61 -21.65
N LEU B 322 22.61 -24.08 -20.44
CA LEU B 322 22.32 -25.48 -20.18
C LEU B 322 20.82 -25.66 -20.16
N PRO B 323 20.28 -26.65 -20.85
CA PRO B 323 18.84 -26.72 -21.04
C PRO B 323 18.12 -27.27 -19.81
N SER B 324 16.81 -27.24 -19.87
CA SER B 324 15.94 -27.95 -18.92
C SER B 324 15.22 -28.99 -19.76
N THR B 325 15.76 -30.21 -19.78
CA THR B 325 15.32 -31.21 -20.74
C THR B 325 13.92 -31.69 -20.42
N PRO B 326 12.95 -31.51 -21.33
CA PRO B 326 11.64 -32.13 -21.13
C PRO B 326 11.70 -33.62 -21.39
N HIS B 327 10.96 -34.37 -20.58
CA HIS B 327 11.02 -35.82 -20.66
C HIS B 327 9.67 -36.43 -20.27
N LYS B 328 9.37 -37.56 -20.89
CA LYS B 328 8.14 -38.30 -20.63
C LYS B 328 8.51 -39.76 -20.40
N VAL B 329 7.50 -40.57 -20.09
CA VAL B 329 7.70 -41.99 -19.82
C VAL B 329 6.63 -42.77 -20.55
N GLY B 330 6.96 -43.98 -20.97
CA GLY B 330 6.01 -44.84 -21.64
C GLY B 330 5.97 -46.23 -21.03
N LEU B 331 4.78 -46.80 -21.01
CA LEU B 331 4.59 -48.17 -20.52
C LEU B 331 5.01 -49.16 -21.58
N ASN B 332 5.65 -50.24 -21.14
CA ASN B 332 6.12 -51.30 -22.07
C ASN B 332 5.35 -52.59 -21.79
N THR B 333 5.81 -53.71 -22.34
CA THR B 333 5.11 -55.01 -22.24
C THR B 333 5.45 -55.65 -20.91
N ARG B 334 6.45 -55.10 -20.24
CA ARG B 334 6.83 -55.61 -18.92
C ARG B 334 6.86 -54.43 -17.94
N GLU B 335 6.92 -54.73 -16.64
CA GLU B 335 6.96 -53.67 -15.61
C GLU B 335 8.35 -53.05 -15.60
N ARG B 336 8.43 -51.72 -15.63
CA ARG B 336 9.75 -51.03 -15.59
C ARG B 336 10.03 -50.51 -14.17
N PHE B 337 11.21 -50.80 -13.64
CA PHE B 337 11.62 -50.26 -12.32
C PHE B 337 12.74 -49.25 -12.60
N ALA B 338 12.63 -48.05 -12.04
CA ALA B 338 13.64 -47.02 -12.32
C ALA B 338 13.91 -46.10 -11.13
N PHE B 339 14.79 -45.12 -11.30
CA PHE B 339 15.21 -44.21 -10.21
C PHE B 339 15.38 -42.81 -10.75
N ALA B 340 14.98 -41.79 -9.98
CA ALA B 340 15.16 -40.39 -10.31
C ALA B 340 15.74 -39.68 -9.10
N TYR B 341 17.03 -39.34 -9.16
CA TYR B 341 17.72 -38.65 -8.08
C TYR B 341 17.88 -37.17 -8.41
N PHE B 342 17.53 -36.32 -7.46
CA PHE B 342 17.59 -34.86 -7.62
C PHE B 342 18.68 -34.33 -6.71
N HIS B 343 19.80 -33.91 -7.30
CA HIS B 343 20.86 -33.23 -6.55
C HIS B 343 20.49 -31.75 -6.48
N GLU B 344 20.15 -31.28 -5.30
CA GLU B 344 19.43 -30.03 -5.15
C GLU B 344 20.16 -29.06 -4.24
N PRO B 345 19.83 -27.77 -4.33
CA PRO B 345 20.36 -26.80 -3.38
C PRO B 345 19.83 -27.07 -1.98
N SER B 346 20.41 -26.37 -1.01
CA SER B 346 19.91 -26.46 0.34
C SER B 346 18.49 -25.92 0.39
N PHE B 347 17.70 -26.44 1.33
CA PHE B 347 16.36 -25.90 1.54
C PHE B 347 16.42 -24.41 1.87
N GLN B 348 17.53 -23.95 2.42
CA GLN B 348 17.71 -22.57 2.84
C GLN B 348 18.54 -21.74 1.87
N ALA B 349 18.75 -22.24 0.65
CA ALA B 349 19.59 -21.56 -0.33
C ALA B 349 18.76 -20.60 -1.16
N VAL B 350 19.31 -19.42 -1.42
CA VAL B 350 18.70 -18.43 -2.30
C VAL B 350 19.56 -18.36 -3.54
N VAL B 351 19.19 -19.10 -4.58
CA VAL B 351 20.00 -19.18 -5.77
C VAL B 351 19.71 -17.99 -6.67
N SER B 352 20.76 -17.29 -7.09
CA SER B 352 20.72 -16.17 -8.00
C SER B 352 21.34 -16.58 -9.33
N PRO B 353 20.99 -15.93 -10.42
CA PRO B 353 21.54 -16.31 -11.73
C PRO B 353 22.98 -15.87 -11.90
N VAL B 354 23.66 -16.54 -12.81
CA VAL B 354 25.05 -16.22 -13.13
C VAL B 354 25.05 -15.00 -14.06
N ALA B 355 25.55 -13.88 -13.55
CA ALA B 355 25.52 -12.63 -14.30
C ALA B 355 26.33 -12.73 -15.59
N LYS B 356 27.44 -13.46 -15.55
CA LYS B 356 28.32 -13.57 -16.71
C LYS B 356 27.61 -14.14 -17.93
N LEU B 357 26.63 -15.02 -17.74
CA LEU B 357 25.94 -15.68 -18.84
C LEU B 357 24.64 -14.98 -19.22
N TYR B 358 24.34 -13.84 -18.63
CA TYR B 358 23.18 -13.04 -19.01
C TYR B 358 23.61 -11.77 -19.76
N ASP B 359 24.78 -11.81 -20.39
CA ASP B 359 25.38 -10.65 -21.05
C ASP B 359 25.50 -9.47 -20.09
N GLY B 360 25.87 -9.77 -18.85
CA GLY B 360 26.02 -8.76 -17.82
C GLY B 360 24.74 -8.20 -17.25
N GLN B 361 23.58 -8.58 -17.79
CA GLN B 361 22.28 -8.08 -17.34
C GLN B 361 21.46 -9.22 -16.76
N PRO B 362 21.74 -9.66 -15.55
CA PRO B 362 20.99 -10.76 -14.95
C PRO B 362 19.67 -10.28 -14.40
N PRO B 363 18.63 -11.12 -14.42
CA PRO B 363 17.34 -10.73 -13.87
C PRO B 363 17.42 -10.40 -12.38
N VAL B 364 16.36 -9.73 -11.89
CA VAL B 364 16.24 -9.39 -10.48
C VAL B 364 15.81 -10.60 -9.65
N GLU B 365 15.21 -11.60 -10.29
CA GLU B 365 14.61 -12.73 -9.58
C GLU B 365 15.66 -13.62 -8.92
N LYS B 366 15.33 -14.12 -7.73
CA LYS B 366 16.11 -15.14 -7.05
C LYS B 366 15.15 -16.24 -6.60
N ILE B 367 15.67 -17.43 -6.38
CA ILE B 367 14.85 -18.60 -6.04
C ILE B 367 15.24 -19.08 -4.65
N HIS B 368 14.32 -18.97 -3.69
CA HIS B 368 14.47 -19.67 -2.42
C HIS B 368 14.04 -21.12 -2.64
N TYR B 369 14.98 -22.05 -2.53
CA TYR B 369 14.69 -23.42 -2.92
C TYR B 369 13.60 -24.04 -2.05
N GLY B 370 13.59 -23.69 -0.75
CA GLY B 370 12.57 -24.22 0.13
C GLY B 370 11.17 -23.91 -0.34
N THR B 371 10.93 -22.65 -0.73
CA THR B 371 9.64 -22.28 -1.28
C THR B 371 9.37 -22.99 -2.59
N HIS B 372 10.38 -23.05 -3.47
CA HIS B 372 10.29 -23.77 -4.72
C HIS B 372 9.82 -25.21 -4.49
N PHE B 373 10.44 -25.90 -3.54
CA PHE B 373 10.08 -27.29 -3.26
C PHE B 373 8.70 -27.38 -2.63
N THR B 374 8.44 -26.59 -1.58
CA THR B 374 7.16 -26.68 -0.89
C THR B 374 6.01 -26.33 -1.82
N ASN B 375 6.19 -25.31 -2.67
CA ASN B 375 5.16 -24.97 -3.63
C ASN B 375 4.90 -26.10 -4.61
N MET B 376 5.94 -26.85 -4.98
CA MET B 376 5.77 -27.89 -5.98
C MET B 376 5.12 -29.14 -5.39
N PHE B 377 5.53 -29.52 -4.18
CA PHE B 377 4.95 -30.71 -3.57
C PHE B 377 3.56 -30.46 -2.99
N MET B 378 3.24 -29.21 -2.65
CA MET B 378 1.88 -28.91 -2.18
C MET B 378 0.88 -28.99 -3.32
N ARG B 379 1.28 -28.60 -4.54
CA ARG B 379 0.36 -28.62 -5.66
C ARG B 379 0.20 -30.03 -6.23
N ASN B 380 1.26 -30.83 -6.22
CA ASN B 380 1.18 -32.16 -6.82
C ASN B 380 0.66 -33.21 -5.85
N TYR B 381 0.71 -32.94 -4.54
CA TYR B 381 0.16 -33.85 -3.54
C TYR B 381 -0.71 -33.08 -2.57
N PRO B 382 -1.87 -32.48 -2.99
CA PRO B 382 -2.62 -31.61 -2.10
C PRO B 382 -3.48 -32.28 -1.02
N ASP B 383 -3.57 -33.60 -1.02
CA ASP B 383 -4.48 -34.30 -0.10
C ASP B 383 -3.67 -35.22 0.80
N ARG B 384 -2.37 -34.99 0.89
CA ARG B 384 -1.54 -35.77 1.84
C ARG B 384 -1.62 -35.07 3.19
N ILE B 385 -1.66 -35.82 4.28
CA ILE B 385 -1.69 -35.24 5.64
C ILE B 385 -0.49 -34.30 5.79
N THR B 386 0.51 -34.47 4.95
CA THR B 386 1.68 -33.57 5.00
C THR B 386 1.23 -32.16 4.61
N THR B 387 0.37 -32.04 3.59
CA THR B 387 -0.08 -30.71 3.09
C THR B 387 -1.09 -30.12 4.07
N GLU B 388 -1.89 -30.97 4.70
CA GLU B 388 -2.95 -30.48 5.62
C GLU B 388 -2.36 -30.13 6.99
N ARG B 389 -1.11 -30.48 7.25
CA ARG B 389 -0.46 -30.05 8.51
C ARG B 389 0.23 -28.72 8.26
N ILE B 390 0.75 -28.52 7.05
CA ILE B 390 1.36 -27.22 6.72
C ILE B 390 0.25 -26.17 6.65
N ILE B 391 -0.98 -26.58 6.30
CA ILE B 391 -2.01 -25.53 6.23
C ILE B 391 -2.58 -25.24 7.61
N LYS B 392 -2.85 -26.29 8.39
CA LYS B 392 -3.54 -26.09 9.66
C LYS B 392 -2.59 -25.69 10.78
N GLU B 393 -1.29 -25.85 10.61
CA GLU B 393 -0.31 -25.36 11.56
C GLU B 393 0.40 -24.11 11.07
N ASP B 394 -0.02 -23.58 9.91
CA ASP B 394 0.58 -22.39 9.31
C ASP B 394 2.11 -22.48 9.33
N ARG B 395 2.62 -23.57 8.76
CA ARG B 395 4.07 -23.73 8.64
C ARG B 395 4.63 -22.93 7.47
N LEU B 396 3.78 -22.55 6.52
CA LEU B 396 4.21 -21.72 5.39
C LEU B 396 4.74 -20.37 5.86
N GLN B 397 4.40 -19.95 7.08
CA GLN B 397 4.84 -18.63 7.60
C GLN B 397 6.35 -18.59 7.74
N LEU B 398 6.98 -19.74 7.94
CA LEU B 398 8.43 -19.76 8.23
C LEU B 398 9.25 -19.50 6.97
N LEU B 399 8.67 -19.67 5.79
CA LEU B 399 9.44 -19.56 4.53
C LEU B 399 9.87 -18.13 4.23
N ASP B 400 9.33 -17.15 4.96
CA ASP B 400 9.66 -15.74 4.67
C ASP B 400 10.64 -15.27 5.73
N ARG B 401 10.94 -16.15 6.68
CA ARG B 401 11.83 -15.79 7.80
C ARG B 401 13.28 -15.95 7.38
N PRO B 402 14.17 -15.08 7.87
CA PRO B 402 15.58 -15.17 7.53
C PRO B 402 16.32 -16.48 7.86
N GLU B 403 15.84 -17.25 8.83
CA GLU B 403 16.52 -18.51 9.27
C GLU B 403 16.23 -19.64 8.28
N LEU B 404 15.11 -19.55 7.57
CA LEU B 404 14.75 -20.58 6.59
C LEU B 404 15.44 -20.20 5.29
N ARG B 405 16.17 -19.09 5.26
CA ARG B 405 16.79 -18.56 4.02
C ARG B 405 18.28 -18.26 4.21
N THR B 406 18.89 -18.58 5.36
CA THR B 406 20.28 -18.23 5.60
C THR B 406 21.25 -19.30 5.13
N GLN B 407 20.99 -20.56 5.49
CA GLN B 407 21.83 -21.72 5.13
C GLN B 407 23.18 -21.68 5.87
N LEU C 46 33.14 13.65 -11.20
CA LEU C 46 32.38 13.07 -10.06
C LEU C 46 31.71 14.20 -9.30
N GLY C 47 32.47 15.24 -8.98
CA GLY C 47 31.92 16.42 -8.30
C GLY C 47 32.03 17.58 -9.24
N SER C 48 31.29 17.54 -10.35
CA SER C 48 31.26 18.70 -11.29
C SER C 48 30.18 19.62 -10.76
N THR C 49 29.59 19.27 -9.62
CA THR C 49 28.51 20.07 -9.02
C THR C 49 29.08 20.77 -7.80
N MET C 50 30.30 20.42 -7.42
CA MET C 50 30.93 20.99 -6.21
C MET C 50 30.97 22.51 -6.32
N PRO C 51 30.42 23.24 -5.33
CA PRO C 51 30.48 24.69 -5.34
C PRO C 51 31.90 25.17 -5.57
N PRO C 52 32.08 26.19 -6.42
CA PRO C 52 33.40 26.74 -6.66
C PRO C 52 34.23 27.22 -5.46
N ASN C 53 35.57 27.24 -5.58
CA ASN C 53 36.46 27.77 -4.53
C ASN C 53 36.32 26.98 -3.24
N TYR C 54 35.95 25.70 -3.33
CA TYR C 54 35.73 24.88 -2.11
C TYR C 54 36.63 23.65 -2.15
N VAL C 55 37.43 23.45 -1.10
CA VAL C 55 38.43 22.34 -1.11
C VAL C 55 37.90 21.15 -0.31
N ALA C 56 37.67 20.04 -1.00
CA ALA C 56 37.06 18.84 -0.38
C ALA C 56 37.13 17.62 -1.31
N ARG C 57 37.00 16.43 -0.74
CA ARG C 57 36.99 15.18 -1.52
C ARG C 57 35.53 14.88 -1.87
N VAL C 58 35.26 14.47 -3.11
CA VAL C 58 33.90 14.11 -3.46
C VAL C 58 33.54 12.82 -2.73
N GLY C 59 32.52 12.87 -1.88
CA GLY C 59 32.16 11.73 -1.09
C GLY C 59 31.53 10.61 -1.91
N GLN C 60 31.79 9.39 -1.47
CA GLN C 60 31.15 8.19 -2.01
C GLN C 60 30.39 7.57 -0.85
N LEU C 61 29.08 7.40 -1.03
CA LEU C 61 28.19 7.14 0.09
C LEU C 61 27.40 5.87 -0.17
N LYS C 62 27.03 5.21 0.92
CA LYS C 62 26.33 3.93 0.87
C LYS C 62 24.83 4.18 0.97
N THR C 63 24.11 3.87 -0.10
CA THR C 63 22.64 4.01 -0.09
C THR C 63 22.04 2.71 0.44
N PHE C 64 21.07 2.83 1.31
CA PHE C 64 20.40 1.65 1.90
C PHE C 64 18.93 1.73 1.51
N THR C 65 18.22 0.61 1.59
CA THR C 65 16.77 0.60 1.29
C THR C 65 16.07 0.28 2.60
N LEU C 66 15.18 1.16 3.03
CA LEU C 66 14.57 0.95 4.36
C LEU C 66 13.30 0.12 4.24
N PRO C 67 13.00 -0.75 5.22
CA PRO C 67 11.75 -1.48 5.20
C PRO C 67 10.56 -0.56 5.53
N GLU C 68 9.41 -0.81 4.91
CA GLU C 68 8.22 0.05 5.12
C GLU C 68 7.69 -0.15 6.54
N THR C 69 7.84 -1.37 7.08
CA THR C 69 7.32 -1.64 8.41
C THR C 69 8.33 -2.50 9.15
N ALA C 70 8.90 -1.96 10.23
CA ALA C 70 9.84 -2.71 11.06
C ALA C 70 9.22 -3.97 11.65
N THR C 71 10.07 -4.93 11.98
CA THR C 71 9.68 -6.11 12.75
C THR C 71 10.65 -6.34 13.90
N GLY C 72 11.95 -6.36 13.58
CA GLY C 72 12.99 -6.74 14.53
C GLY C 72 13.72 -8.00 14.15
N SER C 73 13.44 -8.55 12.97
CA SER C 73 14.04 -9.79 12.51
C SER C 73 15.54 -9.64 12.35
N PRO C 74 16.28 -10.76 12.30
CA PRO C 74 17.73 -10.67 12.03
C PRO C 74 18.08 -9.87 10.78
N SER C 75 17.17 -9.79 9.81
CA SER C 75 17.43 -8.98 8.63
C SER C 75 17.47 -7.50 8.99
N ASP C 76 16.60 -7.06 9.90
CA ASP C 76 16.63 -5.68 10.36
C ASP C 76 17.86 -5.40 11.22
N VAL C 77 18.24 -6.37 12.06
CA VAL C 77 19.39 -6.18 12.94
C VAL C 77 20.68 -6.03 12.13
N GLU C 78 20.82 -6.83 11.07
CA GLU C 78 21.98 -6.69 10.20
C GLU C 78 21.94 -5.35 9.48
N LEU C 79 20.77 -4.99 8.93
CA LEU C 79 20.61 -3.70 8.28
C LEU C 79 20.86 -2.55 9.25
N GLY C 80 20.33 -2.66 10.47
CA GLY C 80 20.57 -1.61 11.45
C GLY C 80 22.03 -1.46 11.80
N LYS C 81 22.72 -2.56 12.03
CA LYS C 81 24.16 -2.50 12.38
C LYS C 81 24.95 -1.92 11.21
N ALA C 82 24.56 -2.25 9.98
CA ALA C 82 25.34 -1.80 8.83
C ALA C 82 25.23 -0.30 8.64
N MET C 83 24.07 0.30 8.93
CA MET C 83 23.94 1.74 8.81
C MET C 83 24.71 2.46 9.91
N ILE C 84 24.76 1.89 11.10
CA ILE C 84 25.54 2.49 12.18
C ILE C 84 27.02 2.47 11.83
N ASN C 85 27.47 1.42 11.15
CA ASN C 85 28.86 1.39 10.68
C ASN C 85 29.08 2.42 9.57
N ALA C 86 28.04 2.71 8.79
CA ALA C 86 28.16 3.76 7.78
C ALA C 86 28.24 5.14 8.42
N TRP C 87 27.50 5.36 9.50
CA TRP C 87 27.56 6.65 10.19
C TRP C 87 28.84 6.84 10.98
N ARG C 88 29.48 5.75 11.41
CA ARG C 88 30.69 5.88 12.21
C ARG C 88 31.93 6.07 11.35
N GLU C 89 31.86 5.69 10.08
CA GLU C 89 32.94 5.92 9.13
C GLU C 89 32.73 7.16 8.29
N ASP C 90 31.51 7.43 7.85
CA ASP C 90 31.23 8.55 6.96
C ASP C 90 30.51 9.71 7.60
N GLY C 91 29.72 9.48 8.66
CA GLY C 91 28.96 10.54 9.27
C GLY C 91 27.65 10.86 8.59
N ILE C 92 27.41 10.31 7.41
CA ILE C 92 26.18 10.56 6.66
C ILE C 92 25.89 9.32 5.83
N LEU C 93 24.63 9.11 5.49
CA LEU C 93 24.25 7.99 4.63
C LEU C 93 23.04 8.40 3.80
N GLN C 94 22.82 7.66 2.72
CA GLN C 94 21.68 7.88 1.84
C GLN C 94 20.65 6.78 2.03
N VAL C 95 19.38 7.13 1.83
CA VAL C 95 18.27 6.18 1.91
C VAL C 95 17.45 6.29 0.63
N SER C 96 17.07 5.15 0.07
CA SER C 96 16.30 5.14 -1.16
C SER C 96 14.86 5.57 -0.90
N MET C 97 14.30 6.35 -1.84
CA MET C 97 12.93 6.82 -1.76
C MET C 97 12.02 5.89 -2.54
N SER C 98 10.88 5.52 -1.95
CA SER C 98 9.86 4.84 -2.71
C SER C 98 9.27 5.83 -3.72
N PRO C 99 8.60 5.33 -4.76
CA PRO C 99 8.02 6.26 -5.75
C PRO C 99 7.09 7.30 -5.15
N ARG C 100 6.34 6.92 -4.11
CA ARG C 100 5.44 7.89 -3.41
C ARG C 100 6.28 8.93 -2.69
N GLN C 101 7.31 8.50 -1.99
CA GLN C 101 8.17 9.44 -1.28
C GLN C 101 8.85 10.40 -2.25
N GLN C 102 9.21 9.92 -3.44
CA GLN C 102 9.82 10.79 -4.42
C GLN C 102 8.82 11.81 -4.98
N ALA C 103 7.53 11.48 -4.93
CA ALA C 103 6.53 12.39 -5.46
C ALA C 103 6.08 13.42 -4.43
N LEU C 104 5.95 13.02 -3.17
CA LEU C 104 5.67 13.98 -2.12
C LEU C 104 6.81 14.99 -1.99
N PHE C 105 8.05 14.53 -2.23
CA PHE C 105 9.18 15.42 -2.22
C PHE C 105 9.13 16.39 -3.40
N GLU C 106 8.69 15.89 -4.56
CA GLU C 106 8.61 16.75 -5.74
C GLU C 106 7.48 17.76 -5.62
N ASN C 107 6.35 17.35 -5.03
CA ASN C 107 5.27 18.30 -4.76
C ASN C 107 5.73 19.38 -3.77
N ALA C 108 6.50 18.97 -2.76
CA ALA C 108 7.01 19.94 -1.79
C ALA C 108 8.06 20.84 -2.41
N SER C 109 8.84 20.32 -3.38
CA SER C 109 9.82 21.16 -4.05
C SER C 109 9.15 22.22 -4.90
N ALA C 110 7.99 21.90 -5.49
CA ALA C 110 7.24 22.90 -6.23
C ALA C 110 6.64 23.94 -5.31
N ALA C 111 6.05 23.48 -4.19
CA ALA C 111 5.51 24.40 -3.20
C ALA C 111 6.60 25.30 -2.64
N SER C 112 7.82 24.76 -2.49
CA SER C 112 8.92 25.57 -1.97
C SER C 112 9.29 26.68 -2.94
N LYS C 113 9.46 26.33 -4.23
CA LYS C 113 9.75 27.34 -5.23
C LYS C 113 8.59 28.32 -5.36
N ARG C 114 7.36 27.86 -5.17
CA ARG C 114 6.22 28.77 -5.29
C ARG C 114 6.22 29.80 -4.17
N PHE C 115 6.51 29.39 -2.94
CA PHE C 115 6.56 30.33 -1.84
C PHE C 115 7.64 31.38 -2.07
N PHE C 116 8.87 30.94 -2.36
CA PHE C 116 9.98 31.88 -2.52
C PHE C 116 9.81 32.78 -3.74
N ALA C 117 8.94 32.42 -4.68
CA ALA C 117 8.65 33.30 -5.79
C ALA C 117 7.62 34.36 -5.45
N MET C 118 7.03 34.30 -4.26
CA MET C 118 6.10 35.32 -3.82
C MET C 118 6.87 36.63 -3.57
N PRO C 119 6.17 37.76 -3.60
CA PRO C 119 6.85 39.04 -3.41
C PRO C 119 7.45 39.14 -2.03
N PRO C 120 8.53 39.91 -1.87
CA PRO C 120 9.22 40.00 -0.57
C PRO C 120 8.35 40.43 0.61
N ASN C 121 7.28 41.19 0.40
CA ASN C 121 6.47 41.60 1.55
C ASN C 121 5.39 40.60 1.89
N GLN C 122 4.97 39.79 0.94
CA GLN C 122 4.10 38.66 1.26
C GLN C 122 4.86 37.60 2.05
N LYS C 123 6.17 37.51 1.83
CA LYS C 123 7.00 36.56 2.59
C LYS C 123 7.25 37.07 4.00
N ALA C 124 7.56 38.36 4.14
CA ALA C 124 7.81 38.94 5.45
C ALA C 124 6.59 38.87 6.36
N ALA C 125 5.38 38.75 5.80
CA ALA C 125 4.18 38.70 6.62
C ALA C 125 3.93 37.33 7.23
N CYS C 126 4.81 36.36 7.00
CA CYS C 126 4.63 35.01 7.52
C CYS C 126 5.48 34.84 8.78
N VAL C 127 5.00 35.49 9.84
CA VAL C 127 5.64 35.45 11.15
C VAL C 127 4.55 35.34 12.19
N ASP C 128 4.78 34.52 13.21
CA ASP C 128 3.84 34.35 14.30
C ASP C 128 4.50 34.79 15.59
N THR C 129 3.68 35.31 16.51
CA THR C 129 4.20 35.81 17.79
C THR C 129 4.36 34.73 18.83
N GLN C 130 3.78 33.56 18.60
CA GLN C 130 3.81 32.48 19.60
C GLN C 130 4.60 31.29 19.06
N SER C 131 4.75 31.20 17.75
CA SER C 131 5.46 30.08 17.09
C SER C 131 6.66 30.63 16.32
N TYR C 132 7.72 29.85 16.27
CA TYR C 132 8.94 30.28 15.52
C TYR C 132 8.79 29.84 14.07
N ALA C 133 7.63 29.31 13.69
CA ALA C 133 7.43 28.97 12.29
C ALA C 133 7.30 30.24 11.44
N GLY C 134 7.75 30.15 10.20
CA GLY C 134 7.59 31.24 9.27
C GLY C 134 8.89 31.57 8.58
N TYR C 135 8.91 32.77 7.99
CA TYR C 135 10.03 33.19 7.09
C TYR C 135 11.17 33.91 7.76
N ILE C 136 12.39 33.50 7.43
CA ILE C 136 13.60 34.22 7.92
C ILE C 136 14.48 34.49 6.71
N ALA C 137 14.91 35.73 6.55
CA ALA C 137 15.85 36.05 5.47
C ALA C 137 17.11 36.63 6.10
N SER C 138 18.23 36.49 5.41
CA SER C 138 19.50 37.12 5.85
C SER C 138 19.70 38.23 4.85
N GLY C 139 18.73 38.39 3.96
CA GLY C 139 18.87 39.35 2.85
C GLY C 139 17.87 40.50 2.99
N GLU C 140 18.28 41.68 2.53
CA GLU C 140 17.40 42.86 2.55
C GLU C 140 17.55 43.55 1.19
N ASP C 148 19.25 35.97 -4.51
CA ASP C 148 18.92 37.16 -3.69
C ASP C 148 19.61 37.03 -2.34
N TYR C 149 19.13 36.09 -1.50
CA TYR C 149 19.68 35.94 -0.14
C TYR C 149 19.39 34.56 0.41
N SER C 150 19.97 34.21 1.57
CA SER C 150 19.67 32.91 2.22
C SER C 150 18.31 33.04 2.91
N GLU C 151 17.28 32.45 2.32
CA GLU C 151 15.92 32.55 2.89
C GLU C 151 15.48 31.19 3.42
N ILE C 152 14.74 31.17 4.54
CA ILE C 152 14.27 29.89 5.15
C ILE C 152 12.82 29.99 5.67
N PHE C 153 12.02 28.96 5.46
CA PHE C 153 10.66 28.88 6.07
C PHE C 153 10.67 27.71 7.04
N THR C 154 10.55 28.00 8.34
CA THR C 154 10.53 26.94 9.39
C THR C 154 9.11 26.46 9.63
N VAL C 155 8.91 25.15 9.73
CA VAL C 155 7.61 24.57 10.06
C VAL C 155 7.77 23.83 11.37
N THR C 156 7.27 24.40 12.45
CA THR C 156 7.20 23.69 13.72
C THR C 156 5.80 23.09 13.83
N LYS C 157 5.47 22.57 15.01
CA LYS C 157 4.18 21.90 15.20
C LYS C 157 3.04 22.91 15.05
N ASP C 158 2.16 22.65 14.09
CA ASP C 158 1.05 23.54 13.76
C ASP C 158 -0.08 23.33 14.75
N LEU C 159 -0.18 24.20 15.76
CA LEU C 159 -1.19 24.09 16.80
C LEU C 159 -2.10 25.32 16.79
N PRO C 160 -3.41 25.15 16.67
CA PRO C 160 -4.32 26.31 16.62
C PRO C 160 -4.36 27.06 17.95
N LEU C 161 -4.92 28.28 17.87
CA LEU C 161 -4.97 29.18 19.02
C LEU C 161 -5.66 28.57 20.24
N ASP C 162 -6.68 27.75 20.03
CA ASP C 162 -7.43 27.19 21.15
C ASP C 162 -6.91 25.85 21.62
N GLU C 163 -5.74 25.43 21.14
CA GLU C 163 -5.16 24.18 21.60
C GLU C 163 -4.65 24.35 23.02
N PRO C 164 -4.88 23.37 23.91
CA PRO C 164 -4.53 23.56 25.33
C PRO C 164 -3.14 24.12 25.58
N ARG C 165 -2.15 23.67 24.81
CA ARG C 165 -0.79 24.15 25.02
C ARG C 165 -0.61 25.58 24.54
N VAL C 166 -1.43 26.02 23.58
CA VAL C 166 -1.34 27.40 23.11
C VAL C 166 -2.05 28.34 24.08
N GLU C 167 -3.20 27.91 24.63
CA GLU C 167 -3.88 28.74 25.62
C GLU C 167 -3.04 28.91 26.88
N ALA C 168 -2.31 27.87 27.26
CA ALA C 168 -1.43 27.95 28.41
C ALA C 168 -0.16 28.74 28.12
N LYS C 169 -0.01 29.22 26.89
CA LYS C 169 1.09 30.09 26.49
C LYS C 169 2.44 29.39 26.64
N TRP C 170 2.47 28.10 26.31
CA TRP C 170 3.74 27.38 26.30
C TRP C 170 4.68 28.01 25.28
N PRO C 171 5.95 28.23 25.63
CA PRO C 171 6.87 28.84 24.66
C PRO C 171 6.99 27.99 23.40
N CYS C 172 7.13 28.66 22.26
CA CYS C 172 7.35 28.01 20.93
C CYS C 172 6.09 27.37 20.35
N HIS C 173 5.02 27.21 21.13
CA HIS C 173 3.79 26.51 20.65
C HIS C 173 2.88 27.50 19.93
N GLY C 174 2.26 27.09 18.84
CA GLY C 174 1.46 28.09 18.13
C GLY C 174 1.20 27.75 16.69
N PRO C 175 0.32 28.52 16.02
CA PRO C 175 -0.02 28.27 14.64
C PRO C 175 1.05 28.58 13.58
N CYS C 176 1.27 27.67 12.62
CA CYS C 176 2.20 28.00 11.56
C CYS C 176 1.57 29.00 10.60
N PRO C 177 2.30 30.03 10.20
CA PRO C 177 1.71 31.07 9.32
C PRO C 177 1.82 30.74 7.84
N TRP C 178 0.99 29.79 7.38
CA TRP C 178 0.97 29.48 5.96
C TRP C 178 0.38 30.63 5.17
N PRO C 179 0.88 30.89 3.96
CA PRO C 179 0.20 31.86 3.09
C PRO C 179 -1.12 31.36 2.52
N ASP C 180 -1.32 30.04 2.42
CA ASP C 180 -2.55 29.44 1.93
C ASP C 180 -2.43 27.91 2.04
N VAL C 181 -3.54 27.22 1.76
CA VAL C 181 -3.51 25.76 1.71
C VAL C 181 -2.73 25.24 0.52
N ASP C 182 -2.37 26.12 -0.42
CA ASP C 182 -1.59 25.70 -1.58
C ASP C 182 -0.15 25.38 -1.22
N MET C 183 0.30 25.78 -0.04
CA MET C 183 1.59 25.40 0.49
C MET C 183 1.49 24.46 1.68
N ARG C 184 0.46 24.65 2.51
CA ARG C 184 0.27 23.81 3.69
C ARG C 184 0.08 22.34 3.32
N THR C 185 -0.85 22.06 2.40
CA THR C 185 -1.17 20.66 2.07
C THR C 185 0.03 19.88 1.55
N PRO C 186 0.78 20.33 0.53
CA PRO C 186 1.96 19.54 0.11
C PRO C 186 3.01 19.41 1.19
N ILE C 187 3.27 20.47 1.95
CA ILE C 187 4.34 20.44 2.95
C ILE C 187 3.98 19.50 4.10
N GLN C 188 2.75 19.56 4.56
CA GLN C 188 2.30 18.66 5.65
C GLN C 188 2.52 17.23 5.21
N GLN C 189 1.99 16.87 4.05
CA GLN C 189 2.11 15.50 3.57
C GLN C 189 3.56 15.09 3.40
N TYR C 190 4.44 16.04 3.07
CA TYR C 190 5.86 15.72 2.98
C TYR C 190 6.46 15.42 4.35
N MET C 191 5.99 16.13 5.39
CA MET C 191 6.53 15.91 6.73
C MET C 191 5.97 14.63 7.35
N ASP C 192 4.75 14.24 6.98
CA ASP C 192 4.19 12.99 7.51
C ASP C 192 4.93 11.79 6.94
N SER C 193 5.43 11.90 5.70
CA SER C 193 6.25 10.84 5.14
C SER C 193 7.64 10.84 5.74
N LEU C 194 8.22 12.04 5.92
CA LEU C 194 9.54 12.12 6.54
C LEU C 194 9.50 11.60 7.97
N GLY C 195 8.37 11.76 8.65
CA GLY C 195 8.23 11.20 9.98
C GLY C 195 8.15 9.68 9.97
N LYS C 196 7.42 9.11 9.00
CA LYS C 196 7.35 7.67 8.87
C LYS C 196 8.73 7.08 8.60
N SER C 197 9.57 7.84 7.92
CA SER C 197 10.95 7.38 7.62
C SER C 197 11.85 7.50 8.85
N GLY C 198 11.65 8.52 9.68
CA GLY C 198 12.51 8.76 10.85
C GLY C 198 12.20 7.80 11.97
N GLU C 199 10.93 7.43 12.11
CA GLU C 199 10.55 6.42 13.11
C GLU C 199 11.15 5.08 12.69
N THR C 200 11.26 4.86 11.39
CA THR C 200 11.93 3.65 10.89
C THR C 200 13.39 3.71 11.26
N LEU C 201 13.98 4.87 11.00
CA LEU C 201 15.44 5.01 11.18
C LEU C 201 15.83 4.83 12.66
N LEU C 202 14.95 5.24 13.59
CA LEU C 202 15.26 5.15 15.03
C LEU C 202 15.08 3.72 15.50
N GLN C 203 14.09 3.04 14.95
CA GLN C 203 13.85 1.60 15.28
C GLN C 203 15.07 0.81 14.84
N MET C 204 15.64 1.14 13.69
CA MET C 204 16.87 0.47 13.21
C MET C 204 18.07 0.78 14.13
N ILE C 205 18.25 2.03 14.55
CA ILE C 205 19.33 2.37 15.47
C ILE C 205 19.17 1.63 16.79
N GLU C 206 17.92 1.43 17.24
CA GLU C 206 17.68 0.64 18.43
C GLU C 206 18.17 -0.78 18.26
N TYR C 207 17.89 -1.37 17.08
CA TYR C 207 18.31 -2.74 16.81
C TYR C 207 19.83 -2.82 16.65
N GLY C 208 20.44 -1.80 16.04
CA GLY C 208 21.87 -1.86 15.74
C GLY C 208 22.77 -1.59 16.93
N LEU C 209 22.25 -0.92 17.96
CA LEU C 209 22.97 -0.69 19.20
C LEU C 209 22.53 -1.61 20.32
N SER C 210 21.64 -2.56 20.02
CA SER C 210 21.11 -3.50 21.01
C SER C 210 20.55 -2.75 22.21
N LEU C 211 19.93 -1.60 21.94
CA LEU C 211 19.28 -0.82 22.98
C LEU C 211 18.00 -1.50 23.45
N HIS C 212 17.57 -1.13 24.65
CA HIS C 212 16.27 -1.58 25.13
C HIS C 212 15.18 -1.15 24.18
N PRO C 213 14.23 -2.03 23.83
CA PRO C 213 13.18 -1.66 22.89
C PRO C 213 12.49 -0.35 23.27
N ASP C 214 12.27 0.49 22.27
CA ASP C 214 11.60 1.79 22.37
C ASP C 214 12.43 2.83 23.13
N THR C 215 13.74 2.62 23.25
CA THR C 215 14.57 3.62 23.91
C THR C 215 14.49 4.96 23.19
N LEU C 216 14.39 4.95 21.87
CA LEU C 216 14.29 6.17 21.08
C LEU C 216 12.89 6.52 20.64
N THR C 217 12.07 5.51 20.36
CA THR C 217 10.70 5.76 19.83
C THR C 217 9.78 6.37 20.89
N SER C 218 10.05 6.13 22.17
CA SER C 218 9.22 6.65 23.27
C SER C 218 9.36 8.16 23.33
N LEU C 219 10.53 8.66 22.98
CA LEU C 219 10.79 10.10 23.10
C LEU C 219 10.12 10.83 21.95
N THR C 220 9.89 10.16 20.83
CA THR C 220 9.38 10.84 19.62
C THR C 220 7.87 10.74 19.54
N LYS C 221 7.26 10.28 20.61
CA LYS C 221 5.79 10.25 20.64
C LYS C 221 5.39 11.71 20.80
N ASP C 222 4.56 12.23 19.88
CA ASP C 222 4.25 13.67 19.84
C ASP C 222 5.56 14.41 19.71
N GLY C 223 6.45 13.87 18.90
CA GLY C 223 7.74 14.55 18.84
C GLY C 223 7.63 15.92 18.21
N TRP C 224 8.56 16.79 18.58
CA TRP C 224 8.59 18.17 18.11
C TRP C 224 9.31 18.28 16.76
N HIS C 225 8.92 17.45 15.79
CA HIS C 225 9.59 17.44 14.50
C HIS C 225 9.36 18.77 13.79
N HIS C 226 10.40 19.29 13.16
CA HIS C 226 10.26 20.54 12.41
C HIS C 226 11.06 20.45 11.12
N LEU C 227 10.58 21.19 10.12
CA LEU C 227 11.13 21.20 8.77
C LEU C 227 11.67 22.58 8.42
N ARG C 228 12.84 22.59 7.80
CA ARG C 228 13.48 23.83 7.33
C ARG C 228 13.47 23.84 5.81
N ILE C 229 12.62 24.65 5.20
CA ILE C 229 12.59 24.80 3.72
C ILE C 229 13.69 25.80 3.36
N LEU C 230 14.75 25.33 2.71
CA LEU C 230 15.92 26.21 2.46
C LEU C 230 16.03 26.67 1.01
N ARG C 231 16.56 27.87 0.81
CA ARG C 231 16.85 28.39 -0.54
C ARG C 231 18.18 29.13 -0.41
N PHE C 232 19.11 28.82 -1.29
CA PHE C 232 20.44 29.47 -1.23
C PHE C 232 20.66 30.39 -2.45
N PRO C 233 21.20 31.64 -2.35
CA PRO C 233 21.49 32.45 -3.55
C PRO C 233 22.72 32.00 -4.38
N GLN C 234 22.96 32.63 -5.52
CA GLN C 234 24.13 32.30 -6.37
C GLN C 234 25.40 32.97 -5.85
N ASN C 235 26.56 32.43 -6.18
CA ASN C 235 27.85 33.01 -5.73
C ASN C 235 28.04 34.35 -6.45
N ASN C 236 27.21 34.61 -7.47
CA ASN C 236 27.33 35.84 -8.27
C ASN C 236 26.03 36.63 -8.15
N THR C 238 24.31 37.93 -6.10
CA THR C 238 23.83 38.09 -4.70
C THR C 238 24.96 38.56 -3.77
N ASN C 239 24.68 39.60 -2.97
CA ASN C 239 25.69 40.14 -2.01
C ASN C 239 26.16 39.02 -1.07
N GLY C 240 25.26 38.45 -0.26
CA GLY C 240 25.73 37.44 0.71
C GLY C 240 24.62 36.51 1.19
N ARG C 241 24.99 35.46 1.93
CA ARG C 241 24.01 34.54 2.55
C ARG C 241 24.52 34.30 3.98
N GLY C 242 23.69 34.53 5.00
CA GLY C 242 24.12 34.42 6.42
C GLY C 242 25.33 35.29 6.75
N LYS C 243 26.16 34.86 7.70
CA LYS C 243 27.31 35.69 8.14
C LYS C 243 28.55 34.84 8.41
N LYS C 244 28.68 33.68 7.74
CA LYS C 244 29.91 32.84 7.85
C LYS C 244 30.12 32.16 6.51
N GLY C 245 31.34 31.71 6.23
CA GLY C 245 31.65 31.00 4.95
C GLY C 245 30.88 31.71 3.82
N ARG C 246 30.07 30.96 3.08
CA ARG C 246 29.33 31.56 1.93
C ARG C 246 27.83 31.41 2.13
N GLY C 247 27.36 30.18 2.32
CA GLY C 247 25.92 29.92 2.55
C GLY C 247 25.59 29.71 4.01
N ILE C 248 26.03 28.61 4.60
CA ILE C 248 25.89 28.43 6.06
C ILE C 248 27.23 27.90 6.52
N GLY C 249 27.72 28.37 7.67
CA GLY C 249 29.07 27.99 8.09
C GLY C 249 29.06 26.67 8.81
N SER C 250 30.22 26.24 9.28
CA SER C 250 30.33 24.95 9.99
C SER C 250 29.53 24.95 11.28
N HIS C 251 28.86 24.01 11.65
CA HIS C 251 28.07 23.86 12.88
C HIS C 251 27.61 22.41 13.01
N THR C 252 26.93 21.98 13.96
CA THR C 252 26.36 20.64 14.17
C THR C 252 24.86 20.88 14.37
N ASP C 253 24.10 19.86 14.14
CA ASP C 253 22.63 19.99 14.35
C ASP C 253 22.31 19.72 15.81
N TYR C 254 21.28 20.47 16.30
CA TYR C 254 20.98 20.39 17.75
C TYR C 254 19.98 19.30 18.07
N GLY C 255 19.57 18.54 17.07
CA GLY C 255 18.49 17.60 17.27
C GLY C 255 18.91 16.15 17.29
N LEU C 256 17.92 15.28 17.14
CA LEU C 256 18.14 13.84 17.18
C LEU C 256 18.57 13.31 15.82
N LEU C 257 17.69 13.42 14.82
CA LEU C 257 17.95 12.93 13.47
C LEU C 257 17.63 14.00 12.46
N VAL C 258 18.45 14.06 11.41
CA VAL C 258 18.28 15.01 10.32
C VAL C 258 18.19 14.24 9.00
N ILE C 259 17.05 14.35 8.33
CA ILE C 259 16.89 13.85 6.97
C ILE C 259 17.00 15.04 6.02
N ALA C 260 17.98 14.97 5.11
CA ALA C 260 18.34 16.12 4.28
C ALA C 260 18.15 15.76 2.80
N ALA C 261 17.29 16.53 2.13
CA ALA C 261 16.97 16.33 0.72
C ALA C 261 17.42 17.57 -0.05
N GLN C 262 17.89 17.36 -1.27
CA GLN C 262 18.45 18.50 -2.05
C GLN C 262 18.05 18.43 -3.51
N ASP C 263 18.40 19.47 -4.25
CA ASP C 263 18.09 19.53 -5.71
C ASP C 263 19.40 19.18 -6.44
N GLU C 264 19.49 19.49 -7.72
CA GLU C 264 20.67 19.09 -8.54
C GLU C 264 21.83 20.06 -8.57
N VAL C 265 21.71 21.18 -7.87
CA VAL C 265 22.76 22.23 -7.92
C VAL C 265 23.96 21.84 -7.06
N GLY C 266 23.80 21.73 -5.74
CA GLY C 266 24.90 21.31 -4.85
C GLY C 266 25.40 22.40 -3.93
N GLY C 267 25.84 22.02 -2.73
CA GLY C 267 26.40 22.97 -1.73
C GLY C 267 26.75 22.37 -0.38
N LEU C 268 26.27 21.17 -0.05
CA LEU C 268 26.46 20.55 1.30
C LEU C 268 27.81 19.87 1.47
N PHE C 269 28.52 20.25 2.53
CA PHE C 269 29.81 19.62 2.85
C PHE C 269 29.70 19.10 4.28
N ILE C 270 30.27 17.93 4.57
CA ILE C 270 30.26 17.31 5.89
C ILE C 270 31.68 16.95 6.28
N ARG C 271 31.91 16.88 7.60
CA ARG C 271 33.22 16.42 8.12
C ARG C 271 32.97 15.06 8.75
N PRO C 272 33.54 13.97 8.22
CA PRO C 272 33.33 12.64 8.74
C PRO C 272 33.85 12.47 10.17
N PRO C 273 33.32 11.52 10.96
CA PRO C 273 33.83 11.25 12.30
C PRO C 273 35.33 10.90 12.34
N ALA C 274 36.07 11.38 13.33
CA ALA C 274 37.54 11.22 13.39
C ALA C 274 37.96 9.76 13.57
N ASP C 275 38.78 9.24 12.64
CA ASP C 275 39.15 7.80 12.70
C ASP C 275 40.67 7.63 12.55
N ARG C 295 39.05 18.20 6.55
CA ARG C 295 38.51 16.84 6.34
C ARG C 295 37.10 16.92 5.74
N TRP C 296 36.78 17.99 5.02
CA TRP C 296 35.43 18.21 4.45
C TRP C 296 35.12 17.28 3.27
N VAL C 297 33.91 16.74 3.22
CA VAL C 297 33.49 15.82 2.13
C VAL C 297 32.30 16.47 1.42
N TYR C 298 32.29 16.46 0.10
CA TYR C 298 31.14 16.98 -0.66
C TYR C 298 30.08 15.91 -0.85
N VAL C 299 28.88 16.13 -0.33
CA VAL C 299 27.74 15.24 -0.55
C VAL C 299 27.15 15.53 -1.92
N PRO C 300 27.32 14.64 -2.90
CA PRO C 300 26.82 14.92 -4.25
C PRO C 300 25.31 14.75 -4.33
N PRO C 301 24.64 15.50 -5.20
CA PRO C 301 23.19 15.35 -5.36
C PRO C 301 22.82 14.13 -6.18
N VAL C 302 22.53 13.02 -5.51
CA VAL C 302 22.10 11.79 -6.18
C VAL C 302 20.57 11.79 -6.27
N PRO C 303 20.00 11.50 -7.44
CA PRO C 303 18.54 11.47 -7.55
C PRO C 303 17.93 10.27 -6.86
N GLY C 304 16.72 10.45 -6.36
CA GLY C 304 15.96 9.36 -5.78
C GLY C 304 16.29 9.02 -4.34
N VAL C 305 17.22 9.74 -3.70
CA VAL C 305 17.62 9.45 -2.34
C VAL C 305 17.59 10.72 -1.49
N PHE C 306 17.43 10.53 -0.19
CA PHE C 306 17.67 11.56 0.79
C PHE C 306 18.77 11.10 1.73
N THR C 307 19.46 12.06 2.33
CA THR C 307 20.57 11.79 3.22
C THR C 307 20.16 11.89 4.68
N VAL C 308 20.82 11.10 5.52
CA VAL C 308 20.54 11.06 6.96
C VAL C 308 21.86 11.18 7.71
N PHE C 309 21.93 12.12 8.65
CA PHE C 309 23.04 12.25 9.57
C PHE C 309 22.50 12.66 10.94
N PRO C 310 23.17 12.26 12.01
CA PRO C 310 22.64 12.53 13.36
C PRO C 310 23.12 13.85 13.93
N GLY C 311 22.45 14.27 15.01
CA GLY C 311 22.72 15.56 15.63
C GLY C 311 23.24 15.49 17.05
N ASP C 312 23.22 16.62 17.76
CA ASP C 312 23.85 16.72 19.07
C ASP C 312 23.15 15.86 20.12
N ILE C 313 21.82 15.75 20.06
CA ILE C 313 21.11 14.98 21.08
C ILE C 313 21.42 13.50 20.95
N MET C 314 21.50 13.00 19.70
CA MET C 314 21.86 11.60 19.51
C MET C 314 23.27 11.34 20.00
N GLN C 315 24.20 12.26 19.72
CA GLN C 315 25.57 12.12 20.20
C GLN C 315 25.62 12.11 21.72
N PHE C 316 24.71 12.82 22.36
CA PHE C 316 24.68 12.85 23.84
C PHE C 316 24.31 11.48 24.40
N MET C 317 23.35 10.79 23.80
CA MET C 317 22.86 9.53 24.38
C MET C 317 23.81 8.37 24.04
N THR C 318 24.74 8.57 23.13
CA THR C 318 25.60 7.45 22.66
C THR C 318 27.08 7.62 23.03
N ASN C 319 27.44 8.62 23.82
CA ASN C 319 28.88 8.92 24.10
C ASN C 319 29.61 9.03 22.77
N SER C 320 29.04 9.77 21.82
CA SER C 320 29.70 10.00 20.51
C SER C 320 29.97 8.70 19.74
N TYR C 321 29.29 7.60 20.07
CA TYR C 321 29.44 6.37 19.25
C TYR C 321 28.80 6.72 17.92
N LEU C 322 27.57 7.21 17.98
CA LEU C 322 26.96 7.75 16.75
C LEU C 322 27.32 9.23 16.76
N PRO C 323 27.89 9.80 15.69
CA PRO C 323 28.36 11.17 15.73
C PRO C 323 27.37 12.33 15.59
N SER C 324 27.90 13.55 15.57
CA SER C 324 27.06 14.73 15.25
C SER C 324 27.80 15.39 14.09
N THR C 325 27.50 14.96 12.87
CA THR C 325 28.23 15.44 11.68
C THR C 325 28.29 16.96 11.61
N PRO C 326 29.50 17.55 11.64
CA PRO C 326 29.64 18.97 11.43
C PRO C 326 29.37 19.19 9.95
N HIS C 327 28.55 20.19 9.60
CA HIS C 327 28.17 20.37 8.18
C HIS C 327 28.11 21.85 7.80
N LYS C 328 28.26 22.15 6.51
CA LYS C 328 28.25 23.54 6.03
C LYS C 328 27.74 23.57 4.59
N VAL C 329 27.17 24.69 4.16
CA VAL C 329 26.66 24.83 2.77
C VAL C 329 27.38 25.99 2.08
N GLY C 330 27.88 25.76 0.87
CA GLY C 330 28.53 26.82 0.11
C GLY C 330 27.70 27.25 -1.09
N LEU C 331 27.88 28.49 -1.51
CA LEU C 331 27.06 29.01 -2.62
C LEU C 331 27.61 28.50 -3.94
N ASN C 332 26.73 28.06 -4.83
CA ASN C 332 27.15 27.54 -6.15
C ASN C 332 26.88 28.59 -7.21
N THR C 333 26.89 28.19 -8.48
CA THR C 333 26.72 29.13 -9.60
C THR C 333 25.23 29.35 -9.80
N ARG C 334 24.42 28.39 -9.39
CA ARG C 334 22.95 28.49 -9.54
C ARG C 334 22.33 28.61 -8.15
N GLU C 335 21.05 28.99 -8.08
CA GLU C 335 20.37 29.03 -6.77
C GLU C 335 20.09 27.59 -6.35
N ARG C 336 20.15 27.33 -5.06
CA ARG C 336 19.96 25.94 -4.59
C ARG C 336 18.75 25.89 -3.67
N PHE C 337 17.91 24.88 -3.85
CA PHE C 337 16.72 24.68 -3.00
C PHE C 337 16.96 23.37 -2.25
N ALA C 338 16.56 23.29 -0.99
CA ALA C 338 16.85 22.09 -0.21
C ALA C 338 15.87 21.95 0.95
N PHE C 339 16.07 20.91 1.76
CA PHE C 339 15.13 20.60 2.85
C PHE C 339 15.90 19.92 3.97
N ALA C 340 15.71 20.37 5.21
CA ALA C 340 16.33 19.70 6.36
C ALA C 340 15.24 19.35 7.36
N TYR C 341 14.96 18.06 7.51
CA TYR C 341 13.90 17.60 8.44
C TYR C 341 14.54 17.17 9.72
N PHE C 342 13.90 17.52 10.82
CA PHE C 342 14.43 17.17 12.14
C PHE C 342 13.46 16.22 12.82
N HIS C 343 13.80 14.93 12.89
CA HIS C 343 12.98 13.97 13.66
C HIS C 343 13.40 14.17 15.11
N GLU C 344 12.55 14.77 15.92
CA GLU C 344 13.00 15.18 17.25
C GLU C 344 12.19 14.57 18.37
N PRO C 345 12.68 14.61 19.62
CA PRO C 345 11.89 14.19 20.75
C PRO C 345 10.74 15.15 21.01
N SER C 346 9.88 14.82 21.96
CA SER C 346 8.75 15.71 22.33
C SER C 346 9.29 16.93 23.06
N PHE C 347 8.54 18.02 23.04
CA PHE C 347 8.91 19.20 23.82
C PHE C 347 8.92 18.80 25.30
N GLN C 348 8.09 17.85 25.69
CA GLN C 348 7.94 17.47 27.12
C GLN C 348 8.83 16.30 27.47
N ALA C 349 9.79 15.99 26.63
CA ALA C 349 10.69 14.85 26.87
C ALA C 349 11.95 15.27 27.60
N VAL C 350 12.39 14.46 28.55
CA VAL C 350 13.67 14.70 29.26
C VAL C 350 14.57 13.55 28.84
N VAL C 351 15.47 13.80 27.89
CA VAL C 351 16.34 12.71 27.36
C VAL C 351 17.44 12.32 28.34
N SER C 352 17.53 11.03 28.67
CA SER C 352 18.57 10.49 29.56
C SER C 352 19.57 9.73 28.66
N PRO C 353 20.86 9.69 29.03
CA PRO C 353 21.83 8.94 28.23
C PRO C 353 21.82 7.41 28.41
N VAL C 354 22.33 6.68 27.41
CA VAL C 354 22.46 5.20 27.53
C VAL C 354 23.73 4.89 28.30
N ALA C 355 23.59 4.32 29.49
CA ALA C 355 24.75 4.02 30.35
C ALA C 355 25.67 3.00 29.68
N LYS C 356 25.11 1.99 28.97
CA LYS C 356 25.91 0.95 28.30
C LYS C 356 26.95 1.59 27.37
N LEU C 357 26.60 2.71 26.72
CA LEU C 357 27.50 3.35 25.73
C LEU C 357 28.42 4.34 26.45
N TYR C 358 28.12 4.63 27.72
CA TYR C 358 28.98 5.50 28.55
C TYR C 358 29.76 4.58 29.48
N ASP C 359 30.00 3.35 29.03
CA ASP C 359 30.80 2.35 29.77
C ASP C 359 30.32 2.17 31.22
N GLY C 360 29.04 2.36 31.48
CA GLY C 360 28.50 2.12 32.83
C GLY C 360 28.27 3.39 33.61
N GLN C 361 28.93 4.48 33.25
CA GLN C 361 28.86 5.73 34.06
C GLN C 361 28.24 6.87 33.27
N PRO C 362 26.93 7.13 33.41
CA PRO C 362 26.31 8.25 32.73
C PRO C 362 26.58 9.57 33.47
N PRO C 363 26.66 10.71 32.76
CA PRO C 363 26.93 12.00 33.37
C PRO C 363 25.92 12.45 34.43
N VAL C 364 24.66 12.03 34.31
CA VAL C 364 23.58 12.39 35.29
C VAL C 364 22.81 13.56 34.71
N GLU C 365 23.40 14.21 33.70
CA GLU C 365 22.72 15.33 33.03
C GLU C 365 21.66 14.75 32.13
N LYS C 366 20.50 15.39 32.08
CA LYS C 366 19.42 14.98 31.17
C LYS C 366 19.03 16.23 30.39
N ILE C 367 18.35 16.07 29.27
CA ILE C 367 18.03 17.25 28.41
C ILE C 367 16.52 17.40 28.27
N HIS C 368 15.94 18.43 28.88
CA HIS C 368 14.52 18.75 28.61
C HIS C 368 14.53 19.33 27.20
N TYR C 369 14.00 18.61 26.22
CA TYR C 369 14.10 19.05 24.84
C TYR C 369 13.46 20.42 24.64
N GLY C 370 12.37 20.70 25.36
CA GLY C 370 11.73 21.99 25.24
C GLY C 370 12.66 23.14 25.58
N THR C 371 13.39 23.01 26.70
CA THR C 371 14.36 24.03 27.06
C THR C 371 15.48 24.08 26.03
N HIS C 372 15.97 22.91 25.59
CA HIS C 372 16.97 22.85 24.53
C HIS C 372 16.50 23.60 23.29
N PHE C 373 15.27 23.33 22.84
CA PHE C 373 14.75 23.96 21.63
C PHE C 373 14.54 25.46 21.82
N THR C 374 13.87 25.86 22.90
CA THR C 374 13.57 27.27 23.12
C THR C 374 14.86 28.07 23.26
N ASN C 375 15.86 27.50 23.94
CA ASN C 375 17.15 28.20 24.10
C ASN C 375 17.83 28.42 22.76
N MET C 376 17.68 27.47 21.83
CA MET C 376 18.38 27.59 20.56
C MET C 376 17.70 28.60 19.65
N PHE C 377 16.37 28.59 19.61
CA PHE C 377 15.65 29.51 18.74
C PHE C 377 15.60 30.93 19.29
N MET C 378 15.68 31.09 20.61
CA MET C 378 15.74 32.44 21.18
C MET C 378 17.10 33.08 20.91
N ARG C 379 18.17 32.29 20.96
CA ARG C 379 19.53 32.86 20.81
C ARG C 379 19.85 33.11 19.35
N ASN C 380 19.34 32.27 18.46
CA ASN C 380 19.66 32.36 17.01
C ASN C 380 18.71 33.29 16.29
N TYR C 381 17.55 33.53 16.86
CA TYR C 381 16.61 34.52 16.28
C TYR C 381 16.22 35.48 17.39
N PRO C 382 17.13 36.34 17.88
CA PRO C 382 16.85 37.18 19.03
C PRO C 382 15.95 38.40 18.82
N ASP C 383 15.63 38.72 17.56
CA ASP C 383 14.85 39.94 17.26
C ASP C 383 13.55 39.52 16.60
N ARG C 384 13.20 38.24 16.68
CA ARG C 384 11.90 37.77 16.16
C ARG C 384 10.84 38.09 17.21
N ILE C 385 9.66 38.48 16.75
CA ILE C 385 8.57 38.82 17.68
C ILE C 385 8.23 37.58 18.52
N THR C 386 8.66 36.39 18.11
CA THR C 386 8.38 35.26 18.97
C THR C 386 9.23 35.34 20.24
N THR C 387 10.49 35.75 20.09
CA THR C 387 11.39 35.81 21.24
C THR C 387 11.02 36.94 22.18
N GLU C 388 10.56 38.06 21.63
CA GLU C 388 10.14 39.17 22.47
C GLU C 388 8.93 38.81 23.31
N ARG C 389 8.02 37.99 22.77
CA ARG C 389 6.83 37.62 23.51
C ARG C 389 7.13 36.59 24.60
N ILE C 390 8.11 35.72 24.38
CA ILE C 390 8.51 34.78 25.43
C ILE C 390 9.12 35.53 26.61
N ILE C 391 9.87 36.59 26.33
CA ILE C 391 10.49 37.34 27.42
C ILE C 391 9.46 38.20 28.14
N LYS C 392 8.61 38.87 27.40
CA LYS C 392 7.68 39.84 28.02
C LYS C 392 6.42 39.22 28.62
N GLU C 393 6.14 37.94 28.37
CA GLU C 393 4.98 37.26 28.99
C GLU C 393 5.47 36.19 29.96
N ASP C 394 6.75 36.20 30.29
CA ASP C 394 7.36 35.16 31.16
C ASP C 394 6.89 33.77 30.75
N ARG C 395 7.27 33.36 29.55
CA ARG C 395 6.89 32.00 29.09
C ARG C 395 8.03 31.05 29.45
N LEU C 396 9.23 31.58 29.65
CA LEU C 396 10.36 30.72 30.00
C LEU C 396 10.20 30.06 31.36
N GLN C 397 9.52 30.71 32.30
CA GLN C 397 9.34 30.11 33.62
C GLN C 397 8.49 28.86 33.53
N LEU C 398 7.69 28.71 32.47
CA LEU C 398 6.85 27.54 32.32
C LEU C 398 7.64 26.27 32.05
N LEU C 399 8.90 26.40 31.60
CA LEU C 399 9.70 25.22 31.30
C LEU C 399 10.08 24.45 32.55
N ASP C 400 10.02 25.09 33.72
CA ASP C 400 10.31 24.43 34.98
C ASP C 400 9.10 23.73 35.58
N ARG C 401 7.96 23.91 34.90
CA ARG C 401 6.69 23.34 35.37
C ARG C 401 6.59 21.84 35.01
N PRO C 402 5.96 20.95 35.82
CA PRO C 402 5.98 19.51 35.51
C PRO C 402 5.10 19.11 34.32
N GLU C 403 4.14 19.94 33.90
CA GLU C 403 3.31 19.56 32.77
C GLU C 403 4.08 19.66 31.46
N LEU C 404 5.08 20.52 31.40
CA LEU C 404 5.96 20.63 30.23
C LEU C 404 7.12 19.64 30.29
N ARG C 405 7.14 18.75 31.30
CA ARG C 405 8.23 17.81 31.49
C ARG C 405 7.74 16.38 31.68
N THR C 406 6.46 16.20 31.39
CA THR C 406 5.83 14.87 31.46
C THR C 406 5.24 14.61 30.09
N GLN C 407 5.84 13.73 29.34
CA GLN C 407 5.27 13.34 28.04
C GLN C 407 4.00 12.55 28.38
N ASN D 45 -49.23 -3.39 2.81
CA ASN D 45 -49.85 -4.00 4.01
C ASN D 45 -49.61 -5.51 4.03
N LEU D 46 -48.37 -5.93 4.34
CA LEU D 46 -48.04 -7.38 4.32
C LEU D 46 -46.89 -7.71 5.30
N GLY D 47 -47.16 -8.46 6.37
CA GLY D 47 -46.05 -8.87 7.25
C GLY D 47 -46.40 -9.14 8.71
N SER D 48 -45.40 -9.51 9.51
CA SER D 48 -45.65 -9.86 10.93
C SER D 48 -45.18 -8.77 11.88
N THR D 49 -46.09 -8.26 12.71
CA THR D 49 -45.72 -7.33 13.78
C THR D 49 -46.13 -8.10 15.03
N MET D 50 -46.35 -7.43 16.14
CA MET D 50 -46.69 -8.10 17.43
C MET D 50 -47.53 -9.41 17.49
N PRO D 51 -47.01 -10.61 17.93
CA PRO D 51 -47.87 -11.78 18.10
C PRO D 51 -49.30 -11.47 18.56
N PRO D 52 -49.62 -10.79 19.71
CA PRO D 52 -51.02 -10.59 20.15
C PRO D 52 -51.66 -9.20 20.03
N TYR D 54 -52.85 -5.76 18.94
CA TYR D 54 -52.79 -5.05 17.63
C TYR D 54 -52.92 -3.53 17.86
N VAL D 55 -52.19 -2.99 18.82
CA VAL D 55 -52.31 -1.56 19.18
C VAL D 55 -51.38 -0.77 18.26
N ALA D 56 -51.66 -0.76 16.97
CA ALA D 56 -50.85 0.03 16.02
C ALA D 56 -51.55 0.21 14.67
N ARG D 57 -51.09 1.16 13.87
CA ARG D 57 -51.64 1.37 12.51
C ARG D 57 -50.43 1.28 11.58
N VAL D 58 -50.09 0.08 11.12
CA VAL D 58 -48.88 -0.15 10.25
C VAL D 58 -48.98 1.06 9.34
N GLY D 59 -47.91 1.85 9.25
CA GLY D 59 -47.95 3.09 8.47
C GLY D 59 -46.53 3.54 8.26
N GLN D 60 -46.05 3.43 7.03
CA GLN D 60 -44.66 3.84 6.71
C GLN D 60 -44.56 5.35 6.71
N LEU D 61 -43.34 5.85 6.69
CA LEU D 61 -43.16 7.30 6.82
C LEU D 61 -42.72 7.89 5.50
N LYS D 62 -42.58 9.20 5.48
CA LYS D 62 -41.93 9.95 4.39
C LYS D 62 -40.43 9.70 4.44
N THR D 63 -39.91 8.96 3.47
CA THR D 63 -38.45 8.77 3.38
C THR D 63 -37.89 10.01 2.68
N PHE D 64 -36.69 10.44 3.07
CA PHE D 64 -36.12 11.69 2.51
C PHE D 64 -34.69 11.43 2.09
N THR D 65 -34.28 12.05 0.99
CA THR D 65 -32.88 11.93 0.55
C THR D 65 -32.14 13.14 1.15
N LEU D 66 -31.16 12.92 2.04
CA LEU D 66 -30.49 14.09 2.58
C LEU D 66 -29.35 14.52 1.65
N PRO D 67 -29.15 15.83 1.47
CA PRO D 67 -27.99 16.30 0.71
C PRO D 67 -26.68 16.18 1.48
N GLU D 68 -25.59 15.94 0.77
CA GLU D 68 -24.28 15.87 1.46
C GLU D 68 -23.62 17.23 1.24
N THR D 69 -24.09 17.94 0.21
CA THR D 69 -23.57 19.30 -0.04
C THR D 69 -24.52 20.28 0.65
N ALA D 70 -24.63 20.17 1.97
CA ALA D 70 -25.52 21.06 2.74
C ALA D 70 -24.93 22.48 2.73
N SER D 73 -29.09 26.41 0.98
CA SER D 73 -29.72 26.57 -0.36
C SER D 73 -31.24 26.67 -0.33
N PRO D 74 -31.92 27.49 -1.19
CA PRO D 74 -33.37 27.42 -1.26
C PRO D 74 -33.87 25.97 -1.30
N SER D 75 -33.12 25.07 -1.95
CA SER D 75 -33.54 23.67 -2.01
C SER D 75 -33.42 23.01 -0.64
N ASP D 76 -32.37 23.34 0.12
CA ASP D 76 -32.20 22.79 1.45
C ASP D 76 -33.24 23.33 2.42
N VAL D 77 -33.61 24.60 2.27
CA VAL D 77 -34.65 25.17 3.11
C VAL D 77 -35.98 24.50 2.85
N GLU D 78 -36.30 24.24 1.58
CA GLU D 78 -37.53 23.55 1.26
C GLU D 78 -37.50 22.11 1.75
N LEU D 79 -36.39 21.40 1.48
CA LEU D 79 -36.25 20.04 1.98
C LEU D 79 -36.30 20.01 3.51
N GLY D 80 -35.61 20.96 4.16
CA GLY D 80 -35.65 21.02 5.60
C GLY D 80 -37.05 21.29 6.13
N LYS D 81 -37.74 22.23 5.51
CA LYS D 81 -39.11 22.55 5.95
C LYS D 81 -39.99 21.33 5.72
N ALA D 82 -39.75 20.61 4.62
CA ALA D 82 -40.55 19.43 4.33
C ALA D 82 -40.27 18.33 5.34
N MET D 83 -39.02 18.24 5.83
CA MET D 83 -38.71 17.24 6.85
C MET D 83 -39.39 17.59 8.17
N ILE D 84 -39.44 18.88 8.50
CA ILE D 84 -40.08 19.32 9.73
C ILE D 84 -41.59 19.11 9.68
N ASN D 85 -42.21 19.27 8.51
CA ASN D 85 -43.65 19.00 8.43
C ASN D 85 -43.94 17.51 8.59
N ALA D 86 -43.05 16.64 8.11
CA ALA D 86 -43.22 15.22 8.39
C ALA D 86 -42.94 14.92 9.86
N TRP D 87 -42.07 15.72 10.47
CA TRP D 87 -41.86 15.60 11.94
C TRP D 87 -43.17 15.82 12.69
N ARG D 88 -43.80 16.98 12.50
CA ARG D 88 -44.98 17.32 13.34
C ARG D 88 -46.23 16.46 13.11
N GLU D 89 -46.28 15.71 12.01
CA GLU D 89 -47.50 14.91 11.68
C GLU D 89 -47.32 13.47 12.12
N ASP D 90 -46.19 12.86 11.78
CA ASP D 90 -45.99 11.41 12.08
C ASP D 90 -45.11 11.22 13.31
N GLY D 91 -44.14 12.11 13.53
CA GLY D 91 -43.18 11.92 14.64
C GLY D 91 -41.90 11.31 14.14
N ILE D 92 -41.94 10.22 13.37
CA ILE D 92 -40.65 9.75 12.75
C ILE D 92 -40.62 10.09 11.27
N LEU D 93 -39.42 10.06 10.70
CA LEU D 93 -39.28 10.22 9.24
C LEU D 93 -38.12 9.30 8.85
N GLN D 94 -38.17 8.73 7.64
CA GLN D 94 -37.12 7.80 7.19
C GLN D 94 -36.09 8.57 6.34
N VAL D 95 -34.81 8.22 6.44
CA VAL D 95 -33.77 8.89 5.59
C VAL D 95 -33.11 7.81 4.73
N SER D 96 -32.79 8.13 3.48
CA SER D 96 -32.18 7.15 2.55
C SER D 96 -30.72 6.94 2.91
N MET D 97 -30.21 5.73 2.68
CA MET D 97 -28.81 5.41 3.02
C MET D 97 -27.99 5.29 1.74
N SER D 98 -26.82 5.90 1.72
CA SER D 98 -25.89 5.75 0.58
C SER D 98 -25.42 4.29 0.57
N PRO D 99 -24.94 3.75 -0.55
CA PRO D 99 -24.39 2.39 -0.57
C PRO D 99 -23.40 2.09 0.56
N ARG D 100 -22.44 2.99 0.80
CA ARG D 100 -21.45 2.83 1.89
C ARG D 100 -22.15 2.71 3.24
N GLN D 101 -23.04 3.66 3.56
CA GLN D 101 -23.83 3.61 4.82
C GLN D 101 -24.55 2.26 4.94
N GLN D 102 -25.12 1.77 3.84
CA GLN D 102 -25.84 0.48 3.84
C GLN D 102 -24.85 -0.66 4.11
N ALA D 103 -23.58 -0.47 3.77
CA ALA D 103 -22.59 -1.56 3.94
C ALA D 103 -22.10 -1.63 5.39
N LEU D 104 -21.96 -0.48 6.05
CA LEU D 104 -21.46 -0.46 7.45
C LEU D 104 -22.52 -1.08 8.35
N PHE D 105 -23.78 -0.94 7.97
CA PHE D 105 -24.88 -1.54 8.74
C PHE D 105 -24.77 -3.05 8.67
N GLU D 106 -24.48 -3.56 7.46
CA GLU D 106 -24.45 -5.02 7.26
C GLU D 106 -23.38 -5.64 8.14
N ASN D 107 -22.19 -5.03 8.15
CA ASN D 107 -21.07 -5.56 8.94
C ASN D 107 -21.41 -5.49 10.43
N ALA D 108 -22.10 -4.44 10.87
CA ALA D 108 -22.39 -4.26 12.30
C ALA D 108 -23.41 -5.29 12.79
N SER D 109 -24.33 -5.66 11.92
CA SER D 109 -25.36 -6.65 12.28
C SER D 109 -24.70 -8.01 12.44
N ALA D 110 -23.63 -8.26 11.69
CA ALA D 110 -22.90 -9.54 11.81
C ALA D 110 -22.11 -9.53 13.13
N ALA D 111 -21.48 -8.40 13.45
CA ALA D 111 -20.75 -8.26 14.73
C ALA D 111 -21.73 -8.41 15.89
N SER D 112 -22.95 -7.90 15.75
CA SER D 112 -23.98 -8.05 16.80
C SER D 112 -24.42 -9.50 16.91
N LYS D 113 -24.70 -10.13 15.78
CA LYS D 113 -25.21 -11.51 15.81
C LYS D 113 -24.13 -12.41 16.43
N ARG D 114 -22.86 -12.09 16.21
CA ARG D 114 -21.74 -12.87 16.83
C ARG D 114 -21.60 -12.55 18.31
N PHE D 115 -21.68 -11.28 18.69
CA PHE D 115 -21.52 -10.88 20.11
C PHE D 115 -22.56 -11.58 20.97
N PHE D 116 -23.82 -11.53 20.55
CA PHE D 116 -24.91 -12.10 21.37
C PHE D 116 -24.84 -13.62 21.31
N ALA D 117 -23.82 -14.16 20.65
CA ALA D 117 -23.66 -15.62 20.50
C ALA D 117 -22.38 -16.06 21.18
N MET D 118 -21.62 -15.15 21.76
CA MET D 118 -20.43 -15.56 22.53
C MET D 118 -20.97 -16.19 23.80
N PRO D 119 -20.27 -17.13 24.46
CA PRO D 119 -20.77 -17.65 25.72
C PRO D 119 -21.28 -16.57 26.70
N PRO D 120 -22.40 -16.72 27.47
CA PRO D 120 -22.91 -15.61 28.30
C PRO D 120 -21.87 -14.94 29.20
N ASN D 121 -21.01 -15.74 29.83
CA ASN D 121 -20.00 -15.23 30.80
C ASN D 121 -18.94 -14.35 30.12
N GLN D 122 -18.84 -14.37 28.80
CA GLN D 122 -17.84 -13.58 28.05
C GLN D 122 -18.39 -12.18 27.83
N LYS D 123 -19.70 -12.09 27.58
CA LYS D 123 -20.35 -10.77 27.37
C LYS D 123 -20.46 -10.11 28.72
N ALA D 124 -20.95 -10.86 29.71
CA ALA D 124 -21.10 -10.34 31.08
C ALA D 124 -19.89 -9.49 31.45
N ALA D 125 -18.70 -9.97 31.13
CA ALA D 125 -17.49 -9.28 31.59
C ALA D 125 -17.13 -8.03 30.79
N CYS D 126 -18.05 -7.50 29.98
CA CYS D 126 -17.73 -6.23 29.29
C CYS D 126 -18.23 -5.00 30.05
N VAL D 127 -17.60 -4.69 31.19
CA VAL D 127 -18.06 -3.55 32.05
C VAL D 127 -16.85 -2.76 32.55
N ASP D 128 -16.79 -1.47 32.24
CA ASP D 128 -15.73 -0.58 32.75
C ASP D 128 -16.34 0.13 33.96
N THR D 129 -15.53 0.70 34.83
CA THR D 129 -16.06 1.35 36.05
C THR D 129 -15.99 2.86 35.86
N GLN D 130 -15.33 3.31 34.81
CA GLN D 130 -15.22 4.75 34.51
C GLN D 130 -15.97 5.09 33.22
N SER D 131 -16.50 4.10 32.51
CA SER D 131 -17.30 4.34 31.28
C SER D 131 -18.59 3.53 31.39
N TYR D 132 -19.71 4.07 30.91
CA TYR D 132 -21.04 3.40 31.06
C TYR D 132 -21.24 2.42 29.92
N ALA D 133 -20.25 2.30 29.03
CA ALA D 133 -20.32 1.38 27.91
C ALA D 133 -20.30 -0.05 28.41
N GLY D 134 -20.94 -0.93 27.65
CA GLY D 134 -20.85 -2.34 27.98
C GLY D 134 -22.21 -3.02 27.94
N TYR D 135 -22.18 -4.22 28.51
CA TYR D 135 -23.33 -5.15 28.41
C TYR D 135 -24.36 -4.96 29.49
N ILE D 136 -25.62 -5.18 29.12
CA ILE D 136 -26.72 -5.14 30.11
C ILE D 136 -27.67 -6.26 29.71
N ALA D 137 -27.62 -7.42 30.37
CA ALA D 137 -28.60 -8.48 30.07
C ALA D 137 -29.59 -8.54 31.22
N SER D 138 -30.40 -9.61 31.26
CA SER D 138 -31.36 -9.84 32.37
C SER D 138 -31.54 -11.34 32.57
N GLU D 151 -31.00 -8.22 26.27
CA GLU D 151 -29.54 -8.12 26.23
C GLU D 151 -29.20 -6.76 25.63
N ILE D 152 -27.99 -6.21 25.83
CA ILE D 152 -27.56 -4.92 25.19
C ILE D 152 -26.06 -4.63 25.21
N PHE D 153 -25.60 -3.67 24.41
CA PHE D 153 -24.19 -3.22 24.42
C PHE D 153 -24.16 -1.72 24.12
N THR D 154 -23.68 -0.89 25.05
CA THR D 154 -23.59 0.57 24.81
C THR D 154 -22.21 0.95 24.32
N VAL D 155 -22.11 2.11 23.66
CA VAL D 155 -20.81 2.59 23.14
C VAL D 155 -20.61 4.05 23.56
N THR D 156 -20.05 4.28 24.75
CA THR D 156 -19.70 5.65 25.18
C THR D 156 -18.38 5.99 24.49
N LYS D 157 -18.09 7.27 24.27
CA LYS D 157 -16.85 7.70 23.57
C LYS D 157 -15.64 6.89 24.05
N ASP D 158 -14.96 6.18 23.13
CA ASP D 158 -13.78 5.34 23.48
C ASP D 158 -12.60 6.23 23.80
N LEU D 159 -12.47 6.59 25.07
CA LEU D 159 -11.35 7.45 25.51
C LEU D 159 -10.42 6.60 26.39
N PRO D 160 -9.12 6.54 26.07
CA PRO D 160 -8.17 5.76 26.84
C PRO D 160 -8.06 6.16 28.34
N LEU D 161 -7.57 5.26 29.19
CA LEU D 161 -7.41 5.62 30.60
C LEU D 161 -6.52 6.85 30.75
N ASP D 162 -5.57 7.05 29.83
CA ASP D 162 -4.63 8.15 29.92
C ASP D 162 -5.12 9.41 29.22
N GLU D 163 -6.38 9.45 28.81
CA GLU D 163 -6.93 10.66 28.20
C GLU D 163 -7.17 11.72 29.28
N PRO D 164 -6.81 12.98 29.02
CA PRO D 164 -6.87 14.01 30.09
C PRO D 164 -8.17 14.05 30.87
N ARG D 165 -9.31 13.84 30.23
CA ARG D 165 -10.57 13.85 30.96
C ARG D 165 -10.78 12.58 31.78
N VAL D 166 -10.10 11.50 31.41
CA VAL D 166 -10.27 10.20 32.11
C VAL D 166 -9.27 10.15 33.28
N GLU D 167 -8.16 10.86 33.15
CA GLU D 167 -7.15 10.88 34.23
C GLU D 167 -7.57 11.91 35.28
N ALA D 168 -8.54 12.77 34.94
CA ALA D 168 -9.07 13.77 35.90
C ALA D 168 -10.34 13.22 36.54
N LYS D 169 -10.60 11.92 36.37
CA LYS D 169 -11.75 11.24 37.00
C LYS D 169 -13.06 11.94 36.70
N TRP D 170 -13.24 12.44 35.48
CA TRP D 170 -14.54 13.06 35.11
C TRP D 170 -15.63 11.97 35.03
N PRO D 171 -16.87 12.14 35.55
CA PRO D 171 -17.89 11.08 35.50
C PRO D 171 -18.25 10.68 34.08
N CYS D 172 -18.45 9.38 33.85
CA CYS D 172 -18.88 8.84 32.54
C CYS D 172 -17.86 8.88 31.42
N HIS D 173 -16.70 9.47 31.68
CA HIS D 173 -15.63 9.59 30.65
C HIS D 173 -14.64 8.44 30.82
N PRO D 175 -12.81 4.36 28.86
CA PRO D 175 -12.68 3.41 27.76
C PRO D 175 -13.75 2.32 27.54
N CYS D 176 -14.12 2.09 26.28
CA CYS D 176 -15.19 1.10 25.94
C CYS D 176 -14.68 -0.34 26.10
N PRO D 177 -15.43 -1.22 26.80
CA PRO D 177 -15.02 -2.61 26.96
C PRO D 177 -15.36 -3.63 25.87
N TRP D 178 -14.82 -3.48 24.64
CA TRP D 178 -15.18 -4.41 23.57
C TRP D 178 -14.60 -5.79 23.91
N PRO D 179 -15.30 -6.88 23.58
CA PRO D 179 -14.68 -8.21 23.78
C PRO D 179 -13.53 -8.52 22.83
N ASP D 180 -13.41 -7.81 21.71
CA ASP D 180 -12.29 -7.99 20.79
C ASP D 180 -12.34 -6.87 19.75
N VAL D 181 -11.26 -6.75 18.98
CA VAL D 181 -11.21 -5.77 17.90
C VAL D 181 -12.14 -6.12 16.75
N ASP D 182 -12.69 -7.34 16.74
CA ASP D 182 -13.63 -7.74 15.72
C ASP D 182 -15.01 -7.10 15.90
N MET D 183 -15.24 -6.43 17.02
CA MET D 183 -16.44 -5.62 17.21
C MET D 183 -16.16 -4.13 17.25
N ARG D 184 -15.01 -3.72 17.79
CA ARG D 184 -14.69 -2.29 17.86
C ARG D 184 -14.65 -1.67 16.47
N THR D 185 -13.89 -2.28 15.56
CA THR D 185 -13.70 -1.70 14.23
C THR D 185 -15.00 -1.55 13.44
N PRO D 186 -15.84 -2.58 13.29
CA PRO D 186 -17.10 -2.36 12.54
C PRO D 186 -18.02 -1.33 13.18
N ILE D 187 -18.14 -1.36 14.50
CA ILE D 187 -19.08 -0.46 15.19
C ILE D 187 -18.61 0.99 15.09
N GLN D 188 -17.32 1.22 15.25
CA GLN D 188 -16.77 2.60 15.15
C GLN D 188 -16.90 3.14 13.72
N GLN D 189 -16.73 2.28 12.72
CA GLN D 189 -16.93 2.71 11.34
C GLN D 189 -18.41 3.00 11.06
N TYR D 190 -19.31 2.30 11.77
CA TYR D 190 -20.73 2.53 11.62
C TYR D 190 -21.15 3.90 12.14
N MET D 191 -20.52 4.36 13.23
CA MET D 191 -20.91 5.61 13.86
C MET D 191 -20.46 6.85 13.08
N ASP D 192 -19.35 6.77 12.34
CA ASP D 192 -18.89 7.94 11.60
C ASP D 192 -19.85 8.30 10.46
N SER D 193 -20.53 7.31 9.89
CA SER D 193 -21.53 7.62 8.87
C SER D 193 -22.79 8.18 9.50
N LEU D 194 -23.25 7.58 10.60
CA LEU D 194 -24.41 8.11 11.30
C LEU D 194 -24.12 9.47 11.94
N GLY D 195 -22.88 9.71 12.36
CA GLY D 195 -22.55 11.01 12.91
C GLY D 195 -22.54 12.11 11.87
N LYS D 196 -21.98 11.82 10.69
CA LYS D 196 -22.00 12.80 9.60
C LYS D 196 -23.42 13.09 9.15
N SER D 197 -24.26 12.06 9.09
CA SER D 197 -25.65 12.25 8.68
C SER D 197 -26.47 12.98 9.74
N GLY D 198 -26.18 12.73 11.02
CA GLY D 198 -26.91 13.40 12.08
C GLY D 198 -26.78 14.92 12.03
N GLU D 199 -25.56 15.42 11.81
CA GLU D 199 -25.37 16.85 11.71
C GLU D 199 -26.04 17.42 10.46
N THR D 200 -26.09 16.66 9.38
CA THR D 200 -26.84 17.10 8.21
C THR D 200 -28.31 17.25 8.58
N LEU D 201 -28.85 16.29 9.32
CA LEU D 201 -30.21 16.40 9.84
C LEU D 201 -30.37 17.66 10.69
N LEU D 202 -29.30 18.02 11.40
CA LEU D 202 -29.36 19.18 12.30
C LEU D 202 -29.41 20.44 11.45
N GLN D 203 -28.66 20.47 10.34
CA GLN D 203 -28.61 21.69 9.49
C GLN D 203 -29.97 21.95 8.84
N MET D 204 -30.68 20.90 8.44
CA MET D 204 -32.01 21.07 7.81
C MET D 204 -33.02 21.57 8.84
N ILE D 205 -32.93 21.10 10.08
CA ILE D 205 -33.82 21.62 11.17
C ILE D 205 -33.48 23.09 11.40
N GLU D 206 -32.20 23.45 11.33
CA GLU D 206 -31.81 24.89 11.45
C GLU D 206 -32.41 25.66 10.28
N TYR D 207 -32.36 25.13 9.06
CA TYR D 207 -32.86 25.93 7.92
C TYR D 207 -34.40 25.95 7.92
N GLY D 208 -35.04 24.86 8.32
CA GLY D 208 -36.51 24.79 8.25
C GLY D 208 -37.20 25.44 9.43
N LEU D 209 -36.47 25.69 10.51
CA LEU D 209 -37.06 26.41 11.67
C LEU D 209 -36.42 27.80 11.68
N SER D 210 -35.64 28.13 10.66
CA SER D 210 -35.01 29.47 10.51
C SER D 210 -34.19 29.82 11.75
N LEU D 211 -33.55 28.83 12.38
CA LEU D 211 -32.68 29.14 13.51
C LEU D 211 -31.43 29.85 13.01
N HIS D 212 -30.81 30.60 13.93
CA HIS D 212 -29.54 31.23 13.60
C HIS D 212 -28.52 30.16 13.26
N PRO D 213 -27.71 30.34 12.22
CA PRO D 213 -26.75 29.31 11.80
C PRO D 213 -25.93 28.78 12.97
N ASP D 214 -25.76 27.44 12.97
CA ASP D 214 -25.00 26.70 13.97
C ASP D 214 -25.66 26.68 15.34
N THR D 215 -26.97 26.95 15.41
CA THR D 215 -27.67 26.87 16.69
C THR D 215 -27.62 25.45 17.26
N LEU D 216 -27.68 24.45 16.40
CA LEU D 216 -27.65 23.04 16.81
C LEU D 216 -26.29 22.39 16.62
N THR D 217 -25.59 22.69 15.53
CA THR D 217 -24.31 22.03 15.29
C THR D 217 -23.21 22.53 16.20
N SER D 218 -23.36 23.72 16.80
CA SER D 218 -22.38 24.21 17.75
C SER D 218 -22.40 23.42 19.04
N LEU D 219 -23.53 22.78 19.36
CA LEU D 219 -23.62 21.94 20.54
C LEU D 219 -22.97 20.59 20.32
N THR D 220 -22.84 20.18 19.06
CA THR D 220 -22.33 18.86 18.71
C THR D 220 -20.84 18.85 18.40
N LYS D 221 -20.14 19.97 18.57
CA LYS D 221 -18.68 19.94 18.51
C LYS D 221 -18.18 19.10 19.66
N ASP D 222 -17.59 17.94 19.35
CA ASP D 222 -17.19 16.97 20.41
C ASP D 222 -18.48 16.53 21.10
N GLY D 223 -19.46 16.09 20.33
CA GLY D 223 -20.73 15.67 20.92
C GLY D 223 -20.55 14.44 21.77
N TRP D 224 -21.21 14.38 22.92
CA TRP D 224 -21.15 13.16 23.73
C TRP D 224 -21.98 12.25 22.84
N HIS D 225 -21.44 11.26 22.14
CA HIS D 225 -22.28 10.53 21.13
C HIS D 225 -22.32 9.07 21.58
N HIS D 226 -23.48 8.41 21.45
CA HIS D 226 -23.58 7.02 21.97
C HIS D 226 -24.39 6.08 21.06
N LEU D 227 -23.92 4.83 20.94
CA LEU D 227 -24.62 3.81 20.13
C LEU D 227 -25.03 2.64 21.02
N ARG D 228 -26.29 2.23 20.94
CA ARG D 228 -26.75 1.03 21.66
C ARG D 228 -26.92 -0.08 20.64
N ILE D 229 -26.37 -1.26 20.93
CA ILE D 229 -26.59 -2.44 20.05
C ILE D 229 -27.71 -3.23 20.70
N LEU D 230 -28.91 -3.15 20.14
CA LEU D 230 -30.10 -3.79 20.74
C LEU D 230 -30.39 -5.19 20.18
N ARG D 231 -30.88 -6.09 21.02
CA ARG D 231 -31.28 -7.45 20.61
C ARG D 231 -32.42 -7.87 21.52
N PHE D 232 -33.55 -8.30 20.95
CA PHE D 232 -34.72 -8.74 21.75
C PHE D 232 -34.90 -10.25 21.59
N PRO D 233 -35.39 -10.98 22.60
CA PRO D 233 -35.65 -12.39 22.45
C PRO D 233 -36.93 -12.58 21.63
N GLN D 234 -37.31 -13.84 21.37
CA GLN D 234 -38.50 -14.08 20.52
C GLN D 234 -39.77 -14.06 21.37
N ASN D 235 -40.93 -14.02 20.72
CA ASN D 235 -42.25 -13.96 21.42
C ASN D 235 -42.29 -14.81 22.70
N ASN D 236 -42.05 -16.11 22.59
CA ASN D 236 -42.10 -17.04 23.76
C ASN D 236 -40.81 -17.86 23.78
N LYS D 237 -39.88 -17.55 22.87
CA LYS D 237 -38.61 -18.31 22.78
C LYS D 237 -37.45 -17.36 23.09
N GLY D 245 -45.98 -1.43 28.23
CA GLY D 245 -44.77 -1.06 28.98
C GLY D 245 -43.87 -2.27 29.21
N ARG D 246 -44.14 -3.34 28.46
CA ARG D 246 -43.40 -4.60 28.69
C ARG D 246 -42.47 -4.85 27.51
N GLY D 247 -41.17 -4.79 27.74
CA GLY D 247 -40.18 -4.95 26.67
C GLY D 247 -39.21 -3.79 26.78
N ILE D 248 -39.48 -2.68 26.08
CA ILE D 248 -38.63 -1.45 26.20
C ILE D 248 -39.53 -0.38 26.82
N GLY D 249 -40.85 -0.59 26.76
CA GLY D 249 -41.78 0.32 27.44
C GLY D 249 -42.05 1.60 26.68
N SER D 250 -43.24 2.16 26.85
CA SER D 250 -43.47 3.47 26.22
C SER D 250 -42.60 4.47 26.97
N HIS D 251 -41.66 5.09 26.27
CA HIS D 251 -40.73 6.05 26.90
C HIS D 251 -40.41 7.14 25.90
N THR D 252 -39.87 8.27 26.35
CA THR D 252 -39.38 9.28 25.40
C THR D 252 -37.86 9.13 25.42
N ASP D 253 -37.20 9.44 24.31
CA ASP D 253 -35.71 9.39 24.30
C ASP D 253 -35.26 10.72 24.90
N TYR D 254 -34.07 10.78 25.44
CA TYR D 254 -33.64 12.00 26.18
C TYR D 254 -32.69 12.86 25.37
N GLY D 255 -32.59 12.61 24.07
CA GLY D 255 -31.55 13.32 23.32
C GLY D 255 -32.02 14.39 22.38
N LEU D 256 -31.11 14.83 21.54
CA LEU D 256 -31.47 15.83 20.53
C LEU D 256 -32.11 15.05 19.39
N LEU D 257 -31.32 14.22 18.71
CA LEU D 257 -31.81 13.50 17.53
C LEU D 257 -31.47 12.03 17.71
N VAL D 258 -32.38 11.15 17.30
CA VAL D 258 -32.18 9.71 17.40
C VAL D 258 -32.38 9.08 16.02
N ILE D 259 -31.31 8.49 15.46
CA ILE D 259 -31.38 7.67 14.22
C ILE D 259 -31.52 6.27 14.80
N ALA D 260 -32.65 5.63 14.61
CA ALA D 260 -32.80 4.25 15.08
C ALA D 260 -32.79 3.37 13.82
N GLN D 262 -33.45 -0.95 12.08
CA GLN D 262 -34.16 -2.21 12.43
C GLN D 262 -33.64 -3.33 11.56
N ASP D 263 -34.01 -4.57 11.86
CA ASP D 263 -33.65 -5.68 10.94
C ASP D 263 -34.96 -5.87 10.16
N GLU D 264 -35.13 -7.05 9.56
CA GLU D 264 -36.41 -7.33 8.86
C GLU D 264 -37.46 -8.00 9.72
N VAL D 265 -37.29 -7.95 11.04
CA VAL D 265 -38.29 -8.56 11.96
C VAL D 265 -39.35 -7.50 12.32
N GLY D 266 -38.98 -6.49 13.13
CA GLY D 266 -39.91 -5.41 13.53
C GLY D 266 -40.66 -5.73 14.81
N GLY D 267 -40.90 -4.71 15.64
CA GLY D 267 -41.60 -4.87 16.93
C GLY D 267 -41.58 -3.55 17.66
N PHE D 269 -42.99 0.49 18.03
CA PHE D 269 -44.17 1.33 17.69
C PHE D 269 -43.90 2.75 18.17
N ARG D 271 -45.70 6.53 19.18
CA ARG D 271 -46.99 7.25 19.41
C ARG D 271 -46.95 8.56 18.59
N PRO D 272 -47.80 8.82 17.55
CA PRO D 272 -47.64 10.02 16.75
C PRO D 272 -47.91 11.38 17.46
N PRO D 273 -47.47 12.58 16.98
CA PRO D 273 -47.75 13.81 17.68
C PRO D 273 -49.21 14.27 17.49
N ALA D 274 -49.90 14.55 18.60
CA ALA D 274 -51.30 15.04 18.58
C ALA D 274 -51.60 15.61 19.96
N ARG D 295 -53.35 5.72 21.01
CA ARG D 295 -53.27 5.31 19.58
C ARG D 295 -51.84 5.45 19.07
N TRP D 296 -51.08 4.35 19.05
CA TRP D 296 -49.69 4.36 18.54
C TRP D 296 -49.77 3.96 17.08
N VAL D 297 -48.67 4.08 16.34
CA VAL D 297 -48.63 3.60 14.93
C VAL D 297 -47.46 2.62 14.81
N PRO D 300 -42.84 0.37 10.18
CA PRO D 300 -42.66 -1.03 9.83
C PRO D 300 -41.26 -1.29 9.23
N PRO D 301 -40.66 -2.53 9.20
CA PRO D 301 -39.31 -2.68 8.65
C PRO D 301 -39.20 -2.19 7.20
N VAL D 302 -38.53 -1.05 7.01
CA VAL D 302 -38.33 -0.50 5.64
C VAL D 302 -36.86 -0.68 5.26
N PRO D 303 -36.47 -1.46 4.20
CA PRO D 303 -35.04 -1.68 3.97
C PRO D 303 -34.33 -0.55 3.23
N GLY D 304 -33.05 -0.32 3.54
CA GLY D 304 -32.33 0.77 2.92
C GLY D 304 -32.54 2.13 3.58
N VAL D 305 -33.35 2.20 4.63
CA VAL D 305 -33.64 3.54 5.24
C VAL D 305 -33.40 3.45 6.75
N PHE D 309 -36.13 10.35 14.87
CA PHE D 309 -37.10 11.08 15.72
C PHE D 309 -36.35 11.93 16.75
N PRO D 310 -36.95 13.05 17.22
CA PRO D 310 -36.33 13.88 18.25
C PRO D 310 -36.62 13.41 19.67
N GLY D 311 -35.89 13.96 20.66
CA GLY D 311 -36.02 13.50 22.04
C GLY D 311 -36.42 14.61 22.99
N ASP D 312 -36.16 14.42 24.28
CA ASP D 312 -36.65 15.38 25.25
C ASP D 312 -35.89 16.71 25.16
N ILE D 313 -34.60 16.66 24.84
CA ILE D 313 -33.79 17.88 24.78
C ILE D 313 -34.21 18.75 23.60
N MET D 314 -34.58 18.11 22.48
CA MET D 314 -35.01 18.87 21.29
C MET D 314 -36.25 19.68 21.64
N GLN D 315 -37.23 19.04 22.27
CA GLN D 315 -38.47 19.72 22.64
C GLN D 315 -38.21 20.88 23.59
N PHE D 316 -37.15 20.77 24.41
CA PHE D 316 -36.81 21.86 25.32
C PHE D 316 -36.43 23.11 24.55
N MET D 317 -35.74 22.95 23.42
CA MET D 317 -35.33 24.10 22.62
C MET D 317 -36.47 24.65 21.76
N THR D 318 -37.51 23.86 21.50
CA THR D 318 -38.50 24.22 20.49
C THR D 318 -39.92 24.39 21.04
N ASN D 319 -40.10 24.38 22.36
CA ASN D 319 -41.45 24.42 22.96
C ASN D 319 -42.35 23.38 22.31
N SER D 320 -41.82 22.17 22.14
CA SER D 320 -42.51 21.03 21.54
C SER D 320 -43.01 21.32 20.12
N TYR D 321 -42.43 22.32 19.44
CA TYR D 321 -42.71 22.47 18.01
C TYR D 321 -42.13 21.31 17.24
N LEU D 322 -40.91 20.89 17.60
CA LEU D 322 -40.36 19.58 17.26
C LEU D 322 -40.63 18.62 18.41
N PRO D 323 -41.16 17.43 18.14
CA PRO D 323 -41.67 16.57 19.22
C PRO D 323 -40.58 15.76 19.90
N SER D 324 -41.01 15.01 20.93
CA SER D 324 -40.14 14.02 21.62
C SER D 324 -40.99 12.75 21.57
N THR D 325 -40.98 12.03 20.44
CA THR D 325 -41.94 10.91 20.19
C THR D 325 -41.83 9.67 21.08
N PRO D 326 -42.89 9.29 21.86
CA PRO D 326 -42.87 8.07 22.65
C PRO D 326 -42.75 6.77 21.86
N HIS D 327 -42.21 5.74 22.50
CA HIS D 327 -41.95 4.44 21.83
C HIS D 327 -42.94 3.47 22.45
N LYS D 328 -42.75 2.17 22.23
CA LYS D 328 -43.63 1.18 22.89
C LYS D 328 -42.97 -0.15 23.17
N VAL D 329 -43.75 -1.22 23.43
CA VAL D 329 -43.26 -2.58 23.79
C VAL D 329 -42.58 -3.34 22.63
N GLY D 330 -41.92 -4.45 22.94
CA GLY D 330 -41.18 -5.14 21.86
C GLY D 330 -41.08 -6.66 21.92
N LEU D 331 -41.59 -7.39 20.91
CA LEU D 331 -41.44 -8.88 20.79
C LEU D 331 -42.05 -9.27 19.44
N ASN D 332 -41.43 -10.17 18.69
CA ASN D 332 -41.99 -10.67 17.41
C ASN D 332 -41.74 -12.18 17.35
N THR D 333 -42.21 -12.84 16.31
CA THR D 333 -42.06 -14.30 16.20
C THR D 333 -40.57 -14.70 16.13
N ARG D 334 -39.67 -13.76 15.81
CA ARG D 334 -38.24 -14.11 15.60
C ARG D 334 -37.33 -13.29 16.53
N GLU D 335 -36.09 -13.73 16.73
CA GLU D 335 -35.10 -12.97 17.55
C GLU D 335 -34.78 -11.69 16.79
N ARG D 336 -34.90 -10.55 17.46
CA ARG D 336 -34.72 -9.27 16.72
C ARG D 336 -33.35 -8.67 17.00
N PHE D 337 -32.90 -7.77 16.13
CA PHE D 337 -31.59 -7.09 16.28
C PHE D 337 -31.79 -5.66 15.83
N ALA D 338 -31.28 -4.67 16.56
CA ALA D 338 -31.56 -3.28 16.24
C ALA D 338 -30.42 -2.39 16.74
N PHE D 339 -30.43 -1.15 16.25
CA PHE D 339 -29.46 -0.12 16.63
C PHE D 339 -30.19 1.13 17.10
N ALA D 340 -29.60 1.86 18.05
CA ALA D 340 -30.14 3.17 18.49
C ALA D 340 -28.99 4.16 18.59
N TYR D 341 -28.73 4.92 17.53
CA TYR D 341 -27.69 5.98 17.61
C TYR D 341 -28.37 7.26 18.04
N PHE D 342 -27.79 7.94 19.02
CA PHE D 342 -28.39 9.16 19.58
C PHE D 342 -27.46 10.33 19.24
N HIS D 343 -27.66 11.01 18.12
CA HIS D 343 -26.83 12.20 17.84
C HIS D 343 -27.09 13.25 18.94
N GLU D 344 -26.13 13.46 19.86
CA GLU D 344 -26.41 14.34 21.02
C GLU D 344 -25.32 15.42 21.20
N PRO D 345 -25.56 16.48 22.01
CA PRO D 345 -24.55 17.50 22.31
C PRO D 345 -23.34 17.11 23.18
N SER D 346 -22.35 17.99 23.30
CA SER D 346 -21.12 17.72 24.10
C SER D 346 -21.42 17.52 25.58
N PHE D 347 -20.55 16.81 26.30
CA PHE D 347 -20.72 16.60 27.75
C PHE D 347 -20.51 17.93 28.47
N GLN D 348 -19.90 18.90 27.79
CA GLN D 348 -19.60 20.21 28.41
C GLN D 348 -20.57 21.26 27.87
N ALA D 349 -21.62 20.86 27.16
CA ALA D 349 -22.49 21.85 26.53
C ALA D 349 -23.65 22.20 27.46
N VAL D 350 -23.95 23.49 27.54
CA VAL D 350 -25.08 24.00 28.31
C VAL D 350 -26.11 24.52 27.30
N VAL D 351 -27.11 23.70 26.99
CA VAL D 351 -28.07 24.02 25.94
C VAL D 351 -29.14 24.95 26.48
N SER D 352 -29.40 26.05 25.75
CA SER D 352 -30.43 27.03 26.06
C SER D 352 -31.56 26.95 25.04
N PRO D 353 -32.78 27.36 25.40
CA PRO D 353 -33.91 27.29 24.46
C PRO D 353 -33.91 28.44 23.45
N VAL D 354 -34.59 28.19 22.34
CA VAL D 354 -34.78 29.18 21.30
C VAL D 354 -35.95 30.10 21.66
N ALA D 355 -35.65 31.38 21.88
CA ALA D 355 -36.67 32.34 22.29
C ALA D 355 -37.76 32.48 21.24
N LYS D 356 -37.39 32.39 19.96
CA LYS D 356 -38.34 32.56 18.87
C LYS D 356 -39.52 31.60 18.99
N LEU D 357 -39.28 30.41 19.52
CA LEU D 357 -40.28 29.38 19.59
C LEU D 357 -40.95 29.29 20.96
N TYR D 358 -40.55 30.14 21.91
CA TYR D 358 -41.16 30.18 23.22
C TYR D 358 -41.96 31.46 23.48
N GLN D 361 -40.21 35.42 27.25
CA GLN D 361 -40.42 34.38 26.22
C GLN D 361 -39.72 33.06 26.64
N PRO D 362 -38.38 32.95 26.74
CA PRO D 362 -37.76 31.71 27.20
C PRO D 362 -37.87 31.52 28.71
N PRO D 363 -37.90 30.27 29.22
CA PRO D 363 -37.91 30.05 30.67
C PRO D 363 -36.61 30.32 31.43
N VAL D 364 -35.51 30.72 30.76
CA VAL D 364 -34.17 31.02 31.36
C VAL D 364 -33.87 29.78 32.18
N GLU D 365 -34.25 28.62 31.66
CA GLU D 365 -33.76 27.32 32.12
C GLU D 365 -32.77 26.86 31.05
N LYS D 366 -31.73 26.17 31.46
CA LYS D 366 -30.70 25.72 30.50
C LYS D 366 -30.36 24.29 30.87
N ILE D 367 -29.95 23.48 29.91
CA ILE D 367 -29.71 22.04 30.20
C ILE D 367 -28.23 21.74 30.01
N HIS D 368 -27.49 21.59 31.11
CA HIS D 368 -26.10 21.12 30.96
C HIS D 368 -26.18 19.67 30.49
N TYR D 369 -25.61 19.36 29.34
CA TYR D 369 -25.78 18.02 28.76
C TYR D 369 -25.05 16.96 29.57
N GLY D 370 -23.85 17.25 30.05
CA GLY D 370 -23.13 16.28 30.85
C GLY D 370 -23.90 15.87 32.10
N THR D 371 -24.41 16.87 32.82
CA THR D 371 -25.22 16.60 34.00
C THR D 371 -26.52 15.90 33.63
N HIS D 372 -27.23 16.34 32.59
CA HIS D 372 -28.44 15.61 32.14
C HIS D 372 -28.13 14.13 31.94
N PHE D 373 -27.18 13.82 31.07
CA PHE D 373 -26.85 12.40 30.75
C PHE D 373 -26.47 11.63 32.00
N THR D 374 -25.56 12.18 32.82
CA THR D 374 -25.03 11.43 33.98
C THR D 374 -26.16 11.15 34.97
N ASN D 375 -27.01 12.16 35.21
CA ASN D 375 -28.15 11.97 36.14
C ASN D 375 -29.06 10.89 35.58
N MET D 376 -29.51 11.02 34.35
CA MET D 376 -30.47 10.03 33.82
C MET D 376 -29.81 8.65 33.71
N PHE D 377 -28.50 8.58 33.52
CA PHE D 377 -27.86 7.25 33.34
C PHE D 377 -27.61 6.64 34.71
N MET D 378 -27.30 7.47 35.71
CA MET D 378 -27.16 6.94 37.06
C MET D 378 -28.49 6.39 37.58
N ARG D 379 -29.59 7.03 37.18
CA ARG D 379 -30.93 6.62 37.67
C ARG D 379 -31.39 5.34 36.96
N ASN D 380 -31.10 5.22 35.67
CA ASN D 380 -31.61 4.08 34.91
C ASN D 380 -30.71 2.85 34.96
N TYR D 381 -29.42 3.05 35.26
CA TYR D 381 -28.47 1.91 35.43
C TYR D 381 -27.81 2.08 36.80
N PRO D 382 -28.49 1.88 37.95
CA PRO D 382 -27.89 2.20 39.24
C PRO D 382 -27.01 1.12 39.93
N ASP D 383 -27.07 -0.13 39.46
CA ASP D 383 -26.35 -1.24 40.13
C ASP D 383 -25.10 -1.59 39.30
N ARG D 384 -24.57 -0.61 38.57
CA ARG D 384 -23.39 -0.82 37.70
C ARG D 384 -22.17 -0.19 38.36
N ILE D 385 -21.01 -0.84 38.32
CA ILE D 385 -19.82 -0.31 39.05
C ILE D 385 -19.49 1.08 38.51
N THR D 386 -19.96 1.42 37.32
CA THR D 386 -19.73 2.81 36.85
C THR D 386 -20.38 3.77 37.83
N THR D 387 -21.58 3.44 38.32
CA THR D 387 -22.28 4.36 39.20
C THR D 387 -21.63 4.40 40.58
N GLU D 388 -21.13 3.25 41.06
CA GLU D 388 -20.46 3.21 42.35
C GLU D 388 -19.20 4.06 42.37
N ARG D 389 -18.49 4.14 41.23
CA ARG D 389 -17.25 4.90 41.19
C ARG D 389 -17.53 6.39 41.23
N ILE D 390 -18.64 6.83 40.64
CA ILE D 390 -19.04 8.23 40.74
C ILE D 390 -19.38 8.59 42.18
N ILE D 391 -19.80 7.60 42.98
CA ILE D 391 -20.16 7.86 44.41
C ILE D 391 -18.92 7.91 45.32
N LYS D 392 -18.14 6.83 45.45
CA LYS D 392 -17.00 6.74 46.41
C LYS D 392 -15.76 7.51 45.94
N GLU D 393 -15.87 8.21 44.81
CA GLU D 393 -14.77 9.06 44.30
C GLU D 393 -15.33 10.45 44.03
N ASP D 394 -16.54 10.74 44.51
CA ASP D 394 -17.16 12.08 44.39
C ASP D 394 -17.07 12.83 43.06
N ARG D 395 -17.29 12.13 41.96
CA ARG D 395 -17.22 12.75 40.62
C ARG D 395 -18.38 13.67 40.26
N LEU D 396 -19.45 13.62 41.06
CA LEU D 396 -20.64 14.46 40.78
C LEU D 396 -20.26 15.89 41.10
N GLN D 397 -19.21 16.04 41.90
CA GLN D 397 -18.73 17.39 42.30
C GLN D 397 -18.14 18.10 41.07
N LEU D 398 -17.53 17.31 40.20
CA LEU D 398 -16.85 17.90 39.02
C LEU D 398 -17.89 18.42 38.03
N LEU D 399 -19.14 17.93 38.04
CA LEU D 399 -20.07 18.47 37.05
C LEU D 399 -20.40 19.93 37.33
N ASP D 400 -20.16 20.41 38.55
CA ASP D 400 -20.39 21.79 38.92
C ASP D 400 -19.20 22.69 38.61
N ARG D 401 -18.09 22.11 38.15
CA ARG D 401 -16.87 22.87 37.84
C ARG D 401 -16.96 23.45 36.44
N PRO D 402 -16.35 24.65 36.14
CA PRO D 402 -16.54 25.29 34.83
C PRO D 402 -15.84 24.61 33.65
N GLU D 403 -14.91 23.69 33.92
CA GLU D 403 -14.17 23.01 32.83
C GLU D 403 -15.07 21.94 32.25
N LEU D 404 -15.97 21.35 33.05
CA LEU D 404 -16.90 20.36 32.45
C LEU D 404 -18.15 21.06 31.96
N ARG D 405 -18.12 22.40 31.95
CA ARG D 405 -19.30 23.21 31.59
C ARG D 405 -18.85 24.25 30.56
N THR D 406 -17.59 24.18 30.14
CA THR D 406 -17.10 25.09 29.05
C THR D 406 -16.84 24.25 27.80
N GLN D 407 -17.14 24.81 26.61
CA GLN D 407 -16.94 24.10 25.32
C GLN D 407 -17.93 22.94 25.22
#